data_7GAC
# 
_entry.id   7GAC 
# 
_audit_conform.dict_name       mmcif_pdbx.dic 
_audit_conform.dict_version    5.396 
_audit_conform.dict_location   http://mmcif.pdb.org/dictionaries/ascii/mmcif_pdbx.dic 
# 
loop_
_database_2.database_id 
_database_2.database_code 
_database_2.pdbx_database_accession 
_database_2.pdbx_DOI 
PDB   7GAC         pdb_00007gac 10.2210/pdb7gac/pdb 
WWPDB D_1001405933 ?            ?                   
# 
_pdbx_audit_revision_history.ordinal             1 
_pdbx_audit_revision_history.data_content_type   'Structure model' 
_pdbx_audit_revision_history.major_revision      1 
_pdbx_audit_revision_history.minor_revision      0 
_pdbx_audit_revision_history.revision_date       2024-09-04 
# 
_pdbx_audit_revision_details.ordinal             1 
_pdbx_audit_revision_details.revision_ordinal    1 
_pdbx_audit_revision_details.data_content_type   'Structure model' 
_pdbx_audit_revision_details.provider            repository 
_pdbx_audit_revision_details.type                'Initial release' 
_pdbx_audit_revision_details.description         ? 
_pdbx_audit_revision_details.details             ? 
# 
_pdbx_database_status.entry_id                        7GAC 
_pdbx_database_status.status_code                     REL 
_pdbx_database_status.status_code_sf                  REL 
_pdbx_database_status.status_code_mr                  ? 
_pdbx_database_status.status_code_cs                  ? 
_pdbx_database_status.recvd_initial_deposition_date   2023-08-10 
_pdbx_database_status.status_code_nmr_data            ? 
_pdbx_database_status.deposit_site                    RCSB 
_pdbx_database_status.process_site                    RCSB 
_pdbx_database_status.SG_entry                        ? 
_pdbx_database_status.pdb_format_compatible           Y 
_pdbx_database_status.methods_development_category    ? 
# 
_pdbx_contact_author.id                 1 
_pdbx_contact_author.email              knapp@pharmchem.uni-frankfurt.de 
_pdbx_contact_author.name_first         Stefan 
_pdbx_contact_author.name_last          Knapp 
_pdbx_contact_author.role               'principal investigator/group leader' 
_pdbx_contact_author.identifier_ORCID   0000-0001-5995-6494 
_pdbx_contact_author.name_mi            ? 
# 
loop_
_audit_author.name 
_audit_author.pdbx_ordinal 
_audit_author.identifier_ORCID 
'Kumar, A.'                            1 ? 
'Marples, P.G.'                        2 ? 
'Tomlinson, C.W.E.'                    3 ? 
'Fearon, D.'                           4 ? 
'von-Delft, F.'                        5 ? 
'Knapp, S.'                            6 ? 
'Structural Genomics Consortium (SGC)' 7 ? 
# 
_citation.id                        primary 
_citation.title                     'PanDDA analysis group deposition' 
_citation.journal_abbrev            'To Be Published' 
_citation.journal_volume            ? 
_citation.page_first                ? 
_citation.page_last                 ? 
_citation.year                      ? 
_citation.journal_id_ASTM           ? 
_citation.country                   ? 
_citation.journal_id_ISSN           ? 
_citation.journal_id_CSD            0353 
_citation.book_publisher            ? 
_citation.pdbx_database_id_PubMed   ? 
_citation.pdbx_database_id_DOI      ? 
# 
loop_
_citation_author.citation_id 
_citation_author.name 
_citation_author.identifier_ORCID 
_citation_author.ordinal 
primary 'Kumar, A.'                            ? 1 
primary 'Knapp, S.'                            ? 2 
primary 'Structural Genomics Consortium (SGC)' ? 3 
# 
loop_
_entity.id 
_entity.type 
_entity.src_method 
_entity.pdbx_description 
_entity.formula_weight 
_entity.pdbx_number_of_molecules 
_entity.pdbx_ec 
_entity.pdbx_mutation 
_entity.pdbx_fragment 
_entity.details 
1 polymer     man 'Microtubule-associated proteins 1A/1B light chain 3B' 14237.361 1  ? TruncationafterGly120 ? ? 
2 non-polymer syn 'N-[(3S)-piperidin-3-yl]benzamide'                     204.268   1  ? ?                     ? ? 
3 non-polymer syn 1,2-ETHANEDIOL                                         62.068    9  ? ?                     ? ? 
4 non-polymer syn 'CHLORIDE ION'                                         35.453    1  ? ?                     ? ? 
5 water       nat water                                                  18.015    90 ? ?                     ? ? 
# 
_entity_name_com.entity_id   1 
_entity_name_com.name        
;Autophagy-related protein LC3 B,Autophagy-related ubiquitin-like modifier LC3 B,MAP1 light chain 3-like protein 2,MAP1A/MAP1B light chain 3 B,MAP1A/MAP1B LC3 B,Microtubule-associated protein 1 light chain 3 beta
;
# 
_entity_poly.entity_id                      1 
_entity_poly.type                           'polypeptide(L)' 
_entity_poly.nstd_linkage                   no 
_entity_poly.nstd_monomer                   no 
_entity_poly.pdbx_seq_one_letter_code       
;SMPSEKTFKQRRTFEQRVEDVRLIREQHPTKIPVIIERYKGEKQLPVLDKTKFLVPDHVNMSELIKIIRRRLQLNANQAF
FLLVNGHSMVSVSTPISEVYESEKDEDGFLYMVYASQETFG
;
_entity_poly.pdbx_seq_one_letter_code_can   
;SMPSEKTFKQRRTFEQRVEDVRLIREQHPTKIPVIIERYKGEKQLPVLDKTKFLVPDHVNMSELIKIIRRRLQLNANQAF
FLLVNGHSMVSVSTPISEVYESEKDEDGFLYMVYASQETFG
;
_entity_poly.pdbx_strand_id                 A 
_entity_poly.pdbx_target_identifier         ? 
# 
loop_
_pdbx_entity_nonpoly.entity_id 
_pdbx_entity_nonpoly.name 
_pdbx_entity_nonpoly.comp_id 
2 'N-[(3S)-piperidin-3-yl]benzamide' KF8 
3 1,2-ETHANEDIOL                     EDO 
4 'CHLORIDE ION'                     CL  
5 water                              HOH 
# 
loop_
_entity_poly_seq.entity_id 
_entity_poly_seq.num 
_entity_poly_seq.mon_id 
_entity_poly_seq.hetero 
1 1   SER n 
1 2   MET n 
1 3   PRO n 
1 4   SER n 
1 5   GLU n 
1 6   LYS n 
1 7   THR n 
1 8   PHE n 
1 9   LYS n 
1 10  GLN n 
1 11  ARG n 
1 12  ARG n 
1 13  THR n 
1 14  PHE n 
1 15  GLU n 
1 16  GLN n 
1 17  ARG n 
1 18  VAL n 
1 19  GLU n 
1 20  ASP n 
1 21  VAL n 
1 22  ARG n 
1 23  LEU n 
1 24  ILE n 
1 25  ARG n 
1 26  GLU n 
1 27  GLN n 
1 28  HIS n 
1 29  PRO n 
1 30  THR n 
1 31  LYS n 
1 32  ILE n 
1 33  PRO n 
1 34  VAL n 
1 35  ILE n 
1 36  ILE n 
1 37  GLU n 
1 38  ARG n 
1 39  TYR n 
1 40  LYS n 
1 41  GLY n 
1 42  GLU n 
1 43  LYS n 
1 44  GLN n 
1 45  LEU n 
1 46  PRO n 
1 47  VAL n 
1 48  LEU n 
1 49  ASP n 
1 50  LYS n 
1 51  THR n 
1 52  LYS n 
1 53  PHE n 
1 54  LEU n 
1 55  VAL n 
1 56  PRO n 
1 57  ASP n 
1 58  HIS n 
1 59  VAL n 
1 60  ASN n 
1 61  MET n 
1 62  SER n 
1 63  GLU n 
1 64  LEU n 
1 65  ILE n 
1 66  LYS n 
1 67  ILE n 
1 68  ILE n 
1 69  ARG n 
1 70  ARG n 
1 71  ARG n 
1 72  LEU n 
1 73  GLN n 
1 74  LEU n 
1 75  ASN n 
1 76  ALA n 
1 77  ASN n 
1 78  GLN n 
1 79  ALA n 
1 80  PHE n 
1 81  PHE n 
1 82  LEU n 
1 83  LEU n 
1 84  VAL n 
1 85  ASN n 
1 86  GLY n 
1 87  HIS n 
1 88  SER n 
1 89  MET n 
1 90  VAL n 
1 91  SER n 
1 92  VAL n 
1 93  SER n 
1 94  THR n 
1 95  PRO n 
1 96  ILE n 
1 97  SER n 
1 98  GLU n 
1 99  VAL n 
1 100 TYR n 
1 101 GLU n 
1 102 SER n 
1 103 GLU n 
1 104 LYS n 
1 105 ASP n 
1 106 GLU n 
1 107 ASP n 
1 108 GLY n 
1 109 PHE n 
1 110 LEU n 
1 111 TYR n 
1 112 MET n 
1 113 VAL n 
1 114 TYR n 
1 115 ALA n 
1 116 SER n 
1 117 GLN n 
1 118 GLU n 
1 119 THR n 
1 120 PHE n 
1 121 GLY n 
# 
_entity_src_gen.entity_id                          1 
_entity_src_gen.pdbx_src_id                        1 
_entity_src_gen.pdbx_alt_source_flag               sample 
_entity_src_gen.pdbx_seq_type                      'Biological sequence' 
_entity_src_gen.pdbx_beg_seq_num                   1 
_entity_src_gen.pdbx_end_seq_num                   121 
_entity_src_gen.gene_src_common_name               human 
_entity_src_gen.gene_src_genus                     ? 
_entity_src_gen.pdbx_gene_src_gene                 'MAP1LC3B, MAP1ALC3' 
_entity_src_gen.gene_src_species                   ? 
_entity_src_gen.gene_src_strain                    ? 
_entity_src_gen.gene_src_tissue                    ? 
_entity_src_gen.gene_src_tissue_fraction           ? 
_entity_src_gen.gene_src_details                   ? 
_entity_src_gen.pdbx_gene_src_fragment             ? 
_entity_src_gen.pdbx_gene_src_scientific_name      'Homo sapiens' 
_entity_src_gen.pdbx_gene_src_ncbi_taxonomy_id     9606 
_entity_src_gen.pdbx_gene_src_variant              ? 
_entity_src_gen.pdbx_gene_src_cell_line            ? 
_entity_src_gen.pdbx_gene_src_atcc                 ? 
_entity_src_gen.pdbx_gene_src_organ                ? 
_entity_src_gen.pdbx_gene_src_organelle            ? 
_entity_src_gen.pdbx_gene_src_cell                 ? 
_entity_src_gen.pdbx_gene_src_cellular_location    ? 
_entity_src_gen.host_org_common_name               ? 
_entity_src_gen.pdbx_host_org_scientific_name      'Escherichia coli' 
_entity_src_gen.pdbx_host_org_ncbi_taxonomy_id     562 
_entity_src_gen.host_org_genus                     ? 
_entity_src_gen.pdbx_host_org_gene                 ? 
_entity_src_gen.pdbx_host_org_organ                ? 
_entity_src_gen.host_org_species                   ? 
_entity_src_gen.pdbx_host_org_tissue               ? 
_entity_src_gen.pdbx_host_org_tissue_fraction      ? 
_entity_src_gen.pdbx_host_org_strain               ? 
_entity_src_gen.pdbx_host_org_variant              ? 
_entity_src_gen.pdbx_host_org_cell_line            ? 
_entity_src_gen.pdbx_host_org_atcc                 ? 
_entity_src_gen.pdbx_host_org_culture_collection   ? 
_entity_src_gen.pdbx_host_org_cell                 ? 
_entity_src_gen.pdbx_host_org_organelle            ? 
_entity_src_gen.pdbx_host_org_cellular_location    ? 
_entity_src_gen.pdbx_host_org_vector_type          ? 
_entity_src_gen.pdbx_host_org_vector               ? 
_entity_src_gen.host_org_details                   ? 
_entity_src_gen.expression_system_id               ? 
_entity_src_gen.plasmid_name                       ? 
_entity_src_gen.plasmid_details                    ? 
_entity_src_gen.pdbx_description                   ? 
# 
loop_
_chem_comp.id 
_chem_comp.type 
_chem_comp.mon_nstd_flag 
_chem_comp.name 
_chem_comp.pdbx_synonyms 
_chem_comp.formula 
_chem_comp.formula_weight 
ALA 'L-peptide linking' y ALANINE                            ?                 'C3 H7 N O2'     89.093  
ARG 'L-peptide linking' y ARGININE                           ?                 'C6 H15 N4 O2 1' 175.209 
ASN 'L-peptide linking' y ASPARAGINE                         ?                 'C4 H8 N2 O3'    132.118 
ASP 'L-peptide linking' y 'ASPARTIC ACID'                    ?                 'C4 H7 N O4'     133.103 
CL  non-polymer         . 'CHLORIDE ION'                     ?                 'Cl -1'          35.453  
EDO non-polymer         . 1,2-ETHANEDIOL                     'ETHYLENE GLYCOL' 'C2 H6 O2'       62.068  
GLN 'L-peptide linking' y GLUTAMINE                          ?                 'C5 H10 N2 O3'   146.144 
GLU 'L-peptide linking' y 'GLUTAMIC ACID'                    ?                 'C5 H9 N O4'     147.129 
GLY 'peptide linking'   y GLYCINE                            ?                 'C2 H5 N O2'     75.067  
HIS 'L-peptide linking' y HISTIDINE                          ?                 'C6 H10 N3 O2 1' 156.162 
HOH non-polymer         . WATER                              ?                 'H2 O'           18.015  
ILE 'L-peptide linking' y ISOLEUCINE                         ?                 'C6 H13 N O2'    131.173 
KF8 non-polymer         . 'N-[(3S)-piperidin-3-yl]benzamide' ?                 'C12 H16 N2 O'   204.268 
LEU 'L-peptide linking' y LEUCINE                            ?                 'C6 H13 N O2'    131.173 
LYS 'L-peptide linking' y LYSINE                             ?                 'C6 H15 N2 O2 1' 147.195 
MET 'L-peptide linking' y METHIONINE                         ?                 'C5 H11 N O2 S'  149.211 
PHE 'L-peptide linking' y PHENYLALANINE                      ?                 'C9 H11 N O2'    165.189 
PRO 'L-peptide linking' y PROLINE                            ?                 'C5 H9 N O2'     115.130 
SER 'L-peptide linking' y SERINE                             ?                 'C3 H7 N O3'     105.093 
THR 'L-peptide linking' y THREONINE                          ?                 'C4 H9 N O3'     119.119 
TYR 'L-peptide linking' y TYROSINE                           ?                 'C9 H11 N O3'    181.189 
VAL 'L-peptide linking' y VALINE                             ?                 'C5 H11 N O2'    117.146 
# 
loop_
_pdbx_poly_seq_scheme.asym_id 
_pdbx_poly_seq_scheme.entity_id 
_pdbx_poly_seq_scheme.seq_id 
_pdbx_poly_seq_scheme.mon_id 
_pdbx_poly_seq_scheme.ndb_seq_num 
_pdbx_poly_seq_scheme.pdb_seq_num 
_pdbx_poly_seq_scheme.auth_seq_num 
_pdbx_poly_seq_scheme.pdb_mon_id 
_pdbx_poly_seq_scheme.auth_mon_id 
_pdbx_poly_seq_scheme.pdb_strand_id 
_pdbx_poly_seq_scheme.pdb_ins_code 
_pdbx_poly_seq_scheme.hetero 
A 1 1   SER 1   0   ?   ?   ?   A . n 
A 1 2   MET 2   1   ?   ?   ?   A . n 
A 1 3   PRO 3   2   ?   ?   ?   A . n 
A 1 4   SER 4   3   ?   ?   ?   A . n 
A 1 5   GLU 5   4   ?   ?   ?   A . n 
A 1 6   LYS 6   5   5   LYS LYS A . n 
A 1 7   THR 7   6   6   THR THR A . n 
A 1 8   PHE 8   7   7   PHE PHE A . n 
A 1 9   LYS 9   8   8   LYS LYS A . n 
A 1 10  GLN 10  9   9   GLN GLN A . n 
A 1 11  ARG 11  10  10  ARG ARG A . n 
A 1 12  ARG 12  11  11  ARG ARG A . n 
A 1 13  THR 13  12  12  THR THR A . n 
A 1 14  PHE 14  13  13  PHE PHE A . n 
A 1 15  GLU 15  14  14  GLU GLU A . n 
A 1 16  GLN 16  15  15  GLN GLN A . n 
A 1 17  ARG 17  16  16  ARG ARG A . n 
A 1 18  VAL 18  17  17  VAL VAL A . n 
A 1 19  GLU 19  18  18  GLU GLU A . n 
A 1 20  ASP 20  19  19  ASP ASP A . n 
A 1 21  VAL 21  20  20  VAL VAL A . n 
A 1 22  ARG 22  21  21  ARG ARG A . n 
A 1 23  LEU 23  22  22  LEU LEU A . n 
A 1 24  ILE 24  23  23  ILE ILE A . n 
A 1 25  ARG 25  24  24  ARG ARG A . n 
A 1 26  GLU 26  25  25  GLU GLU A . n 
A 1 27  GLN 27  26  26  GLN GLN A . n 
A 1 28  HIS 28  27  27  HIS HIS A . n 
A 1 29  PRO 29  28  28  PRO PRO A . n 
A 1 30  THR 30  29  29  THR THR A . n 
A 1 31  LYS 31  30  30  LYS LYS A . n 
A 1 32  ILE 32  31  31  ILE ILE A . n 
A 1 33  PRO 33  32  32  PRO PRO A . n 
A 1 34  VAL 34  33  33  VAL VAL A . n 
A 1 35  ILE 35  34  34  ILE ILE A . n 
A 1 36  ILE 36  35  35  ILE ILE A . n 
A 1 37  GLU 37  36  36  GLU GLU A . n 
A 1 38  ARG 38  37  37  ARG ARG A . n 
A 1 39  TYR 39  38  38  TYR TYR A . n 
A 1 40  LYS 40  39  39  LYS LYS A . n 
A 1 41  GLY 41  40  40  GLY GLY A . n 
A 1 42  GLU 42  41  41  GLU GLU A . n 
A 1 43  LYS 43  42  42  LYS LYS A . n 
A 1 44  GLN 44  43  43  GLN GLN A . n 
A 1 45  LEU 45  44  44  LEU LEU A . n 
A 1 46  PRO 46  45  45  PRO PRO A . n 
A 1 47  VAL 47  46  46  VAL VAL A . n 
A 1 48  LEU 48  47  47  LEU LEU A . n 
A 1 49  ASP 49  48  48  ASP ASP A . n 
A 1 50  LYS 50  49  49  LYS LYS A . n 
A 1 51  THR 51  50  50  THR THR A . n 
A 1 52  LYS 52  51  51  LYS LYS A . n 
A 1 53  PHE 53  52  52  PHE PHE A . n 
A 1 54  LEU 54  53  53  LEU LEU A . n 
A 1 55  VAL 55  54  54  VAL VAL A . n 
A 1 56  PRO 56  55  55  PRO PRO A . n 
A 1 57  ASP 57  56  56  ASP ASP A . n 
A 1 58  HIS 58  57  57  HIS HIS A . n 
A 1 59  VAL 59  58  58  VAL VAL A . n 
A 1 60  ASN 60  59  59  ASN ASN A . n 
A 1 61  MET 61  60  60  MET MET A . n 
A 1 62  SER 62  61  61  SER SER A . n 
A 1 63  GLU 63  62  62  GLU GLU A . n 
A 1 64  LEU 64  63  63  LEU LEU A . n 
A 1 65  ILE 65  64  64  ILE ILE A . n 
A 1 66  LYS 66  65  65  LYS LYS A . n 
A 1 67  ILE 67  66  66  ILE ILE A . n 
A 1 68  ILE 68  67  67  ILE ILE A . n 
A 1 69  ARG 69  68  68  ARG ARG A . n 
A 1 70  ARG 70  69  69  ARG ARG A . n 
A 1 71  ARG 71  70  70  ARG ARG A . n 
A 1 72  LEU 72  71  71  LEU LEU A . n 
A 1 73  GLN 73  72  72  GLN GLN A . n 
A 1 74  LEU 74  73  73  LEU LEU A . n 
A 1 75  ASN 75  74  74  ASN ASN A . n 
A 1 76  ALA 76  75  75  ALA ALA A . n 
A 1 77  ASN 77  76  76  ASN ASN A . n 
A 1 78  GLN 78  77  77  GLN GLN A . n 
A 1 79  ALA 79  78  78  ALA ALA A . n 
A 1 80  PHE 80  79  79  PHE PHE A . n 
A 1 81  PHE 81  80  80  PHE PHE A . n 
A 1 82  LEU 82  81  81  LEU LEU A . n 
A 1 83  LEU 83  82  82  LEU LEU A . n 
A 1 84  VAL 84  83  83  VAL VAL A . n 
A 1 85  ASN 85  84  84  ASN ASN A . n 
A 1 86  GLY 86  85  85  GLY GLY A . n 
A 1 87  HIS 87  86  86  HIS HIS A . n 
A 1 88  SER 88  87  87  SER SER A . n 
A 1 89  MET 89  88  88  MET MET A . n 
A 1 90  VAL 90  89  89  VAL VAL A . n 
A 1 91  SER 91  90  90  SER SER A . n 
A 1 92  VAL 92  91  91  VAL VAL A . n 
A 1 93  SER 93  92  92  SER SER A . n 
A 1 94  THR 94  93  93  THR THR A . n 
A 1 95  PRO 95  94  94  PRO PRO A . n 
A 1 96  ILE 96  95  95  ILE ILE A . n 
A 1 97  SER 97  96  96  SER SER A . n 
A 1 98  GLU 98  97  97  GLU GLU A . n 
A 1 99  VAL 99  98  98  VAL VAL A . n 
A 1 100 TYR 100 99  99  TYR TYR A . n 
A 1 101 GLU 101 100 100 GLU GLU A . n 
A 1 102 SER 102 101 101 SER SER A . n 
A 1 103 GLU 103 102 102 GLU GLU A . n 
A 1 104 LYS 104 103 103 LYS LYS A . n 
A 1 105 ASP 105 104 104 ASP ASP A . n 
A 1 106 GLU 106 105 105 GLU GLU A . n 
A 1 107 ASP 107 106 106 ASP ASP A . n 
A 1 108 GLY 108 107 107 GLY GLY A . n 
A 1 109 PHE 109 108 108 PHE PHE A . n 
A 1 110 LEU 110 109 109 LEU LEU A . n 
A 1 111 TYR 111 110 110 TYR TYR A . n 
A 1 112 MET 112 111 111 MET MET A . n 
A 1 113 VAL 113 112 112 VAL VAL A . n 
A 1 114 TYR 114 113 113 TYR TYR A . n 
A 1 115 ALA 115 114 114 ALA ALA A . n 
A 1 116 SER 116 115 115 SER SER A . n 
A 1 117 GLN 117 116 116 GLN GLN A . n 
A 1 118 GLU 118 117 117 GLU GLU A . n 
A 1 119 THR 119 118 118 THR THR A . n 
A 1 120 PHE 120 119 119 PHE PHE A . n 
A 1 121 GLY 121 120 ?   ?   ?   A . n 
# 
_pdbx_entity_instance_feature.ordinal        1 
_pdbx_entity_instance_feature.comp_id        KF8 
_pdbx_entity_instance_feature.asym_id        ? 
_pdbx_entity_instance_feature.seq_num        ? 
_pdbx_entity_instance_feature.auth_comp_id   KF8 
_pdbx_entity_instance_feature.auth_asym_id   ? 
_pdbx_entity_instance_feature.auth_seq_num   ? 
_pdbx_entity_instance_feature.feature_type   'SUBJECT OF INVESTIGATION' 
_pdbx_entity_instance_feature.details        ? 
# 
loop_
_pdbx_nonpoly_scheme.asym_id 
_pdbx_nonpoly_scheme.entity_id 
_pdbx_nonpoly_scheme.mon_id 
_pdbx_nonpoly_scheme.ndb_seq_num 
_pdbx_nonpoly_scheme.pdb_seq_num 
_pdbx_nonpoly_scheme.auth_seq_num 
_pdbx_nonpoly_scheme.pdb_mon_id 
_pdbx_nonpoly_scheme.auth_mon_id 
_pdbx_nonpoly_scheme.pdb_strand_id 
_pdbx_nonpoly_scheme.pdb_ins_code 
B 2 KF8 1  201 201 KF8 LIG A . 
C 3 EDO 1  202 105 EDO EDO A . 
D 3 EDO 1  203 106 EDO EDO A . 
E 3 EDO 1  204 107 EDO EDO A . 
F 3 EDO 1  205 108 EDO EDO A . 
G 3 EDO 1  206 109 EDO EDO A . 
H 3 EDO 1  207 110 EDO EDO A . 
I 3 EDO 1  208 111 EDO EDO A . 
J 3 EDO 1  209 112 EDO EDO A . 
K 3 EDO 1  210 113 EDO EDO A . 
L 4 CL  1  211 114 CL  CL  A . 
M 5 HOH 1  301 62  HOH HOH A . 
M 5 HOH 2  302 56  HOH HOH A . 
M 5 HOH 3  303 55  HOH HOH A . 
M 5 HOH 4  304 22  HOH HOH A . 
M 5 HOH 5  305 10  HOH HOH A . 
M 5 HOH 6  306 82  HOH HOH A . 
M 5 HOH 7  307 18  HOH HOH A . 
M 5 HOH 8  308 52  HOH HOH A . 
M 5 HOH 9  309 19  HOH HOH A . 
M 5 HOH 10 310 33  HOH HOH A . 
M 5 HOH 11 311 13  HOH HOH A . 
M 5 HOH 12 312 40  HOH HOH A . 
M 5 HOH 13 313 32  HOH HOH A . 
M 5 HOH 14 314 43  HOH HOH A . 
M 5 HOH 15 315 93  HOH HOH A . 
M 5 HOH 16 316 17  HOH HOH A . 
M 5 HOH 17 317 86  HOH HOH A . 
M 5 HOH 18 318 89  HOH HOH A . 
M 5 HOH 19 319 47  HOH HOH A . 
M 5 HOH 20 320 27  HOH HOH A . 
M 5 HOH 21 321 25  HOH HOH A . 
M 5 HOH 22 322 8   HOH HOH A . 
M 5 HOH 23 323 20  HOH HOH A . 
M 5 HOH 24 324 49  HOH HOH A . 
M 5 HOH 25 325 38  HOH HOH A . 
M 5 HOH 26 326 4   HOH HOH A . 
M 5 HOH 27 327 16  HOH HOH A . 
M 5 HOH 28 328 59  HOH HOH A . 
M 5 HOH 29 329 42  HOH HOH A . 
M 5 HOH 30 330 2   HOH HOH A . 
M 5 HOH 31 331 21  HOH HOH A . 
M 5 HOH 32 332 64  HOH HOH A . 
M 5 HOH 33 333 73  HOH HOH A . 
M 5 HOH 34 334 9   HOH HOH A . 
M 5 HOH 35 335 45  HOH HOH A . 
M 5 HOH 36 336 7   HOH HOH A . 
M 5 HOH 37 337 1   HOH HOH A . 
M 5 HOH 38 338 31  HOH HOH A . 
M 5 HOH 39 339 84  HOH HOH A . 
M 5 HOH 40 340 81  HOH HOH A . 
M 5 HOH 41 341 53  HOH HOH A . 
M 5 HOH 42 342 83  HOH HOH A . 
M 5 HOH 43 343 12  HOH HOH A . 
M 5 HOH 44 344 74  HOH HOH A . 
M 5 HOH 45 345 80  HOH HOH A . 
M 5 HOH 46 346 41  HOH HOH A . 
M 5 HOH 47 347 75  HOH HOH A . 
M 5 HOH 48 348 14  HOH HOH A . 
M 5 HOH 49 349 6   HOH HOH A . 
M 5 HOH 50 350 24  HOH HOH A . 
M 5 HOH 51 351 63  HOH HOH A . 
M 5 HOH 52 352 15  HOH HOH A . 
M 5 HOH 53 353 3   HOH HOH A . 
M 5 HOH 54 354 23  HOH HOH A . 
M 5 HOH 55 355 87  HOH HOH A . 
M 5 HOH 56 356 51  HOH HOH A . 
M 5 HOH 57 357 44  HOH HOH A . 
M 5 HOH 58 358 60  HOH HOH A . 
M 5 HOH 59 359 11  HOH HOH A . 
M 5 HOH 60 360 79  HOH HOH A . 
M 5 HOH 61 361 34  HOH HOH A . 
M 5 HOH 62 362 46  HOH HOH A . 
M 5 HOH 63 363 5   HOH HOH A . 
M 5 HOH 64 364 66  HOH HOH A . 
M 5 HOH 65 365 72  HOH HOH A . 
M 5 HOH 66 366 91  HOH HOH A . 
M 5 HOH 67 367 67  HOH HOH A . 
M 5 HOH 68 368 28  HOH HOH A . 
M 5 HOH 69 369 37  HOH HOH A . 
M 5 HOH 70 370 54  HOH HOH A . 
M 5 HOH 71 371 57  HOH HOH A . 
M 5 HOH 72 372 76  HOH HOH A . 
M 5 HOH 73 373 35  HOH HOH A . 
M 5 HOH 74 374 68  HOH HOH A . 
M 5 HOH 75 375 90  HOH HOH A . 
M 5 HOH 76 376 36  HOH HOH A . 
M 5 HOH 77 377 92  HOH HOH A . 
M 5 HOH 78 378 78  HOH HOH A . 
M 5 HOH 79 379 30  HOH HOH A . 
M 5 HOH 80 380 85  HOH HOH A . 
M 5 HOH 81 381 61  HOH HOH A . 
M 5 HOH 82 382 94  HOH HOH A . 
M 5 HOH 83 383 29  HOH HOH A . 
M 5 HOH 84 384 58  HOH HOH A . 
M 5 HOH 85 385 88  HOH HOH A . 
M 5 HOH 86 386 26  HOH HOH A . 
M 5 HOH 87 387 70  HOH HOH A . 
M 5 HOH 88 388 50  HOH HOH A . 
M 5 HOH 89 389 39  HOH HOH A . 
M 5 HOH 90 390 65  HOH HOH A . 
# 
loop_
_pdbx_unobs_or_zero_occ_atoms.id 
_pdbx_unobs_or_zero_occ_atoms.PDB_model_num 
_pdbx_unobs_or_zero_occ_atoms.polymer_flag 
_pdbx_unobs_or_zero_occ_atoms.occupancy_flag 
_pdbx_unobs_or_zero_occ_atoms.auth_asym_id 
_pdbx_unobs_or_zero_occ_atoms.auth_comp_id 
_pdbx_unobs_or_zero_occ_atoms.auth_seq_id 
_pdbx_unobs_or_zero_occ_atoms.PDB_ins_code 
_pdbx_unobs_or_zero_occ_atoms.auth_atom_id 
_pdbx_unobs_or_zero_occ_atoms.label_alt_id 
_pdbx_unobs_or_zero_occ_atoms.label_asym_id 
_pdbx_unobs_or_zero_occ_atoms.label_comp_id 
_pdbx_unobs_or_zero_occ_atoms.label_seq_id 
_pdbx_unobs_or_zero_occ_atoms.label_atom_id 
1 1 Y 1 A GLN 116 ? CG  ? A GLN 117 CG  
2 1 Y 1 A GLN 116 ? CD  ? A GLN 117 CD  
3 1 Y 1 A GLN 116 ? OE1 ? A GLN 117 OE1 
4 1 Y 1 A GLN 116 ? NE2 ? A GLN 117 NE2 
5 1 Y 1 A THR 118 ? OG1 ? A THR 119 OG1 
6 1 Y 1 A THR 118 ? CG2 ? A THR 119 CG2 
# 
loop_
_software.pdbx_ordinal 
_software.name 
_software.version 
_software.date 
_software.type 
_software.contact_author 
_software.contact_author_email 
_software.classification 
_software.location 
_software.language 
_software.citation_id 
1 REFMAC      5.8.0267 ?               program 'Garib N. Murshudov' garib@ysbl.york.ac.uk    refinement        
http://www.ccp4.ac.uk/dist/html/refmac5.html        Fortran_77 ? 
2 Aimless     0.7.7    23/04/21        program 'Phil Evans'         ?                        'data scaling'    
http://www.mrc-lmb.cam.ac.uk/harry/pre/aimless.html ?          ? 
3 PDB_EXTRACT 3.23     'SEP. 23, 2016' package PDB                  deposit@deposit.rcsb.org 'data extraction' 
http://sw-tools.pdb.org/apps/PDB_EXTRACT/           C++        ? 
4 XDS         .        ?               program ?                    ?                        'data reduction'  ? ?          ? 
5 REFMAC      .        ?               program ?                    ?                        phasing           ? ?          ? 
# 
_cell.entry_id           7GAC 
_cell.length_a           60.616 
_cell.length_b           60.616 
_cell.length_c           35.849 
_cell.angle_alpha        90.000 
_cell.angle_beta         90.000 
_cell.angle_gamma        90.000 
_cell.Z_PDB              4 
_cell.pdbx_unique_axis   ? 
# 
_symmetry.entry_id                         7GAC 
_symmetry.space_group_name_H-M             'P 43' 
_symmetry.pdbx_full_space_group_name_H-M   ? 
_symmetry.cell_setting                     ? 
_symmetry.Int_Tables_number                78 
# 
_exptl.crystals_number   1 
_exptl.entry_id          7GAC 
_exptl.method            'X-RAY DIFFRACTION' 
# 
_exptl_crystal.id                    1 
_exptl_crystal.pdbx_mosaicity        0.000 
_exptl_crystal.pdbx_mosaicity_esd    ? 
_exptl_crystal.density_Matthews      2.23 
_exptl_crystal.density_diffrn        ? 
_exptl_crystal.density_meas          ? 
_exptl_crystal.density_meas_temp     ? 
_exptl_crystal.density_percent_sol   44.73 
_exptl_crystal.size_max              ? 
_exptl_crystal.size_mid              ? 
_exptl_crystal.size_min              ? 
_exptl_crystal.size_rad              ? 
_exptl_crystal.description           ? 
_exptl_crystal.preparation           ? 
# 
_exptl_crystal_grow.crystal_id      1 
_exptl_crystal_grow.method          'VAPOR DIFFUSION, SITTING DROP' 
_exptl_crystal_grow.pH              4.7 
_exptl_crystal_grow.temp            293 
_exptl_crystal_grow.pdbx_details    '36% PEG 8000, 0.1M acetate pH 4.7' 
_exptl_crystal_grow.temp_details    ? 
_exptl_crystal_grow.pdbx_pH_range   ? 
# 
_diffrn.id                               1 
_diffrn.ambient_temp                     100 
_diffrn.crystal_id                       1 
_diffrn.ambient_temp_details             ? 
_diffrn.pdbx_serial_crystal_experiment   ? 
# 
_diffrn_detector.detector               PIXEL 
_diffrn_detector.type                   'DECTRIS PILATUS 6M' 
_diffrn_detector.pdbx_collection_date   2023-02-09 
_diffrn_detector.diffrn_id              1 
_diffrn_detector.details                ? 
# 
_diffrn_radiation.diffrn_id                        1 
_diffrn_radiation.wavelength_id                    1 
_diffrn_radiation.pdbx_diffrn_protocol             'SINGLE WAVELENGTH' 
_diffrn_radiation.pdbx_monochromatic_or_laue_m_l   ? 
_diffrn_radiation.monochromator                    ? 
_diffrn_radiation.pdbx_scattering_type             x-ray 
# 
_diffrn_radiation_wavelength.id           1 
_diffrn_radiation_wavelength.wavelength   0.92124 
_diffrn_radiation_wavelength.wt           1.0 
# 
_diffrn_source.diffrn_id                   1 
_diffrn_source.source                      SYNCHROTRON 
_diffrn_source.type                        'DIAMOND BEAMLINE I04-1' 
_diffrn_source.pdbx_wavelength_list        0.92124 
_diffrn_source.pdbx_synchrotron_site       Diamond 
_diffrn_source.pdbx_synchrotron_beamline   I04-1 
_diffrn_source.pdbx_wavelength             ? 
# 
_reflns.entry_id                     7GAC 
_reflns.pdbx_diffrn_id               1 
_reflns.pdbx_ordinal                 1 
_reflns.observed_criterion_sigma_I   ? 
_reflns.observed_criterion_sigma_F   ? 
_reflns.d_resolution_low             42.880 
_reflns.d_resolution_high            1.910 
_reflns.number_obs                   10254 
_reflns.number_all                   ? 
_reflns.percent_possible_obs         99.500 
_reflns.pdbx_Rmerge_I_obs            0.125 
_reflns.pdbx_Rsym_value              ? 
_reflns.pdbx_netI_over_sigmaI        9.800 
_reflns.B_iso_Wilson_estimate        ? 
_reflns.pdbx_redundancy              13.700 
_reflns.pdbx_Rrim_I_all              0.131 
_reflns.pdbx_Rpim_I_all              0.036 
_reflns.pdbx_CC_half                 0.953 
_reflns.pdbx_netI_over_av_sigmaI     ? 
_reflns.pdbx_number_measured_all     140194 
_reflns.pdbx_scaling_rejects         0 
_reflns.pdbx_chi_squared             ? 
_reflns.Rmerge_F_all                 ? 
_reflns.Rmerge_F_obs                 ? 
_reflns.observed_criterion_F_max     ? 
_reflns.observed_criterion_F_min     ? 
_reflns.observed_criterion_I_max     ? 
_reflns.observed_criterion_I_min     ? 
_reflns.pdbx_d_res_high_opt          ? 
_reflns.pdbx_d_res_low_opt           ? 
_reflns.details                      ? 
_reflns.pdbx_CC_star                 ? 
# 
loop_
_reflns_shell.pdbx_diffrn_id 
_reflns_shell.pdbx_ordinal 
_reflns_shell.d_res_high 
_reflns_shell.d_res_low 
_reflns_shell.number_measured_obs 
_reflns_shell.number_measured_all 
_reflns_shell.number_unique_obs 
_reflns_shell.pdbx_rejects 
_reflns_shell.Rmerge_I_obs 
_reflns_shell.meanI_over_sigI_obs 
_reflns_shell.pdbx_Rsym_value 
_reflns_shell.pdbx_chi_squared 
_reflns_shell.pdbx_redundancy 
_reflns_shell.percent_possible_obs 
_reflns_shell.pdbx_netI_over_sigmaI_obs 
_reflns_shell.number_possible 
_reflns_shell.number_unique_all 
_reflns_shell.Rmerge_F_all 
_reflns_shell.Rmerge_F_obs 
_reflns_shell.Rmerge_I_all 
_reflns_shell.meanI_over_sigI_all 
_reflns_shell.percent_possible_all 
_reflns_shell.pdbx_Rrim_I_all 
_reflns_shell.pdbx_Rpim_I_all 
_reflns_shell.pdbx_CC_half 
_reflns_shell.pdbx_CC_star 
1 1 1.910 1.950  ? 9706 684 ? 5.458 ? ? ? 14.200 ? 0.300  ? ? ? ? ? ? 100.000 5.665 1.506 0.256 ? 
1 2 8.960 42.880 ? 1229 117 ? 0.117 ? ? ? 10.500 ? 52.100 ? ? ? ? ? ? 99.200  0.126 0.044 0.746 ? 
# 
_refine.entry_id                                 7GAC 
_refine.pdbx_refine_id                           'X-RAY DIFFRACTION' 
_refine.ls_d_res_high                            1.9100 
_refine.ls_d_res_low                             42.9000 
_refine.pdbx_ls_sigma_F                          0.000 
_refine.pdbx_data_cutoff_high_absF               ? 
_refine.pdbx_data_cutoff_low_absF                ? 
_refine.ls_percent_reflns_obs                    98.7200 
_refine.ls_number_reflns_obs                     9760 
_refine.ls_number_reflns_all                     ? 
_refine.pdbx_ls_cross_valid_method               THROUGHOUT 
_refine.ls_matrix_type                           ? 
_refine.pdbx_R_Free_selection_details            RANDOM 
_refine.details                                  
'HYDROGENS HAVE BEEN ADDED IN THE RIDING POSITIONS U VALUES      : REFINED INDIVIDUALLY' 
_refine.ls_R_factor_all                          ? 
_refine.ls_R_factor_obs                          0.2089 
_refine.ls_R_factor_R_work                       0.2068 
_refine.ls_wR_factor_R_work                      ? 
_refine.ls_R_factor_R_free                       0.2598 
_refine.ls_wR_factor_R_free                      ? 
_refine.ls_percent_reflns_R_free                 4.0000 
_refine.ls_number_reflns_R_free                  408 
_refine.ls_number_reflns_R_work                  ? 
_refine.ls_R_factor_R_free_error                 ? 
_refine.B_iso_mean                               53.4020 
_refine.solvent_model_param_bsol                 ? 
_refine.solvent_model_param_ksol                 ? 
_refine.pdbx_isotropic_thermal_model             ? 
_refine.aniso_B[1][1]                            -0.1300 
_refine.aniso_B[2][2]                            -0.1300 
_refine.aniso_B[3][3]                            0.2600 
_refine.aniso_B[1][2]                            0.0000 
_refine.aniso_B[1][3]                            0.0000 
_refine.aniso_B[2][3]                            0.0000 
_refine.correlation_coeff_Fo_to_Fc               0.9550 
_refine.correlation_coeff_Fo_to_Fc_free          0.9310 
_refine.overall_SU_R_Cruickshank_DPI             ? 
_refine.pdbx_overall_SU_R_free_Cruickshank_DPI   ? 
_refine.pdbx_overall_SU_R_Blow_DPI               ? 
_refine.pdbx_overall_SU_R_free_Blow_DPI          ? 
_refine.overall_SU_R_free                        ? 
_refine.pdbx_overall_ESU_R                       0.2120 
_refine.pdbx_overall_ESU_R_Free                  0.1830 
_refine.overall_SU_ML                            0.2020 
_refine.overall_SU_B                             7.6640 
_refine.solvent_model_details                    MASK 
_refine.pdbx_solvent_vdw_probe_radii             1.2000 
_refine.pdbx_solvent_ion_probe_radii             0.8000 
_refine.pdbx_solvent_shrinkage_radii             0.8000 
_refine.ls_number_parameters                     ? 
_refine.ls_number_restraints                     ? 
_refine.pdbx_starting_model                      8Q53 
_refine.pdbx_method_to_determine_struct          'FOURIER SYNTHESIS' 
_refine.pdbx_stereochemistry_target_values       'MAXIMUM LIKELIHOOD' 
_refine.pdbx_stereochem_target_val_spec_case     ? 
_refine.overall_FOM_work_R_set                   ? 
_refine.B_iso_max                                131.350 
_refine.B_iso_min                                31.200 
_refine.pdbx_overall_phase_error                 ? 
_refine.occupancy_max                            ? 
_refine.occupancy_min                            ? 
_refine.pdbx_diffrn_id                           1 
_refine.pdbx_TLS_residual_ADP_flag               ? 
_refine.pdbx_ls_sigma_I                          ? 
_refine.pdbx_data_cutoff_high_rms_absF           ? 
_refine.ls_R_factor_R_free_error_details         ? 
# 
_refine_hist.cycle_id                         final 
_refine_hist.pdbx_refine_id                   'X-RAY DIFFRACTION' 
_refine_hist.d_res_high                       1.9100 
_refine_hist.d_res_low                        42.9000 
_refine_hist.pdbx_number_atoms_ligand         52 
_refine_hist.number_atoms_solvent             90 
_refine_hist.number_atoms_total               1096 
_refine_hist.pdbx_number_residues_total       113 
_refine_hist.pdbx_B_iso_mean_ligand           84.14 
_refine_hist.pdbx_B_iso_mean_solvent          66.00 
_refine_hist.pdbx_number_atoms_protein        954 
_refine_hist.pdbx_number_atoms_nucleic_acid   0 
# 
loop_
_refine_ls_restr.pdbx_refine_id 
_refine_ls_restr.type 
_refine_ls_restr.number 
_refine_ls_restr.dev_ideal 
_refine_ls_restr.dev_ideal_target 
_refine_ls_restr.weight 
_refine_ls_restr.pdbx_restraint_function 
'X-RAY DIFFRACTION' r_bond_refined_d       1351 0.008  0.014  ? ? 
'X-RAY DIFFRACTION' r_bond_other_d         1226 0.001  0.014  ? ? 
'X-RAY DIFFRACTION' r_angle_refined_deg    1654 1.539  1.669  ? ? 
'X-RAY DIFFRACTION' r_angle_other_deg      2791 1.200  1.582  ? ? 
'X-RAY DIFFRACTION' r_dihedral_angle_1_deg 156  6.900  5.000  ? ? 
'X-RAY DIFFRACTION' r_dihedral_angle_2_deg 72   26.601 19.167 ? ? 
'X-RAY DIFFRACTION' r_dihedral_angle_3_deg 224  16.209 15.000 ? ? 
'X-RAY DIFFRACTION' r_dihedral_angle_4_deg 15   26.795 15.000 ? ? 
'X-RAY DIFFRACTION' r_chiral_restr         154  0.068  0.200  ? ? 
'X-RAY DIFFRACTION' r_gen_planes_refined   1423 0.007  0.020  ? ? 
'X-RAY DIFFRACTION' r_gen_planes_other     315  0.002  0.020  ? ? 
'X-RAY DIFFRACTION' r_mcbond_it            624  3.927  5.053  ? ? 
'X-RAY DIFFRACTION' r_mcbond_other         619  3.933  5.022  ? ? 
'X-RAY DIFFRACTION' r_mcangle_it           740  5.647  7.534  ? ? 
# 
_refine_ls_shell.d_res_high                       1.9100 
_refine_ls_shell.d_res_low                        1.9590 
_refine_ls_shell.pdbx_total_number_of_bins_used   20 
_refine_ls_shell.percent_reflns_obs               90.0800 
_refine_ls_shell.number_reflns_R_work             633 
_refine_ls_shell.R_factor_all                     ? 
_refine_ls_shell.R_factor_R_work                  0.3780 
_refine_ls_shell.R_factor_R_free                  0.3300 
_refine_ls_shell.percent_reflns_R_free            ? 
_refine_ls_shell.number_reflns_R_free             39 
_refine_ls_shell.R_factor_R_free_error            ? 
_refine_ls_shell.number_reflns_all                672 
_refine_ls_shell.number_reflns_obs                ? 
_refine_ls_shell.pdbx_refine_id                   'X-RAY DIFFRACTION' 
_refine_ls_shell.R_factor_obs                     ? 
# 
_struct.entry_id                  7GAC 
_struct.title                     'PanDDA analysis group deposition -- Crystal Structure of MAP1LC3B in complex with Z1456069604' 
_struct.pdbx_model_details        ? 
_struct.pdbx_CASP_flag            ? 
_struct.pdbx_model_type_details   ? 
# 
_struct_keywords.entry_id        7GAC 
_struct_keywords.text            'SGC - Diamond I04-1 fragment screening, PanDDA, XChemExplorer, STRUCTURAL PROTEIN' 
_struct_keywords.pdbx_keywords   'STRUCTURAL PROTEIN' 
# 
loop_
_struct_asym.id 
_struct_asym.pdbx_blank_PDB_chainid_flag 
_struct_asym.pdbx_modified 
_struct_asym.entity_id 
_struct_asym.details 
A N N 1 ? 
B N N 2 ? 
C N N 3 ? 
D N N 3 ? 
E N N 3 ? 
F N N 3 ? 
G N N 3 ? 
H N N 3 ? 
I N N 3 ? 
J N N 3 ? 
K N N 3 ? 
L N N 4 ? 
M N N 5 ? 
# 
_struct_ref.id                         1 
_struct_ref.db_name                    UNP 
_struct_ref.db_code                    MLP3B_HUMAN 
_struct_ref.pdbx_db_accession          Q9GZQ8 
_struct_ref.pdbx_db_isoform            ? 
_struct_ref.entity_id                  1 
_struct_ref.pdbx_seq_one_letter_code   
;MPSEKTFKQRRTFEQRVEDVRLIREQHPTKIPVIIERYKGEKQLPVLDKTKFLVPDHVNMSELIKIIRRRLQLNANQAFF
LLVNGHSMVSVSTPISEVYESEKDEDGFLYMVYASQETFG
;
_struct_ref.pdbx_align_begin           1 
# 
_struct_ref_seq.align_id                      1 
_struct_ref_seq.ref_id                        1 
_struct_ref_seq.pdbx_PDB_id_code              7GAC 
_struct_ref_seq.pdbx_strand_id                A 
_struct_ref_seq.seq_align_beg                 2 
_struct_ref_seq.pdbx_seq_align_beg_ins_code   ? 
_struct_ref_seq.seq_align_end                 121 
_struct_ref_seq.pdbx_seq_align_end_ins_code   ? 
_struct_ref_seq.pdbx_db_accession             Q9GZQ8 
_struct_ref_seq.db_align_beg                  1 
_struct_ref_seq.pdbx_db_align_beg_ins_code    ? 
_struct_ref_seq.db_align_end                  120 
_struct_ref_seq.pdbx_db_align_end_ins_code    ? 
_struct_ref_seq.pdbx_auth_seq_align_beg       1 
_struct_ref_seq.pdbx_auth_seq_align_end       120 
# 
_struct_ref_seq_dif.align_id                     1 
_struct_ref_seq_dif.pdbx_pdb_id_code             7GAC 
_struct_ref_seq_dif.mon_id                       SER 
_struct_ref_seq_dif.pdbx_pdb_strand_id           A 
_struct_ref_seq_dif.seq_num                      1 
_struct_ref_seq_dif.pdbx_pdb_ins_code            ? 
_struct_ref_seq_dif.pdbx_seq_db_name             UNP 
_struct_ref_seq_dif.pdbx_seq_db_accession_code   Q9GZQ8 
_struct_ref_seq_dif.db_mon_id                    ? 
_struct_ref_seq_dif.pdbx_seq_db_seq_num          ? 
_struct_ref_seq_dif.details                      'expression tag' 
_struct_ref_seq_dif.pdbx_auth_seq_num            0 
_struct_ref_seq_dif.pdbx_ordinal                 1 
# 
_pdbx_struct_assembly.id                   1 
_pdbx_struct_assembly.details              author_and_software_defined_assembly 
_pdbx_struct_assembly.method_details       PISA 
_pdbx_struct_assembly.oligomeric_details   monomeric 
_pdbx_struct_assembly.oligomeric_count     1 
# 
_pdbx_struct_assembly_gen.assembly_id       1 
_pdbx_struct_assembly_gen.oper_expression   1 
_pdbx_struct_assembly_gen.asym_id_list      A,B,C,D,E,F,G,H,I,J,K,L,M 
# 
_pdbx_struct_oper_list.id                   1 
_pdbx_struct_oper_list.type                 'identity operation' 
_pdbx_struct_oper_list.name                 1_555 
_pdbx_struct_oper_list.symmetry_operation   x,y,z 
_pdbx_struct_oper_list.matrix[1][1]         1.0000000000 
_pdbx_struct_oper_list.matrix[1][2]         0.0000000000 
_pdbx_struct_oper_list.matrix[1][3]         0.0000000000 
_pdbx_struct_oper_list.vector[1]            0.0000000000 
_pdbx_struct_oper_list.matrix[2][1]         0.0000000000 
_pdbx_struct_oper_list.matrix[2][2]         1.0000000000 
_pdbx_struct_oper_list.matrix[2][3]         0.0000000000 
_pdbx_struct_oper_list.vector[2]            0.0000000000 
_pdbx_struct_oper_list.matrix[3][1]         0.0000000000 
_pdbx_struct_oper_list.matrix[3][2]         0.0000000000 
_pdbx_struct_oper_list.matrix[3][3]         1.0000000000 
_pdbx_struct_oper_list.vector[3]            0.0000000000 
# 
loop_
_struct_conf.conf_type_id 
_struct_conf.id 
_struct_conf.pdbx_PDB_helix_id 
_struct_conf.beg_label_comp_id 
_struct_conf.beg_label_asym_id 
_struct_conf.beg_label_seq_id 
_struct_conf.pdbx_beg_PDB_ins_code 
_struct_conf.end_label_comp_id 
_struct_conf.end_label_asym_id 
_struct_conf.end_label_seq_id 
_struct_conf.pdbx_end_PDB_ins_code 
_struct_conf.beg_auth_comp_id 
_struct_conf.beg_auth_asym_id 
_struct_conf.beg_auth_seq_id 
_struct_conf.end_auth_comp_id 
_struct_conf.end_auth_asym_id 
_struct_conf.end_auth_seq_id 
_struct_conf.pdbx_PDB_helix_class 
_struct_conf.details 
_struct_conf.pdbx_PDB_helix_length 
HELX_P HELX_P1 AA1 THR A 7  ? ARG A 12  ? THR A 6  ARG A 11  1 ? 6  
HELX_P HELX_P2 AA2 THR A 13 ? HIS A 28  ? THR A 12 HIS A 27  1 ? 16 
HELX_P HELX_P3 AA3 ASN A 60 ? LEU A 72  ? ASN A 59 LEU A 71  1 ? 13 
HELX_P HELX_P4 AA4 PRO A 95 ? LYS A 104 ? PRO A 94 LYS A 103 1 ? 10 
# 
_struct_conf_type.id          HELX_P 
_struct_conf_type.criteria    ? 
_struct_conf_type.reference   ? 
# 
_struct_sheet.id               AA1 
_struct_sheet.type             ? 
_struct_sheet.number_strands   5 
_struct_sheet.details          ? 
# 
loop_
_struct_sheet_order.sheet_id 
_struct_sheet_order.range_id_1 
_struct_sheet_order.range_id_2 
_struct_sheet_order.offset 
_struct_sheet_order.sense 
AA1 1 2 ? anti-parallel 
AA1 2 3 ? parallel      
AA1 3 4 ? anti-parallel 
AA1 4 5 ? anti-parallel 
# 
loop_
_struct_sheet_range.sheet_id 
_struct_sheet_range.id 
_struct_sheet_range.beg_label_comp_id 
_struct_sheet_range.beg_label_asym_id 
_struct_sheet_range.beg_label_seq_id 
_struct_sheet_range.pdbx_beg_PDB_ins_code 
_struct_sheet_range.end_label_comp_id 
_struct_sheet_range.end_label_asym_id 
_struct_sheet_range.end_label_seq_id 
_struct_sheet_range.pdbx_end_PDB_ins_code 
_struct_sheet_range.beg_auth_comp_id 
_struct_sheet_range.beg_auth_asym_id 
_struct_sheet_range.beg_auth_seq_id 
_struct_sheet_range.end_auth_comp_id 
_struct_sheet_range.end_auth_asym_id 
_struct_sheet_range.end_auth_seq_id 
AA1 1 LYS A 52  ? PRO A 56  ? LYS A 51  PRO A 55  
AA1 2 LYS A 31  ? ARG A 38  ? LYS A 30  ARG A 37  
AA1 3 LEU A 110 ? ALA A 115 ? LEU A 109 ALA A 114 
AA1 4 PHE A 81  ? VAL A 84  ? PHE A 80  VAL A 83  
AA1 5 HIS A 87  ? SER A 88  ? HIS A 86  SER A 87  
# 
loop_
_pdbx_struct_sheet_hbond.sheet_id 
_pdbx_struct_sheet_hbond.range_id_1 
_pdbx_struct_sheet_hbond.range_id_2 
_pdbx_struct_sheet_hbond.range_1_label_atom_id 
_pdbx_struct_sheet_hbond.range_1_label_comp_id 
_pdbx_struct_sheet_hbond.range_1_label_asym_id 
_pdbx_struct_sheet_hbond.range_1_label_seq_id 
_pdbx_struct_sheet_hbond.range_1_PDB_ins_code 
_pdbx_struct_sheet_hbond.range_1_auth_atom_id 
_pdbx_struct_sheet_hbond.range_1_auth_comp_id 
_pdbx_struct_sheet_hbond.range_1_auth_asym_id 
_pdbx_struct_sheet_hbond.range_1_auth_seq_id 
_pdbx_struct_sheet_hbond.range_2_label_atom_id 
_pdbx_struct_sheet_hbond.range_2_label_comp_id 
_pdbx_struct_sheet_hbond.range_2_label_asym_id 
_pdbx_struct_sheet_hbond.range_2_label_seq_id 
_pdbx_struct_sheet_hbond.range_2_PDB_ins_code 
_pdbx_struct_sheet_hbond.range_2_auth_atom_id 
_pdbx_struct_sheet_hbond.range_2_auth_comp_id 
_pdbx_struct_sheet_hbond.range_2_auth_asym_id 
_pdbx_struct_sheet_hbond.range_2_auth_seq_id 
AA1 1 2 O VAL A 55  ? O VAL A 54  N ILE A 32  ? N ILE A 31  
AA1 2 3 N ILE A 35  ? N ILE A 34  O LEU A 110 ? O LEU A 109 
AA1 3 4 O VAL A 113 ? O VAL A 112 N LEU A 83  ? N LEU A 82  
AA1 4 5 N VAL A 84  ? N VAL A 83  O HIS A 87  ? O HIS A 86  
# 
_pdbx_entry_details.entry_id                   7GAC 
_pdbx_entry_details.compound_details           ? 
_pdbx_entry_details.source_details             ? 
_pdbx_entry_details.nonpolymer_details         ? 
_pdbx_entry_details.sequence_details           ? 
_pdbx_entry_details.has_ligand_of_interest     Y 
_pdbx_entry_details.has_protein_modification   ? 
# 
loop_
_pdbx_validate_close_contact.id 
_pdbx_validate_close_contact.PDB_model_num 
_pdbx_validate_close_contact.auth_atom_id_1 
_pdbx_validate_close_contact.auth_asym_id_1 
_pdbx_validate_close_contact.auth_comp_id_1 
_pdbx_validate_close_contact.auth_seq_id_1 
_pdbx_validate_close_contact.PDB_ins_code_1 
_pdbx_validate_close_contact.label_alt_id_1 
_pdbx_validate_close_contact.auth_atom_id_2 
_pdbx_validate_close_contact.auth_asym_id_2 
_pdbx_validate_close_contact.auth_comp_id_2 
_pdbx_validate_close_contact.auth_seq_id_2 
_pdbx_validate_close_contact.PDB_ins_code_2 
_pdbx_validate_close_contact.label_alt_id_2 
_pdbx_validate_close_contact.dist 
1 1 O   A HOH 376 ? ? O  A HOH 379 ? ? 1.52 
2 1 O   A HOH 325 ? ? O  A HOH 384 ? ? 1.84 
3 1 O   A HOH 363 ? ? O  A HOH 369 ? ? 2.08 
4 1 OE2 A GLU 41  ? ? OG A SER 115 ? ? 2.09 
5 1 O   A HOH 345 ? ? O  A HOH 360 ? ? 2.09 
6 1 O   A HOH 368 ? ? O  A HOH 383 ? ? 2.12 
7 1 O   A HOH 358 ? ? O  A HOH 387 ? ? 2.16 
# 
_pdbx_validate_symm_contact.id                1 
_pdbx_validate_symm_contact.PDB_model_num     1 
_pdbx_validate_symm_contact.auth_atom_id_1    O 
_pdbx_validate_symm_contact.auth_asym_id_1    A 
_pdbx_validate_symm_contact.auth_comp_id_1    HOH 
_pdbx_validate_symm_contact.auth_seq_id_1     321 
_pdbx_validate_symm_contact.PDB_ins_code_1    ? 
_pdbx_validate_symm_contact.label_alt_id_1    ? 
_pdbx_validate_symm_contact.site_symmetry_1   1_555 
_pdbx_validate_symm_contact.auth_atom_id_2    O 
_pdbx_validate_symm_contact.auth_asym_id_2    A 
_pdbx_validate_symm_contact.auth_comp_id_2    HOH 
_pdbx_validate_symm_contact.auth_seq_id_2     370 
_pdbx_validate_symm_contact.PDB_ins_code_2    ? 
_pdbx_validate_symm_contact.label_alt_id_2    ? 
_pdbx_validate_symm_contact.site_symmetry_2   3_544 
_pdbx_validate_symm_contact.dist              2.16 
# 
_phasing.method   MR 
# 
loop_
_pdbx_unobs_or_zero_occ_residues.id 
_pdbx_unobs_or_zero_occ_residues.PDB_model_num 
_pdbx_unobs_or_zero_occ_residues.polymer_flag 
_pdbx_unobs_or_zero_occ_residues.occupancy_flag 
_pdbx_unobs_or_zero_occ_residues.auth_asym_id 
_pdbx_unobs_or_zero_occ_residues.auth_comp_id 
_pdbx_unobs_or_zero_occ_residues.auth_seq_id 
_pdbx_unobs_or_zero_occ_residues.PDB_ins_code 
_pdbx_unobs_or_zero_occ_residues.label_asym_id 
_pdbx_unobs_or_zero_occ_residues.label_comp_id 
_pdbx_unobs_or_zero_occ_residues.label_seq_id 
1 1 Y 1 A SER 0   ? A SER 1   
2 1 Y 1 A MET 1   ? A MET 2   
3 1 Y 1 A PRO 2   ? A PRO 3   
4 1 Y 1 A SER 3   ? A SER 4   
5 1 Y 1 A GLU 4   ? A GLU 5   
6 1 Y 1 A GLY 120 ? A GLY 121 
# 
loop_
_chem_comp_atom.comp_id 
_chem_comp_atom.atom_id 
_chem_comp_atom.type_symbol 
_chem_comp_atom.pdbx_aromatic_flag 
_chem_comp_atom.pdbx_stereo_config 
_chem_comp_atom.pdbx_ordinal 
ALA N    N  N N 1   
ALA CA   C  N S 2   
ALA C    C  N N 3   
ALA O    O  N N 4   
ALA CB   C  N N 5   
ALA OXT  O  N N 6   
ALA H    H  N N 7   
ALA H2   H  N N 8   
ALA HA   H  N N 9   
ALA HB1  H  N N 10  
ALA HB2  H  N N 11  
ALA HB3  H  N N 12  
ALA HXT  H  N N 13  
ARG N    N  N N 14  
ARG CA   C  N S 15  
ARG C    C  N N 16  
ARG O    O  N N 17  
ARG CB   C  N N 18  
ARG CG   C  N N 19  
ARG CD   C  N N 20  
ARG NE   N  N N 21  
ARG CZ   C  N N 22  
ARG NH1  N  N N 23  
ARG NH2  N  N N 24  
ARG OXT  O  N N 25  
ARG H    H  N N 26  
ARG H2   H  N N 27  
ARG HA   H  N N 28  
ARG HB2  H  N N 29  
ARG HB3  H  N N 30  
ARG HG2  H  N N 31  
ARG HG3  H  N N 32  
ARG HD2  H  N N 33  
ARG HD3  H  N N 34  
ARG HE   H  N N 35  
ARG HH11 H  N N 36  
ARG HH12 H  N N 37  
ARG HH21 H  N N 38  
ARG HH22 H  N N 39  
ARG HXT  H  N N 40  
ASN N    N  N N 41  
ASN CA   C  N S 42  
ASN C    C  N N 43  
ASN O    O  N N 44  
ASN CB   C  N N 45  
ASN CG   C  N N 46  
ASN OD1  O  N N 47  
ASN ND2  N  N N 48  
ASN OXT  O  N N 49  
ASN H    H  N N 50  
ASN H2   H  N N 51  
ASN HA   H  N N 52  
ASN HB2  H  N N 53  
ASN HB3  H  N N 54  
ASN HD21 H  N N 55  
ASN HD22 H  N N 56  
ASN HXT  H  N N 57  
ASP N    N  N N 58  
ASP CA   C  N S 59  
ASP C    C  N N 60  
ASP O    O  N N 61  
ASP CB   C  N N 62  
ASP CG   C  N N 63  
ASP OD1  O  N N 64  
ASP OD2  O  N N 65  
ASP OXT  O  N N 66  
ASP H    H  N N 67  
ASP H2   H  N N 68  
ASP HA   H  N N 69  
ASP HB2  H  N N 70  
ASP HB3  H  N N 71  
ASP HD2  H  N N 72  
ASP HXT  H  N N 73  
CL  CL   CL N N 74  
EDO C1   C  N N 75  
EDO O1   O  N N 76  
EDO C2   C  N N 77  
EDO O2   O  N N 78  
EDO H11  H  N N 79  
EDO H12  H  N N 80  
EDO HO1  H  N N 81  
EDO H21  H  N N 82  
EDO H22  H  N N 83  
EDO HO2  H  N N 84  
GLN N    N  N N 85  
GLN CA   C  N S 86  
GLN C    C  N N 87  
GLN O    O  N N 88  
GLN CB   C  N N 89  
GLN CG   C  N N 90  
GLN CD   C  N N 91  
GLN OE1  O  N N 92  
GLN NE2  N  N N 93  
GLN OXT  O  N N 94  
GLN H    H  N N 95  
GLN H2   H  N N 96  
GLN HA   H  N N 97  
GLN HB2  H  N N 98  
GLN HB3  H  N N 99  
GLN HG2  H  N N 100 
GLN HG3  H  N N 101 
GLN HE21 H  N N 102 
GLN HE22 H  N N 103 
GLN HXT  H  N N 104 
GLU N    N  N N 105 
GLU CA   C  N S 106 
GLU C    C  N N 107 
GLU O    O  N N 108 
GLU CB   C  N N 109 
GLU CG   C  N N 110 
GLU CD   C  N N 111 
GLU OE1  O  N N 112 
GLU OE2  O  N N 113 
GLU OXT  O  N N 114 
GLU H    H  N N 115 
GLU H2   H  N N 116 
GLU HA   H  N N 117 
GLU HB2  H  N N 118 
GLU HB3  H  N N 119 
GLU HG2  H  N N 120 
GLU HG3  H  N N 121 
GLU HE2  H  N N 122 
GLU HXT  H  N N 123 
GLY N    N  N N 124 
GLY CA   C  N N 125 
GLY C    C  N N 126 
GLY O    O  N N 127 
GLY OXT  O  N N 128 
GLY H    H  N N 129 
GLY H2   H  N N 130 
GLY HA2  H  N N 131 
GLY HA3  H  N N 132 
GLY HXT  H  N N 133 
HIS N    N  N N 134 
HIS CA   C  N S 135 
HIS C    C  N N 136 
HIS O    O  N N 137 
HIS CB   C  N N 138 
HIS CG   C  Y N 139 
HIS ND1  N  Y N 140 
HIS CD2  C  Y N 141 
HIS CE1  C  Y N 142 
HIS NE2  N  Y N 143 
HIS OXT  O  N N 144 
HIS H    H  N N 145 
HIS H2   H  N N 146 
HIS HA   H  N N 147 
HIS HB2  H  N N 148 
HIS HB3  H  N N 149 
HIS HD1  H  N N 150 
HIS HD2  H  N N 151 
HIS HE1  H  N N 152 
HIS HE2  H  N N 153 
HIS HXT  H  N N 154 
HOH O    O  N N 155 
HOH H1   H  N N 156 
HOH H2   H  N N 157 
ILE N    N  N N 158 
ILE CA   C  N S 159 
ILE C    C  N N 160 
ILE O    O  N N 161 
ILE CB   C  N S 162 
ILE CG1  C  N N 163 
ILE CG2  C  N N 164 
ILE CD1  C  N N 165 
ILE OXT  O  N N 166 
ILE H    H  N N 167 
ILE H2   H  N N 168 
ILE HA   H  N N 169 
ILE HB   H  N N 170 
ILE HG12 H  N N 171 
ILE HG13 H  N N 172 
ILE HG21 H  N N 173 
ILE HG22 H  N N 174 
ILE HG23 H  N N 175 
ILE HD11 H  N N 176 
ILE HD12 H  N N 177 
ILE HD13 H  N N 178 
ILE HXT  H  N N 179 
KF8 C10  C  Y N 180 
KF8 C13  C  Y N 181 
KF8 C15  C  Y N 182 
KF8 O01  O  N N 183 
KF8 C02  C  N N 184 
KF8 N03  N  N N 185 
KF8 C04  C  N S 186 
KF8 C05  C  N N 187 
KF8 C06  C  N N 188 
KF8 C07  C  N N 189 
KF8 N08  N  N N 190 
KF8 C09  C  N N 191 
KF8 C11  C  Y N 192 
KF8 C12  C  Y N 193 
KF8 C14  C  Y N 194 
KF8 H1   H  N N 195 
KF8 H2   H  N N 196 
KF8 H3   H  N N 197 
KF8 H4   H  N N 198 
KF8 H5   H  N N 199 
KF8 H6   H  N N 200 
KF8 H7   H  N N 201 
KF8 H8   H  N N 202 
KF8 H9   H  N N 203 
KF8 H10  H  N N 204 
KF8 H11  H  N N 205 
KF8 H13  H  N N 206 
KF8 H14  H  N N 207 
KF8 H15  H  N N 208 
KF8 H16  H  N N 209 
KF8 H17  H  N N 210 
LEU N    N  N N 211 
LEU CA   C  N S 212 
LEU C    C  N N 213 
LEU O    O  N N 214 
LEU CB   C  N N 215 
LEU CG   C  N N 216 
LEU CD1  C  N N 217 
LEU CD2  C  N N 218 
LEU OXT  O  N N 219 
LEU H    H  N N 220 
LEU H2   H  N N 221 
LEU HA   H  N N 222 
LEU HB2  H  N N 223 
LEU HB3  H  N N 224 
LEU HG   H  N N 225 
LEU HD11 H  N N 226 
LEU HD12 H  N N 227 
LEU HD13 H  N N 228 
LEU HD21 H  N N 229 
LEU HD22 H  N N 230 
LEU HD23 H  N N 231 
LEU HXT  H  N N 232 
LYS N    N  N N 233 
LYS CA   C  N S 234 
LYS C    C  N N 235 
LYS O    O  N N 236 
LYS CB   C  N N 237 
LYS CG   C  N N 238 
LYS CD   C  N N 239 
LYS CE   C  N N 240 
LYS NZ   N  N N 241 
LYS OXT  O  N N 242 
LYS H    H  N N 243 
LYS H2   H  N N 244 
LYS HA   H  N N 245 
LYS HB2  H  N N 246 
LYS HB3  H  N N 247 
LYS HG2  H  N N 248 
LYS HG3  H  N N 249 
LYS HD2  H  N N 250 
LYS HD3  H  N N 251 
LYS HE2  H  N N 252 
LYS HE3  H  N N 253 
LYS HZ1  H  N N 254 
LYS HZ2  H  N N 255 
LYS HZ3  H  N N 256 
LYS HXT  H  N N 257 
MET N    N  N N 258 
MET CA   C  N S 259 
MET C    C  N N 260 
MET O    O  N N 261 
MET CB   C  N N 262 
MET CG   C  N N 263 
MET SD   S  N N 264 
MET CE   C  N N 265 
MET OXT  O  N N 266 
MET H    H  N N 267 
MET H2   H  N N 268 
MET HA   H  N N 269 
MET HB2  H  N N 270 
MET HB3  H  N N 271 
MET HG2  H  N N 272 
MET HG3  H  N N 273 
MET HE1  H  N N 274 
MET HE2  H  N N 275 
MET HE3  H  N N 276 
MET HXT  H  N N 277 
PHE N    N  N N 278 
PHE CA   C  N S 279 
PHE C    C  N N 280 
PHE O    O  N N 281 
PHE CB   C  N N 282 
PHE CG   C  Y N 283 
PHE CD1  C  Y N 284 
PHE CD2  C  Y N 285 
PHE CE1  C  Y N 286 
PHE CE2  C  Y N 287 
PHE CZ   C  Y N 288 
PHE OXT  O  N N 289 
PHE H    H  N N 290 
PHE H2   H  N N 291 
PHE HA   H  N N 292 
PHE HB2  H  N N 293 
PHE HB3  H  N N 294 
PHE HD1  H  N N 295 
PHE HD2  H  N N 296 
PHE HE1  H  N N 297 
PHE HE2  H  N N 298 
PHE HZ   H  N N 299 
PHE HXT  H  N N 300 
PRO N    N  N N 301 
PRO CA   C  N S 302 
PRO C    C  N N 303 
PRO O    O  N N 304 
PRO CB   C  N N 305 
PRO CG   C  N N 306 
PRO CD   C  N N 307 
PRO OXT  O  N N 308 
PRO H    H  N N 309 
PRO HA   H  N N 310 
PRO HB2  H  N N 311 
PRO HB3  H  N N 312 
PRO HG2  H  N N 313 
PRO HG3  H  N N 314 
PRO HD2  H  N N 315 
PRO HD3  H  N N 316 
PRO HXT  H  N N 317 
SER N    N  N N 318 
SER CA   C  N S 319 
SER C    C  N N 320 
SER O    O  N N 321 
SER CB   C  N N 322 
SER OG   O  N N 323 
SER OXT  O  N N 324 
SER H    H  N N 325 
SER H2   H  N N 326 
SER HA   H  N N 327 
SER HB2  H  N N 328 
SER HB3  H  N N 329 
SER HG   H  N N 330 
SER HXT  H  N N 331 
THR N    N  N N 332 
THR CA   C  N S 333 
THR C    C  N N 334 
THR O    O  N N 335 
THR CB   C  N R 336 
THR OG1  O  N N 337 
THR CG2  C  N N 338 
THR OXT  O  N N 339 
THR H    H  N N 340 
THR H2   H  N N 341 
THR HA   H  N N 342 
THR HB   H  N N 343 
THR HG1  H  N N 344 
THR HG21 H  N N 345 
THR HG22 H  N N 346 
THR HG23 H  N N 347 
THR HXT  H  N N 348 
TYR N    N  N N 349 
TYR CA   C  N S 350 
TYR C    C  N N 351 
TYR O    O  N N 352 
TYR CB   C  N N 353 
TYR CG   C  Y N 354 
TYR CD1  C  Y N 355 
TYR CD2  C  Y N 356 
TYR CE1  C  Y N 357 
TYR CE2  C  Y N 358 
TYR CZ   C  Y N 359 
TYR OH   O  N N 360 
TYR OXT  O  N N 361 
TYR H    H  N N 362 
TYR H2   H  N N 363 
TYR HA   H  N N 364 
TYR HB2  H  N N 365 
TYR HB3  H  N N 366 
TYR HD1  H  N N 367 
TYR HD2  H  N N 368 
TYR HE1  H  N N 369 
TYR HE2  H  N N 370 
TYR HH   H  N N 371 
TYR HXT  H  N N 372 
VAL N    N  N N 373 
VAL CA   C  N S 374 
VAL C    C  N N 375 
VAL O    O  N N 376 
VAL CB   C  N N 377 
VAL CG1  C  N N 378 
VAL CG2  C  N N 379 
VAL OXT  O  N N 380 
VAL H    H  N N 381 
VAL H2   H  N N 382 
VAL HA   H  N N 383 
VAL HB   H  N N 384 
VAL HG11 H  N N 385 
VAL HG12 H  N N 386 
VAL HG13 H  N N 387 
VAL HG21 H  N N 388 
VAL HG22 H  N N 389 
VAL HG23 H  N N 390 
VAL HXT  H  N N 391 
# 
loop_
_chem_comp_bond.comp_id 
_chem_comp_bond.atom_id_1 
_chem_comp_bond.atom_id_2 
_chem_comp_bond.value_order 
_chem_comp_bond.pdbx_aromatic_flag 
_chem_comp_bond.pdbx_stereo_config 
_chem_comp_bond.pdbx_ordinal 
ALA N   CA   sing N N 1   
ALA N   H    sing N N 2   
ALA N   H2   sing N N 3   
ALA CA  C    sing N N 4   
ALA CA  CB   sing N N 5   
ALA CA  HA   sing N N 6   
ALA C   O    doub N N 7   
ALA C   OXT  sing N N 8   
ALA CB  HB1  sing N N 9   
ALA CB  HB2  sing N N 10  
ALA CB  HB3  sing N N 11  
ALA OXT HXT  sing N N 12  
ARG N   CA   sing N N 13  
ARG N   H    sing N N 14  
ARG N   H2   sing N N 15  
ARG CA  C    sing N N 16  
ARG CA  CB   sing N N 17  
ARG CA  HA   sing N N 18  
ARG C   O    doub N N 19  
ARG C   OXT  sing N N 20  
ARG CB  CG   sing N N 21  
ARG CB  HB2  sing N N 22  
ARG CB  HB3  sing N N 23  
ARG CG  CD   sing N N 24  
ARG CG  HG2  sing N N 25  
ARG CG  HG3  sing N N 26  
ARG CD  NE   sing N N 27  
ARG CD  HD2  sing N N 28  
ARG CD  HD3  sing N N 29  
ARG NE  CZ   sing N N 30  
ARG NE  HE   sing N N 31  
ARG CZ  NH1  sing N N 32  
ARG CZ  NH2  doub N N 33  
ARG NH1 HH11 sing N N 34  
ARG NH1 HH12 sing N N 35  
ARG NH2 HH21 sing N N 36  
ARG NH2 HH22 sing N N 37  
ARG OXT HXT  sing N N 38  
ASN N   CA   sing N N 39  
ASN N   H    sing N N 40  
ASN N   H2   sing N N 41  
ASN CA  C    sing N N 42  
ASN CA  CB   sing N N 43  
ASN CA  HA   sing N N 44  
ASN C   O    doub N N 45  
ASN C   OXT  sing N N 46  
ASN CB  CG   sing N N 47  
ASN CB  HB2  sing N N 48  
ASN CB  HB3  sing N N 49  
ASN CG  OD1  doub N N 50  
ASN CG  ND2  sing N N 51  
ASN ND2 HD21 sing N N 52  
ASN ND2 HD22 sing N N 53  
ASN OXT HXT  sing N N 54  
ASP N   CA   sing N N 55  
ASP N   H    sing N N 56  
ASP N   H2   sing N N 57  
ASP CA  C    sing N N 58  
ASP CA  CB   sing N N 59  
ASP CA  HA   sing N N 60  
ASP C   O    doub N N 61  
ASP C   OXT  sing N N 62  
ASP CB  CG   sing N N 63  
ASP CB  HB2  sing N N 64  
ASP CB  HB3  sing N N 65  
ASP CG  OD1  doub N N 66  
ASP CG  OD2  sing N N 67  
ASP OD2 HD2  sing N N 68  
ASP OXT HXT  sing N N 69  
EDO C1  O1   sing N N 70  
EDO C1  C2   sing N N 71  
EDO C1  H11  sing N N 72  
EDO C1  H12  sing N N 73  
EDO O1  HO1  sing N N 74  
EDO C2  O2   sing N N 75  
EDO C2  H21  sing N N 76  
EDO C2  H22  sing N N 77  
EDO O2  HO2  sing N N 78  
GLN N   CA   sing N N 79  
GLN N   H    sing N N 80  
GLN N   H2   sing N N 81  
GLN CA  C    sing N N 82  
GLN CA  CB   sing N N 83  
GLN CA  HA   sing N N 84  
GLN C   O    doub N N 85  
GLN C   OXT  sing N N 86  
GLN CB  CG   sing N N 87  
GLN CB  HB2  sing N N 88  
GLN CB  HB3  sing N N 89  
GLN CG  CD   sing N N 90  
GLN CG  HG2  sing N N 91  
GLN CG  HG3  sing N N 92  
GLN CD  OE1  doub N N 93  
GLN CD  NE2  sing N N 94  
GLN NE2 HE21 sing N N 95  
GLN NE2 HE22 sing N N 96  
GLN OXT HXT  sing N N 97  
GLU N   CA   sing N N 98  
GLU N   H    sing N N 99  
GLU N   H2   sing N N 100 
GLU CA  C    sing N N 101 
GLU CA  CB   sing N N 102 
GLU CA  HA   sing N N 103 
GLU C   O    doub N N 104 
GLU C   OXT  sing N N 105 
GLU CB  CG   sing N N 106 
GLU CB  HB2  sing N N 107 
GLU CB  HB3  sing N N 108 
GLU CG  CD   sing N N 109 
GLU CG  HG2  sing N N 110 
GLU CG  HG3  sing N N 111 
GLU CD  OE1  doub N N 112 
GLU CD  OE2  sing N N 113 
GLU OE2 HE2  sing N N 114 
GLU OXT HXT  sing N N 115 
GLY N   CA   sing N N 116 
GLY N   H    sing N N 117 
GLY N   H2   sing N N 118 
GLY CA  C    sing N N 119 
GLY CA  HA2  sing N N 120 
GLY CA  HA3  sing N N 121 
GLY C   O    doub N N 122 
GLY C   OXT  sing N N 123 
GLY OXT HXT  sing N N 124 
HIS N   CA   sing N N 125 
HIS N   H    sing N N 126 
HIS N   H2   sing N N 127 
HIS CA  C    sing N N 128 
HIS CA  CB   sing N N 129 
HIS CA  HA   sing N N 130 
HIS C   O    doub N N 131 
HIS C   OXT  sing N N 132 
HIS CB  CG   sing N N 133 
HIS CB  HB2  sing N N 134 
HIS CB  HB3  sing N N 135 
HIS CG  ND1  sing Y N 136 
HIS CG  CD2  doub Y N 137 
HIS ND1 CE1  doub Y N 138 
HIS ND1 HD1  sing N N 139 
HIS CD2 NE2  sing Y N 140 
HIS CD2 HD2  sing N N 141 
HIS CE1 NE2  sing Y N 142 
HIS CE1 HE1  sing N N 143 
HIS NE2 HE2  sing N N 144 
HIS OXT HXT  sing N N 145 
HOH O   H1   sing N N 146 
HOH O   H2   sing N N 147 
ILE N   CA   sing N N 148 
ILE N   H    sing N N 149 
ILE N   H2   sing N N 150 
ILE CA  C    sing N N 151 
ILE CA  CB   sing N N 152 
ILE CA  HA   sing N N 153 
ILE C   O    doub N N 154 
ILE C   OXT  sing N N 155 
ILE CB  CG1  sing N N 156 
ILE CB  CG2  sing N N 157 
ILE CB  HB   sing N N 158 
ILE CG1 CD1  sing N N 159 
ILE CG1 HG12 sing N N 160 
ILE CG1 HG13 sing N N 161 
ILE CG2 HG21 sing N N 162 
ILE CG2 HG22 sing N N 163 
ILE CG2 HG23 sing N N 164 
ILE CD1 HD11 sing N N 165 
ILE CD1 HD12 sing N N 166 
ILE CD1 HD13 sing N N 167 
ILE OXT HXT  sing N N 168 
KF8 C05 C06  sing N N 169 
KF8 C05 C04  sing N N 170 
KF8 C15 C14  doub Y N 171 
KF8 C15 C10  sing Y N 172 
KF8 C06 C07  sing N N 173 
KF8 O01 C02  doub N N 174 
KF8 C14 C13  sing Y N 175 
KF8 C02 N03  sing N N 176 
KF8 C02 C10  sing N N 177 
KF8 C07 N08  sing N N 178 
KF8 N03 C04  sing N N 179 
KF8 C10 C11  doub Y N 180 
KF8 C04 C09  sing N N 181 
KF8 C09 N08  sing N N 182 
KF8 C13 C12  doub Y N 183 
KF8 C11 C12  sing Y N 184 
KF8 C13 H1   sing N N 185 
KF8 C15 H2   sing N N 186 
KF8 N03 H3   sing N N 187 
KF8 C04 H4   sing N N 188 
KF8 C05 H5   sing N N 189 
KF8 C05 H6   sing N N 190 
KF8 C06 H7   sing N N 191 
KF8 C06 H8   sing N N 192 
KF8 C07 H9   sing N N 193 
KF8 C07 H10  sing N N 194 
KF8 N08 H11  sing N N 195 
KF8 C09 H13  sing N N 196 
KF8 C09 H14  sing N N 197 
KF8 C11 H15  sing N N 198 
KF8 C12 H16  sing N N 199 
KF8 C14 H17  sing N N 200 
LEU N   CA   sing N N 201 
LEU N   H    sing N N 202 
LEU N   H2   sing N N 203 
LEU CA  C    sing N N 204 
LEU CA  CB   sing N N 205 
LEU CA  HA   sing N N 206 
LEU C   O    doub N N 207 
LEU C   OXT  sing N N 208 
LEU CB  CG   sing N N 209 
LEU CB  HB2  sing N N 210 
LEU CB  HB3  sing N N 211 
LEU CG  CD1  sing N N 212 
LEU CG  CD2  sing N N 213 
LEU CG  HG   sing N N 214 
LEU CD1 HD11 sing N N 215 
LEU CD1 HD12 sing N N 216 
LEU CD1 HD13 sing N N 217 
LEU CD2 HD21 sing N N 218 
LEU CD2 HD22 sing N N 219 
LEU CD2 HD23 sing N N 220 
LEU OXT HXT  sing N N 221 
LYS N   CA   sing N N 222 
LYS N   H    sing N N 223 
LYS N   H2   sing N N 224 
LYS CA  C    sing N N 225 
LYS CA  CB   sing N N 226 
LYS CA  HA   sing N N 227 
LYS C   O    doub N N 228 
LYS C   OXT  sing N N 229 
LYS CB  CG   sing N N 230 
LYS CB  HB2  sing N N 231 
LYS CB  HB3  sing N N 232 
LYS CG  CD   sing N N 233 
LYS CG  HG2  sing N N 234 
LYS CG  HG3  sing N N 235 
LYS CD  CE   sing N N 236 
LYS CD  HD2  sing N N 237 
LYS CD  HD3  sing N N 238 
LYS CE  NZ   sing N N 239 
LYS CE  HE2  sing N N 240 
LYS CE  HE3  sing N N 241 
LYS NZ  HZ1  sing N N 242 
LYS NZ  HZ2  sing N N 243 
LYS NZ  HZ3  sing N N 244 
LYS OXT HXT  sing N N 245 
MET N   CA   sing N N 246 
MET N   H    sing N N 247 
MET N   H2   sing N N 248 
MET CA  C    sing N N 249 
MET CA  CB   sing N N 250 
MET CA  HA   sing N N 251 
MET C   O    doub N N 252 
MET C   OXT  sing N N 253 
MET CB  CG   sing N N 254 
MET CB  HB2  sing N N 255 
MET CB  HB3  sing N N 256 
MET CG  SD   sing N N 257 
MET CG  HG2  sing N N 258 
MET CG  HG3  sing N N 259 
MET SD  CE   sing N N 260 
MET CE  HE1  sing N N 261 
MET CE  HE2  sing N N 262 
MET CE  HE3  sing N N 263 
MET OXT HXT  sing N N 264 
PHE N   CA   sing N N 265 
PHE N   H    sing N N 266 
PHE N   H2   sing N N 267 
PHE CA  C    sing N N 268 
PHE CA  CB   sing N N 269 
PHE CA  HA   sing N N 270 
PHE C   O    doub N N 271 
PHE C   OXT  sing N N 272 
PHE CB  CG   sing N N 273 
PHE CB  HB2  sing N N 274 
PHE CB  HB3  sing N N 275 
PHE CG  CD1  doub Y N 276 
PHE CG  CD2  sing Y N 277 
PHE CD1 CE1  sing Y N 278 
PHE CD1 HD1  sing N N 279 
PHE CD2 CE2  doub Y N 280 
PHE CD2 HD2  sing N N 281 
PHE CE1 CZ   doub Y N 282 
PHE CE1 HE1  sing N N 283 
PHE CE2 CZ   sing Y N 284 
PHE CE2 HE2  sing N N 285 
PHE CZ  HZ   sing N N 286 
PHE OXT HXT  sing N N 287 
PRO N   CA   sing N N 288 
PRO N   CD   sing N N 289 
PRO N   H    sing N N 290 
PRO CA  C    sing N N 291 
PRO CA  CB   sing N N 292 
PRO CA  HA   sing N N 293 
PRO C   O    doub N N 294 
PRO C   OXT  sing N N 295 
PRO CB  CG   sing N N 296 
PRO CB  HB2  sing N N 297 
PRO CB  HB3  sing N N 298 
PRO CG  CD   sing N N 299 
PRO CG  HG2  sing N N 300 
PRO CG  HG3  sing N N 301 
PRO CD  HD2  sing N N 302 
PRO CD  HD3  sing N N 303 
PRO OXT HXT  sing N N 304 
SER N   CA   sing N N 305 
SER N   H    sing N N 306 
SER N   H2   sing N N 307 
SER CA  C    sing N N 308 
SER CA  CB   sing N N 309 
SER CA  HA   sing N N 310 
SER C   O    doub N N 311 
SER C   OXT  sing N N 312 
SER CB  OG   sing N N 313 
SER CB  HB2  sing N N 314 
SER CB  HB3  sing N N 315 
SER OG  HG   sing N N 316 
SER OXT HXT  sing N N 317 
THR N   CA   sing N N 318 
THR N   H    sing N N 319 
THR N   H2   sing N N 320 
THR CA  C    sing N N 321 
THR CA  CB   sing N N 322 
THR CA  HA   sing N N 323 
THR C   O    doub N N 324 
THR C   OXT  sing N N 325 
THR CB  OG1  sing N N 326 
THR CB  CG2  sing N N 327 
THR CB  HB   sing N N 328 
THR OG1 HG1  sing N N 329 
THR CG2 HG21 sing N N 330 
THR CG2 HG22 sing N N 331 
THR CG2 HG23 sing N N 332 
THR OXT HXT  sing N N 333 
TYR N   CA   sing N N 334 
TYR N   H    sing N N 335 
TYR N   H2   sing N N 336 
TYR CA  C    sing N N 337 
TYR CA  CB   sing N N 338 
TYR CA  HA   sing N N 339 
TYR C   O    doub N N 340 
TYR C   OXT  sing N N 341 
TYR CB  CG   sing N N 342 
TYR CB  HB2  sing N N 343 
TYR CB  HB3  sing N N 344 
TYR CG  CD1  doub Y N 345 
TYR CG  CD2  sing Y N 346 
TYR CD1 CE1  sing Y N 347 
TYR CD1 HD1  sing N N 348 
TYR CD2 CE2  doub Y N 349 
TYR CD2 HD2  sing N N 350 
TYR CE1 CZ   doub Y N 351 
TYR CE1 HE1  sing N N 352 
TYR CE2 CZ   sing Y N 353 
TYR CE2 HE2  sing N N 354 
TYR CZ  OH   sing N N 355 
TYR OH  HH   sing N N 356 
TYR OXT HXT  sing N N 357 
VAL N   CA   sing N N 358 
VAL N   H    sing N N 359 
VAL N   H2   sing N N 360 
VAL CA  C    sing N N 361 
VAL CA  CB   sing N N 362 
VAL CA  HA   sing N N 363 
VAL C   O    doub N N 364 
VAL C   OXT  sing N N 365 
VAL CB  CG1  sing N N 366 
VAL CB  CG2  sing N N 367 
VAL CB  HB   sing N N 368 
VAL CG1 HG11 sing N N 369 
VAL CG1 HG12 sing N N 370 
VAL CG1 HG13 sing N N 371 
VAL CG2 HG21 sing N N 372 
VAL CG2 HG22 sing N N 373 
VAL CG2 HG23 sing N N 374 
VAL OXT HXT  sing N N 375 
# 
_pdbx_audit_support.ordinal                1 
_pdbx_audit_support.funding_organization   'European Union (EU)' 
_pdbx_audit_support.grant_number           875510 
_pdbx_audit_support.country                'European Union' 
# 
_pdbx_deposit_group.group_id            G_1002273 
_pdbx_deposit_group.group_description   
;MAP1LC3B screened against the DSi-poised Fragment Library by X-ray Crystallography at the XChem facility of Diamond Light Source beamline I04-1
;
_pdbx_deposit_group.group_title         'PanDDA analysis group deposition' 
_pdbx_deposit_group.group_type          'changed state' 
# 
_atom_sites.entry_id                    7GAC 
_atom_sites.fract_transf_matrix[1][1]   -0.00264060 
_atom_sites.fract_transf_matrix[1][2]   0.00995023 
_atom_sites.fract_transf_matrix[1][3]   -0.01289074 
_atom_sites.fract_transf_matrix[2][1]   -0.00756211 
_atom_sites.fract_transf_matrix[2][2]   0.01081635 
_atom_sites.fract_transf_matrix[2][3]   0.00989808 
_atom_sites.fract_transf_matrix[3][1]   0.02438627 
_atom_sites.fract_transf_matrix[3][2]   0.01267064 
_atom_sites.fract_transf_matrix[3][3]   0.00478494 
_atom_sites.fract_transf_vector[1]      0.187000 
_atom_sites.fract_transf_vector[2]      -0.379643 
_atom_sites.fract_transf_vector[3]      0.024035 
# 
loop_
_atom_type.symbol 
C  
CL 
N  
O  
S  
# 
loop_
_atom_site.group_PDB 
_atom_site.id 
_atom_site.type_symbol 
_atom_site.label_atom_id 
_atom_site.label_alt_id 
_atom_site.label_comp_id 
_atom_site.label_asym_id 
_atom_site.label_entity_id 
_atom_site.label_seq_id 
_atom_site.pdbx_PDB_ins_code 
_atom_site.Cartn_x 
_atom_site.Cartn_y 
_atom_site.Cartn_z 
_atom_site.occupancy 
_atom_site.B_iso_or_equiv 
_atom_site.pdbx_formal_charge 
_atom_site.auth_seq_id 
_atom_site.auth_comp_id 
_atom_site.auth_asym_id 
_atom_site.auth_atom_id 
_atom_site.pdbx_PDB_model_num 
ATOM   1    N  N   . LYS A 1 6   ? -11.790 -5.675  10.851  1.00 91.24  ? 5   LYS A N   1 
ATOM   2    C  CA  . LYS A 1 6   ? -11.219 -4.289  10.709  1.00 100.98 ? 5   LYS A CA  1 
ATOM   3    C  C   . LYS A 1 6   ? -10.149 -4.237  9.604   1.00 92.19  ? 5   LYS A C   1 
ATOM   4    O  O   . LYS A 1 6   ? -10.326 -3.411  8.698   1.00 93.81  ? 5   LYS A O   1 
ATOM   5    C  CB  . LYS A 1 6   ? -10.637 -3.787  12.033  1.00 105.20 ? 5   LYS A CB  1 
ATOM   6    C  CG  . LYS A 1 6   ? -11.545 -2.852  12.814  1.00 109.64 ? 5   LYS A CG  1 
ATOM   7    C  CD  . LYS A 1 6   ? -11.888 -1.582  12.067  1.00 113.39 ? 5   LYS A CD  1 
ATOM   8    C  CE  . LYS A 1 6   ? -11.894 -0.361  12.961  1.00 119.15 ? 5   LYS A CE  1 
ATOM   9    N  NZ  . LYS A 1 6   ? -12.657 -0.603  14.210  1.00 128.55 ? 5   LYS A NZ  1 
ATOM   10   N  N   . THR A 1 7   ? -9.083  -5.052  9.676   1.00 82.64  ? 6   THR A N   1 
ATOM   11   C  CA  . THR A 1 7   ? -8.014  -5.130  8.633   1.00 76.13  ? 6   THR A CA  1 
ATOM   12   C  C   . THR A 1 7   ? -8.536  -5.904  7.423   1.00 67.92  ? 6   THR A C   1 
ATOM   13   O  O   . THR A 1 7   ? -9.426  -6.754  7.597   1.00 74.23  ? 6   THR A O   1 
ATOM   14   C  CB  . THR A 1 7   ? -6.695  -5.769  9.104   1.00 74.62  ? 6   THR A CB  1 
ATOM   15   O  OG1 . THR A 1 7   ? -6.809  -7.195  9.094   1.00 63.53  ? 6   THR A OG1 1 
ATOM   16   C  CG2 . THR A 1 7   ? -6.245  -5.278  10.465  1.00 80.50  ? 6   THR A CG2 1 
ATOM   17   N  N   . PHE A 1 8   ? -7.953  -5.647  6.251   1.00 58.73  ? 7   PHE A N   1 
ATOM   18   C  CA  . PHE A 1 8   ? -8.338  -6.252  4.953   1.00 56.38  ? 7   PHE A CA  1 
ATOM   19   C  C   . PHE A 1 8   ? -8.392  -7.776  5.056   1.00 50.76  ? 7   PHE A C   1 
ATOM   20   O  O   . PHE A 1 8   ? -9.361  -8.366  4.535   1.00 56.39  ? 7   PHE A O   1 
ATOM   21   C  CB  . PHE A 1 8   ? -7.338  -5.884  3.852   1.00 49.46  ? 7   PHE A CB  1 
ATOM   22   C  CG  . PHE A 1 8   ? -7.785  -6.282  2.476   1.00 49.02  ? 7   PHE A CG  1 
ATOM   23   C  CD1 . PHE A 1 8   ? -8.934  -5.731  1.925   1.00 53.05  ? 7   PHE A CD1 1 
ATOM   24   C  CD2 . PHE A 1 8   ? -7.069  -7.198  1.729   1.00 44.34  ? 7   PHE A CD2 1 
ATOM   25   C  CE1 . PHE A 1 8   ? -9.322  -6.057  0.633   1.00 53.03  ? 7   PHE A CE1 1 
ATOM   26   C  CE2 . PHE A 1 8   ? -7.465  -7.530  0.443   1.00 48.88  ? 7   PHE A CE2 1 
ATOM   27   C  CZ  . PHE A 1 8   ? -8.601  -6.970  -0.100  1.00 51.28  ? 7   PHE A CZ  1 
ATOM   28   N  N   . LYS A 1 9   ? -7.338  -8.384  5.620   1.00 53.42  ? 8   LYS A N   1 
ATOM   29   C  CA  . LYS A 1 9   ? -7.142  -9.860  5.657   1.00 56.71  ? 8   LYS A CA  1 
ATOM   30   C  C   . LYS A 1 9   ? -8.194  -10.514 6.564   1.00 64.15  ? 8   LYS A C   1 
ATOM   31   O  O   . LYS A 1 9   ? -8.485  -11.716 6.376   1.00 63.49  ? 8   LYS A O   1 
ATOM   32   C  CB  . LYS A 1 9   ? -5.739  -10.217 6.158   1.00 53.69  ? 8   LYS A CB  1 
ATOM   33   C  CG  . LYS A 1 9   ? -4.657  -10.164 5.093   1.00 56.37  ? 8   LYS A CG  1 
ATOM   34   C  CD  . LYS A 1 9   ? -3.413  -10.918 5.458   1.00 58.10  ? 8   LYS A CD  1 
ATOM   35   C  CE  . LYS A 1 9   ? -2.382  -10.849 4.354   1.00 61.72  ? 8   LYS A CE  1 
ATOM   36   N  NZ  . LYS A 1 9   ? -1.159  -11.599 4.698   1.00 67.35  ? 8   LYS A NZ  1 
ATOM   37   N  N   . GLN A 1 10  ? -8.704  -9.755  7.534   1.00 62.76  ? 9   GLN A N   1 
ATOM   38   C  CA  . GLN A 1 10  ? -9.858  -10.132 8.388   1.00 67.35  ? 9   GLN A CA  1 
ATOM   39   C  C   . GLN A 1 10  ? -11.148 -10.228 7.554   1.00 64.92  ? 9   GLN A C   1 
ATOM   40   O  O   . GLN A 1 10  ? -11.863 -11.233 7.680   1.00 64.17  ? 9   GLN A O   1 
ATOM   41   C  CB  . GLN A 1 10  ? -9.942  -9.159  9.564   1.00 62.24  ? 9   GLN A CB  1 
ATOM   42   C  CG  . GLN A 1 10  ? -8.744  -9.325  10.500  1.00 70.18  ? 9   GLN A CG  1 
ATOM   43   C  CD  . GLN A 1 10  ? -8.658  -8.341  11.642  1.00 72.96  ? 9   GLN A CD  1 
ATOM   44   O  OE1 . GLN A 1 10  ? -9.228  -7.253  11.610  1.00 73.63  ? 9   GLN A OE1 1 
ATOM   45   N  NE2 . GLN A 1 10  ? -7.915  -8.720  12.673  1.00 76.79  ? 9   GLN A NE2 1 
ATOM   46   N  N   A ARG A 1 11  ? -11.406 -9.223  6.706   0.34 62.94  ? 10  ARG A N   1 
ATOM   47   N  N   B ARG A 1 11  ? -11.407 -9.227  6.706   0.17 63.19  ? 10  ARG A N   1 
ATOM   48   C  CA  A ARG A 1 11  ? -12.700 -9.004  5.998   0.34 59.47  ? 10  ARG A CA  1 
ATOM   49   C  CA  B ARG A 1 11  ? -12.708 -9.017  6.013   0.17 60.86  ? 10  ARG A CA  1 
ATOM   50   C  C   A ARG A 1 11  ? -12.889 -10.017 4.861   0.34 62.78  ? 10  ARG A C   1 
ATOM   51   C  C   B ARG A 1 11  ? -12.890 -10.011 4.857   0.17 62.30  ? 10  ARG A C   1 
ATOM   52   O  O   A ARG A 1 11  ? -14.062 -10.340 4.562   0.34 64.31  ? 10  ARG A O   1 
ATOM   53   O  O   B ARG A 1 11  ? -14.061 -10.324 4.549   0.17 62.89  ? 10  ARG A O   1 
ATOM   54   C  CB  A ARG A 1 11  ? -12.770 -7.575  5.448   0.34 63.52  ? 10  ARG A CB  1 
ATOM   55   C  CB  B ARG A 1 11  ? -12.802 -7.572  5.517   0.17 62.51  ? 10  ARG A CB  1 
ATOM   56   C  CG  A ARG A 1 11  ? -12.673 -6.488  6.511   0.34 65.39  ? 10  ARG A CG  1 
ATOM   57   C  CG  B ARG A 1 11  ? -12.882 -6.540  6.633   0.17 63.19  ? 10  ARG A CG  1 
ATOM   58   C  CD  A ARG A 1 11  ? -13.055 -5.113  5.993   0.34 69.79  ? 10  ARG A CD  1 
ATOM   59   C  CD  B ARG A 1 11  ? -13.032 -5.131  6.094   0.17 64.55  ? 10  ARG A CD  1 
ATOM   60   N  NE  A ARG A 1 11  ? -11.910 -4.252  5.720   0.34 69.54  ? 10  ARG A NE  1 
ATOM   61   N  NE  B ARG A 1 11  ? -11.923 -4.256  6.448   0.17 64.04  ? 10  ARG A NE  1 
ATOM   62   C  CZ  A ARG A 1 11  ? -11.562 -3.829  4.513   0.34 69.82  ? 10  ARG A CZ  1 
ATOM   63   C  CZ  B ARG A 1 11  ? -11.459 -3.287  5.672   0.17 61.95  ? 10  ARG A CZ  1 
ATOM   64   N  NH1 A ARG A 1 11  ? -12.277 -4.183  3.458   0.34 72.67  ? 10  ARG A NH1 1 
ATOM   65   N  NH1 B ARG A 1 11  ? -11.993 -3.087  4.481   0.17 64.95  ? 10  ARG A NH1 1 
ATOM   66   N  NH2 A ARG A 1 11  ? -10.509 -3.045  4.365   0.34 69.05  ? 10  ARG A NH2 1 
ATOM   67   N  NH2 B ARG A 1 11  ? -10.456 -2.533  6.079   0.17 60.05  ? 10  ARG A NH2 1 
ATOM   68   N  N   . ARG A 1 12  ? -11.801 -10.483 4.233   1.00 59.63  ? 11  ARG A N   1 
ATOM   69   C  CA  . ARG A 1 12  ? -11.899 -11.387 3.041   1.00 64.46  ? 11  ARG A CA  1 
ATOM   70   C  C   . ARG A 1 12  ? -11.109 -12.689 3.255   1.00 60.42  ? 11  ARG A C   1 
ATOM   71   O  O   . ARG A 1 12  ? -9.954  -12.615 3.709   1.00 58.75  ? 11  ARG A O   1 
ATOM   72   C  CB  . ARG A 1 12  ? -11.441 -10.667 1.758   1.00 70.93  ? 11  ARG A CB  1 
ATOM   73   C  CG  . ARG A 1 12  ? -12.103 -9.320  1.472   1.00 77.56  ? 11  ARG A CG  1 
ATOM   74   C  CD  . ARG A 1 12  ? -13.540 -9.333  0.947   1.00 93.58  ? 11  ARG A CD  1 
ATOM   75   N  NE  . ARG A 1 12  ? -13.728 -9.893  -0.389  1.00 106.40 ? 11  ARG A NE  1 
ATOM   76   C  CZ  . ARG A 1 12  ? -14.897 -9.967  -1.036  1.00 122.34 ? 11  ARG A CZ  1 
ATOM   77   N  NH1 . ARG A 1 12  ? -16.010 -9.507  -0.484  1.00 125.01 ? 11  ARG A NH1 1 
ATOM   78   N  NH2 . ARG A 1 12  ? -14.948 -10.507 -2.245  1.00 125.63 ? 11  ARG A NH2 1 
ATOM   79   N  N   . THR A 1 13  ? -11.705 -13.824 2.860   1.00 58.62  ? 12  THR A N   1 
ATOM   80   C  CA  . THR A 1 13  ? -11.076 -15.173 2.828   1.00 52.24  ? 12  THR A CA  1 
ATOM   81   C  C   . THR A 1 13  ? -9.865  -15.132 1.882   1.00 57.46  ? 12  THR A C   1 
ATOM   82   O  O   . THR A 1 13  ? -9.841  -14.323 0.939   1.00 55.38  ? 12  THR A O   1 
ATOM   83   C  CB  . THR A 1 13  ? -12.033 -16.268 2.352   1.00 50.76  ? 12  THR A CB  1 
ATOM   84   O  OG1 . THR A 1 13  ? -12.280 -16.150 0.954   1.00 59.55  ? 12  THR A OG1 1 
ATOM   85   C  CG2 . THR A 1 13  ? -13.369 -16.271 3.056   1.00 60.18  ? 12  THR A CG2 1 
ATOM   86   N  N   . PHE A 1 14  ? -8.888  -15.990 2.088   1.00 49.83  ? 13  PHE A N   1 
ATOM   87   C  CA  . PHE A 1 14  ? -7.689  -16.016 1.224   1.00 56.50  ? 13  PHE A CA  1 
ATOM   88   C  C   . PHE A 1 14  ? -8.180  -16.264 -0.209  1.00 59.52  ? 13  PHE A C   1 
ATOM   89   O  O   . PHE A 1 14  ? -7.582  -15.704 -1.140  1.00 55.65  ? 13  PHE A O   1 
ATOM   90   C  CB  . PHE A 1 14  ? -6.666  -17.028 1.758   1.00 46.31  ? 13  PHE A CB  1 
ATOM   91   C  CG  . PHE A 1 14  ? -5.514  -17.298 0.834   1.00 40.36  ? 13  PHE A CG  1 
ATOM   92   C  CD1 . PHE A 1 14  ? -4.328  -16.602 0.981   1.00 48.82  ? 13  PHE A CD1 1 
ATOM   93   C  CD2 . PHE A 1 14  ? -5.605  -18.258 -0.159  1.00 46.78  ? 13  PHE A CD2 1 
ATOM   94   C  CE1 . PHE A 1 14  ? -3.259  -16.845 0.138   1.00 49.45  ? 13  PHE A CE1 1 
ATOM   95   C  CE2 . PHE A 1 14  ? -4.530  -18.504 -1.004  1.00 48.42  ? 13  PHE A CE2 1 
ATOM   96   C  CZ  . PHE A 1 14  ? -3.359  -17.794 -0.853  1.00 47.01  ? 13  PHE A CZ  1 
ATOM   97   N  N   . GLU A 1 15  ? -9.253  -17.045 -0.362  1.00 50.80  ? 14  GLU A N   1 
ATOM   98   C  CA  . GLU A 1 15  ? -9.851  -17.456 -1.665  1.00 54.08  ? 14  GLU A CA  1 
ATOM   99   C  C   . GLU A 1 15  ? -10.381 -16.222 -2.424  1.00 53.79  ? 14  GLU A C   1 
ATOM   100  O  O   . GLU A 1 15  ? -10.288 -16.184 -3.688  1.00 43.21  ? 14  GLU A O   1 
ATOM   101  C  CB  . GLU A 1 15  ? -10.975 -18.458 -1.395  1.00 56.87  ? 14  GLU A CB  1 
ATOM   102  C  CG  . GLU A 1 15  ? -11.458 -19.173 -2.639  1.00 68.28  ? 14  GLU A CG  1 
ATOM   103  C  CD  . GLU A 1 15  ? -12.409 -20.344 -2.396  1.00 76.20  ? 14  GLU A CD  1 
ATOM   104  O  OE1 . GLU A 1 15  ? -12.152 -21.173 -1.474  1.00 83.53  ? 14  GLU A OE1 1 
ATOM   105  O  OE2 . GLU A 1 15  ? -13.395 -20.438 -3.145  1.00 74.31  ? 14  GLU A OE2 1 
ATOM   106  N  N   . GLN A 1 16  ? -10.922 -15.268 -1.664  1.00 43.83  ? 15  GLN A N   1 
ATOM   107  C  CA  . GLN A 1 16  ? -11.567 -14.030 -2.139  1.00 52.66  ? 15  GLN A CA  1 
ATOM   108  C  C   . GLN A 1 16  ? -10.528 -12.975 -2.555  1.00 54.39  ? 15  GLN A C   1 
ATOM   109  O  O   . GLN A 1 16  ? -10.748 -12.281 -3.579  1.00 50.77  ? 15  GLN A O   1 
ATOM   110  C  CB  . GLN A 1 16  ? -12.469 -13.491 -1.032  1.00 50.38  ? 15  GLN A CB  1 
ATOM   111  C  CG  . GLN A 1 16  ? -13.873 -14.067 -1.104  1.00 51.16  ? 15  GLN A CG  1 
ATOM   112  C  CD  . GLN A 1 16  ? -14.686 -13.708 0.109   1.00 50.85  ? 15  GLN A CD  1 
ATOM   113  O  OE1 . GLN A 1 16  ? -14.197 -13.101 1.056   1.00 46.39  ? 15  GLN A OE1 1 
ATOM   114  N  NE2 . GLN A 1 16  ? -15.949 -14.100 0.079   1.00 56.73  ? 15  GLN A NE2 1 
ATOM   115  N  N   A ARG A 1 17  ? -9.446  -12.849 -1.778  0.15 52.75  ? 16  ARG A N   1 
ATOM   116  N  N   B ARG A 1 17  ? -9.443  -12.844 -1.784  0.35 53.19  ? 16  ARG A N   1 
ATOM   117  C  CA  A ARG A 1 17  ? -8.312  -11.926 -2.058  0.15 51.94  ? 16  ARG A CA  1 
ATOM   118  C  CA  B ARG A 1 17  ? -8.319  -11.916 -2.089  0.35 52.07  ? 16  ARG A CA  1 
ATOM   119  C  C   A ARG A 1 17  ? -7.603  -12.403 -3.332  0.15 49.89  ? 16  ARG A C   1 
ATOM   120  C  C   B ARG A 1 17  ? -7.633  -12.411 -3.366  0.35 49.70  ? 16  ARG A C   1 
ATOM   121  O  O   A ARG A 1 17  ? -7.313  -11.554 -4.199  0.15 51.57  ? 16  ARG A O   1 
ATOM   122  O  O   B ARG A 1 17  ? -7.412  -11.595 -4.283  0.35 51.86  ? 16  ARG A O   1 
ATOM   123  C  CB  A ARG A 1 17  ? -7.372  -11.844 -0.848  0.15 52.34  ? 16  ARG A CB  1 
ATOM   124  C  CB  B ARG A 1 17  ? -7.375  -11.799 -0.886  0.35 51.55  ? 16  ARG A CB  1 
ATOM   125  C  CG  A ARG A 1 17  ? -8.061  -11.405 0.437   0.15 52.80  ? 16  ARG A CG  1 
ATOM   126  C  CG  B ARG A 1 17  ? -7.995  -11.077 0.301   0.35 50.98  ? 16  ARG A CG  1 
ATOM   127  C  CD  A ARG A 1 17  ? -7.115  -11.100 1.587   0.15 53.65  ? 16  ARG A CD  1 
ATOM   128  C  CD  B ARG A 1 17  ? -7.091  -10.962 1.515   0.35 52.97  ? 16  ARG A CD  1 
ATOM   129  N  NE  A ARG A 1 17  ? -6.092  -12.119 1.784   0.15 56.09  ? 16  ARG A NE  1 
ATOM   130  N  NE  B ARG A 1 17  ? -7.261  -12.047 2.470   0.35 56.15  ? 16  ARG A NE  1 
ATOM   131  C  CZ  A ARG A 1 17  ? -5.912  -12.820 2.901   0.15 55.46  ? 16  ARG A CZ  1 
ATOM   132  C  CZ  B ARG A 1 17  ? -6.297  -12.884 2.861   0.35 59.09  ? 16  ARG A CZ  1 
ATOM   133  N  NH1 A ARG A 1 17  ? -6.687  -12.624 3.954   0.15 55.33  ? 16  ARG A NH1 1 
ATOM   134  N  NH1 B ARG A 1 17  ? -5.070  -12.769 2.383   0.35 58.59  ? 16  ARG A NH1 1 
ATOM   135  N  NH2 A ARG A 1 17  ? -4.942  -13.714 2.963   0.15 55.57  ? 16  ARG A NH2 1 
ATOM   136  N  NH2 B ARG A 1 17  ? -6.565  -13.831 3.740   0.35 60.49  ? 16  ARG A NH2 1 
ATOM   137  N  N   . VAL A 1 18  ? -7.362  -13.713 -3.450  1.00 46.52  ? 17  VAL A N   1 
ATOM   138  C  CA  . VAL A 1 18  ? -6.715  -14.323 -4.647  1.00 46.12  ? 17  VAL A CA  1 
ATOM   139  C  C   . VAL A 1 18  ? -7.526  -14.041 -5.932  1.00 59.70  ? 17  VAL A C   1 
ATOM   140  O  O   . VAL A 1 18  ? -6.914  -13.700 -7.016  1.00 44.42  ? 17  VAL A O   1 
ATOM   141  C  CB  . VAL A 1 18  ? -6.539  -15.814 -4.382  1.00 46.13  ? 17  VAL A CB  1 
ATOM   142  C  CG1 . VAL A 1 18  ? -6.414  -16.615 -5.663  1.00 50.56  ? 17  VAL A CG1 1 
ATOM   143  C  CG2 . VAL A 1 18  ? -5.357  -16.036 -3.441  1.00 52.40  ? 17  VAL A CG2 1 
ATOM   144  N  N   . GLU A 1 19  ? -8.849  -14.198 -5.836  1.00 54.27  ? 18  GLU A N   1 
ATOM   145  C  CA  . GLU A 1 19  ? -9.803  -14.106 -6.965  1.00 54.36  ? 18  GLU A CA  1 
ATOM   146  C  C   . GLU A 1 19  ? -9.908  -12.657 -7.439  1.00 49.97  ? 18  GLU A C   1 
ATOM   147  O  O   . GLU A 1 19  ? -10.084 -12.440 -8.650  1.00 48.26  ? 18  GLU A O   1 
ATOM   148  C  CB  . GLU A 1 19  ? -11.176 -14.633 -6.539  1.00 66.42  ? 18  GLU A CB  1 
ATOM   149  C  CG  . GLU A 1 19  ? -11.361 -16.073 -6.953  1.00 74.13  ? 18  GLU A CG  1 
ATOM   150  C  CD  . GLU A 1 19  ? -11.066 -16.309 -8.421  1.00 76.61  ? 18  GLU A CD  1 
ATOM   151  O  OE1 . GLU A 1 19  ? -11.630 -15.563 -9.250  1.00 85.87  ? 18  GLU A OE1 1 
ATOM   152  O  OE2 . GLU A 1 19  ? -10.254 -17.216 -8.726  1.00 74.64  ? 18  GLU A OE2 1 
ATOM   153  N  N   . ASP A 1 20  ? -9.862  -11.721 -6.498  1.00 47.91  ? 19  ASP A N   1 
ATOM   154  C  CA  . ASP A 1 20  ? -9.819  -10.273 -6.764  1.00 49.36  ? 19  ASP A CA  1 
ATOM   155  C  C   . ASP A 1 20  ? -8.534  -9.898  -7.514  1.00 54.73  ? 19  ASP A C   1 
ATOM   156  O  O   . ASP A 1 20  ? -8.639  -9.147  -8.482  1.00 53.06  ? 19  ASP A O   1 
ATOM   157  C  CB  . ASP A 1 20  ? -9.898  -9.493  -5.466  1.00 52.34  ? 19  ASP A CB  1 
ATOM   158  C  CG  . ASP A 1 20  ? -10.345 -8.060  -5.686  1.00 72.58  ? 19  ASP A CG  1 
ATOM   159  O  OD1 . ASP A 1 20  ? -10.297 -7.294  -4.709  1.00 87.25  ? 19  ASP A OD1 1 
ATOM   160  O  OD2 . ASP A 1 20  ? -10.781 -7.730  -6.829  1.00 83.62  ? 19  ASP A OD2 1 
ATOM   161  N  N   . VAL A 1 21  ? -7.367  -10.361 -7.061  1.00 45.61  ? 20  VAL A N   1 
ATOM   162  C  CA  . VAL A 1 21  ? -6.090  -10.110 -7.769  1.00 46.47  ? 20  VAL A CA  1 
ATOM   163  C  C   . VAL A 1 21  ? -6.208  -10.671 -9.180  1.00 51.38  ? 20  VAL A C   1 
ATOM   164  O  O   . VAL A 1 21  ? -5.665  -10.025 -10.083 1.00 46.09  ? 20  VAL A O   1 
ATOM   165  C  CB  . VAL A 1 21  ? -4.858  -10.664 -7.027  1.00 42.83  ? 20  VAL A CB  1 
ATOM   166  C  CG1 . VAL A 1 21  ? -3.590  -10.538 -7.869  1.00 43.19  ? 20  VAL A CG1 1 
ATOM   167  C  CG2 . VAL A 1 21  ? -4.675  -9.973  -5.709  1.00 37.32  ? 20  VAL A CG2 1 
ATOM   168  N  N   . ARG A 1 22  ? -6.834  -11.840 -9.360  1.00 59.03  ? 21  ARG A N   1 
ATOM   169  C  CA  . ARG A 1 22  ? -6.969  -12.498 -10.690 1.00 56.72  ? 21  ARG A CA  1 
ATOM   170  C  C   . ARG A 1 22  ? -7.846  -11.635 -11.617 1.00 59.70  ? 21  ARG A C   1 
ATOM   171  O  O   . ARG A 1 22  ? -7.584  -11.661 -12.841 1.00 55.56  ? 21  ARG A O   1 
ATOM   172  C  CB  . ARG A 1 22  ? -7.604  -13.889 -10.582 1.00 62.22  ? 21  ARG A CB  1 
ATOM   173  C  CG  . ARG A 1 22  ? -6.653  -14.984 -10.140 1.00 68.57  ? 21  ARG A CG  1 
ATOM   174  C  CD  . ARG A 1 22  ? -7.342  -16.322 -9.990  1.00 77.84  ? 21  ARG A CD  1 
ATOM   175  N  NE  . ARG A 1 22  ? -6.412  -17.368 -9.590  1.00 85.11  ? 21  ARG A NE  1 
ATOM   176  C  CZ  . ARG A 1 22  ? -6.714  -18.424 -8.834  1.00 88.21  ? 21  ARG A CZ  1 
ATOM   177  N  NH1 . ARG A 1 22  ? -7.944  -18.593 -8.369  1.00 86.92  ? 21  ARG A NH1 1 
ATOM   178  N  NH2 . ARG A 1 22  ? -5.775  -19.309 -8.544  1.00 84.98  ? 21  ARG A NH2 1 
ATOM   179  N  N   . LEU A 1 23  ? -8.852  -10.938 -11.064 1.00 46.39  ? 22  LEU A N   1 
ATOM   180  C  CA  . LEU A 1 23  ? -9.742  -10.003 -11.809 1.00 55.09  ? 22  LEU A CA  1 
ATOM   181  C  C   . LEU A 1 23  ? -8.999  -8.689  -12.144 1.00 52.79  ? 22  LEU A C   1 
ATOM   182  O  O   . LEU A 1 23  ? -9.192  -8.190  -13.273 1.00 51.51  ? 22  LEU A O   1 
ATOM   183  C  CB  . LEU A 1 23  ? -11.014 -9.733  -10.986 1.00 53.42  ? 22  LEU A CB  1 
ATOM   184  C  CG  . LEU A 1 23  ? -12.094 -8.892  -11.675 1.00 58.24  ? 22  LEU A CG  1 
ATOM   185  C  CD1 . LEU A 1 23  ? -12.614 -9.577  -12.937 1.00 57.11  ? 22  LEU A CD1 1 
ATOM   186  C  CD2 . LEU A 1 23  ? -13.237 -8.579  -10.726 1.00 62.66  ? 22  LEU A CD2 1 
ATOM   187  N  N   . ILE A 1 24  ? -8.186  -8.154  -11.215 1.00 47.79  ? 23  ILE A N   1 
ATOM   188  C  CA  . ILE A 1 24  ? -7.320  -6.955  -11.422 1.00 43.96  ? 23  ILE A CA  1 
ATOM   189  C  C   . ILE A 1 24  ? -6.348  -7.272  -12.557 1.00 40.38  ? 23  ILE A C   1 
ATOM   190  O  O   . ILE A 1 24  ? -6.207  -6.457  -13.463 1.00 45.13  ? 23  ILE A O   1 
ATOM   191  C  CB  . ILE A 1 24  ? -6.633  -6.527  -10.116 1.00 44.42  ? 23  ILE A CB  1 
ATOM   192  C  CG1 . ILE A 1 24  ? -7.686  -6.127  -9.080  1.00 44.49  ? 23  ILE A CG1 1 
ATOM   193  C  CG2 . ILE A 1 24  ? -5.631  -5.407  -10.378 1.00 47.27  ? 23  ILE A CG2 1 
ATOM   194  C  CD1 . ILE A 1 24  ? -7.137  -5.821  -7.687  1.00 44.41  ? 23  ILE A CD1 1 
ATOM   195  N  N   . ARG A 1 25  ? -5.757  -8.453  -12.573 1.00 42.06  ? 24  ARG A N   1 
ATOM   196  C  CA  . ARG A 1 25  ? -4.806  -8.823  -13.647 1.00 51.99  ? 24  ARG A CA  1 
ATOM   197  C  C   . ARG A 1 25  ? -5.500  -8.750  -15.003 1.00 55.32  ? 24  ARG A C   1 
ATOM   198  O  O   . ARG A 1 25  ? -4.840  -8.390  -15.973 1.00 55.70  ? 24  ARG A O   1 
ATOM   199  C  CB  . ARG A 1 25  ? -4.279  -10.242 -13.477 1.00 53.37  ? 24  ARG A CB  1 
ATOM   200  C  CG  . ARG A 1 25  ? -3.026  -10.267 -12.631 1.00 60.46  ? 24  ARG A CG  1 
ATOM   201  C  CD  . ARG A 1 25  ? -2.175  -11.480 -12.884 1.00 64.25  ? 24  ARG A CD  1 
ATOM   202  N  NE  . ARG A 1 25  ? -1.516  -11.708 -11.625 1.00 74.14  ? 24  ARG A NE  1 
ATOM   203  C  CZ  . ARG A 1 25  ? -1.498  -12.865 -10.986 1.00 80.51  ? 24  ARG A CZ  1 
ATOM   204  N  NH1 . ARG A 1 25  ? -2.039  -13.953 -11.524 1.00 69.73  ? 24  ARG A NH1 1 
ATOM   205  N  NH2 . ARG A 1 25  ? -0.905  -12.907 -9.809  1.00 74.62  ? 24  ARG A NH2 1 
ATOM   206  N  N   . GLU A 1 26  ? -6.757  -9.174  -15.050 1.00 49.22  ? 25  GLU A N   1 
ATOM   207  C  CA  . GLU A 1 26  ? -7.535  -9.358  -16.299 1.00 53.14  ? 25  GLU A CA  1 
ATOM   208  C  C   . GLU A 1 26  ? -8.031  -7.982  -16.760 1.00 45.86  ? 25  GLU A C   1 
ATOM   209  O  O   . GLU A 1 26  ? -7.927  -7.702  -17.945 1.00 48.58  ? 25  GLU A O   1 
ATOM   210  C  CB  . GLU A 1 26  ? -8.657  -10.381 -16.051 1.00 60.25  ? 25  GLU A CB  1 
ATOM   211  C  CG  . GLU A 1 26  ? -9.132  -11.109 -17.298 1.00 69.96  ? 25  GLU A CG  1 
ATOM   212  C  CD  . GLU A 1 26  ? -8.270  -12.262 -17.797 1.00 77.85  ? 25  GLU A CD  1 
ATOM   213  O  OE1 . GLU A 1 26  ? -7.205  -12.514 -17.204 1.00 69.99  ? 25  GLU A OE1 1 
ATOM   214  O  OE2 . GLU A 1 26  ? -8.680  -12.926 -18.779 1.00 85.94  ? 25  GLU A OE2 1 
ATOM   215  N  N   . GLN A 1 27  ? -8.486  -7.138  -15.837 1.00 42.14  ? 26  GLN A N   1 
ATOM   216  C  CA  . GLN A 1 27  ? -9.174  -5.875  -16.131 1.00 43.34  ? 26  GLN A CA  1 
ATOM   217  C  C   . GLN A 1 27  ? -8.195  -4.695  -16.046 1.00 47.06  ? 26  GLN A C   1 
ATOM   218  O  O   . GLN A 1 27  ? -8.481  -3.678  -16.694 1.00 39.12  ? 26  GLN A O   1 
ATOM   219  C  CB  . GLN A 1 27  ? -10.352 -5.705  -15.179 1.00 50.69  ? 26  GLN A CB  1 
ATOM   220  C  CG  . GLN A 1 27  ? -11.528 -6.611  -15.547 1.00 64.42  ? 26  GLN A CG  1 
ATOM   221  C  CD  . GLN A 1 27  ? -12.749 -6.342  -14.702 1.00 76.25  ? 26  GLN A CD  1 
ATOM   222  O  OE1 . GLN A 1 27  ? -12.665 -5.705  -13.649 1.00 73.05  ? 26  GLN A OE1 1 
ATOM   223  N  NE2 . GLN A 1 27  ? -13.893 -6.840  -15.155 1.00 81.34  ? 26  GLN A NE2 1 
ATOM   224  N  N   . HIS A 1 28  ? -7.111  -4.792  -15.271 1.00 36.87  ? 27  HIS A N   1 
ATOM   225  C  CA  . HIS A 1 28  ? -6.132  -3.693  -15.118 1.00 36.88  ? 27  HIS A CA  1 
ATOM   226  C  C   . HIS A 1 28  ? -4.750  -4.304  -15.180 1.00 33.06  ? 27  HIS A C   1 
ATOM   227  O  O   . HIS A 1 28  ? -4.007  -4.219  -14.220 1.00 36.95  ? 27  HIS A O   1 
ATOM   228  C  CB  . HIS A 1 28  ? -6.370  -2.949  -13.807 1.00 43.91  ? 27  HIS A CB  1 
ATOM   229  C  CG  . HIS A 1 28  ? -7.731  -2.353  -13.707 1.00 54.49  ? 27  HIS A CG  1 
ATOM   230  N  ND1 . HIS A 1 28  ? -8.048  -1.146  -14.295 1.00 51.05  ? 27  HIS A ND1 1 
ATOM   231  C  CD2 . HIS A 1 28  ? -8.854  -2.798  -13.092 1.00 57.09  ? 27  HIS A CD2 1 
ATOM   232  C  CE1 . HIS A 1 28  ? -9.310  -0.862  -14.037 1.00 58.67  ? 27  HIS A CE1 1 
ATOM   233  N  NE2 . HIS A 1 28  ? -9.828  -1.869  -13.312 1.00 58.19  ? 27  HIS A NE2 1 
ATOM   234  N  N   . PRO A 1 29  ? -4.407  -4.934  -16.316 1.00 32.28  ? 28  PRO A N   1 
ATOM   235  C  CA  . PRO A 1 29  ? -3.210  -5.749  -16.407 1.00 32.60  ? 28  PRO A CA  1 
ATOM   236  C  C   . PRO A 1 29  ? -1.925  -4.938  -16.140 1.00 34.63  ? 28  PRO A C   1 
ATOM   237  O  O   . PRO A 1 29  ? -0.974  -5.570  -15.644 1.00 33.90  ? 28  PRO A O   1 
ATOM   238  C  CB  . PRO A 1 29  ? -3.231  -6.306  -17.818 1.00 35.05  ? 28  PRO A CB  1 
ATOM   239  C  CG  . PRO A 1 29  ? -4.181  -5.364  -18.596 1.00 38.16  ? 28  PRO A CG  1 
ATOM   240  C  CD  . PRO A 1 29  ? -5.163  -4.863  -17.571 1.00 34.91  ? 28  PRO A CD  1 
ATOM   241  N  N   . THR A 1 30  ? -1.928  -3.610  -16.332 1.00 34.35  ? 29  THR A N   1 
ATOM   242  C  CA  . THR A 1 30  ? -0.690  -2.768  -16.155 1.00 36.30  ? 29  THR A CA  1 
ATOM   243  C  C   . THR A 1 30  ? -0.598  -2.174  -14.743 1.00 33.34  ? 29  THR A C   1 
ATOM   244  O  O   . THR A 1 30  ? 0.377   -1.395  -14.460 1.00 37.09  ? 29  THR A O   1 
ATOM   245  C  CB  . THR A 1 30  ? -0.558  -1.652  -17.211 1.00 36.89  ? 29  THR A CB  1 
ATOM   246  O  OG1 . THR A 1 30  ? -1.471  -0.633  -16.839 1.00 32.71  ? 29  THR A OG1 1 
ATOM   247  C  CG2 . THR A 1 30  ? -0.809  -2.113  -18.636 1.00 35.20  ? 29  THR A CG2 1 
ATOM   248  N  N   . LYS A 1 31  ? -1.537  -2.510  -13.858 1.00 34.45  ? 30  LYS A N   1 
ATOM   249  C  CA  . LYS A 1 31  ? -1.589  -1.910  -12.496 1.00 33.96  ? 30  LYS A CA  1 
ATOM   250  C  C   . LYS A 1 31  ? -1.046  -2.877  -11.443 1.00 35.15  ? 30  LYS A C   1 
ATOM   251  O  O   . LYS A 1 31  ? -1.386  -4.088  -11.508 1.00 33.76  ? 30  LYS A O   1 
ATOM   252  C  CB  . LYS A 1 31  ? -3.034  -1.545  -12.174 1.00 36.18  ? 30  LYS A CB  1 
ATOM   253  C  CG  . LYS A 1 31  ? -3.653  -0.498  -13.106 1.00 39.12  ? 30  LYS A CG  1 
ATOM   254  C  CD  . LYS A 1 31  ? -2.802  0.756   -13.275 1.00 44.08  ? 30  LYS A CD  1 
ATOM   255  C  CE  . LYS A 1 31  ? -3.337  1.718   -14.336 1.00 45.13  ? 30  LYS A CE  1 
ATOM   256  N  NZ  . LYS A 1 31  ? -4.814  1.679   -14.381 1.00 51.24  ? 30  LYS A NZ  1 
ATOM   257  N  N   . ILE A 1 32  ? -0.384  -2.331  -10.410 1.00 32.85  ? 31  ILE A N   1 
ATOM   258  C  CA  . ILE A 1 32  ? 0.005   -3.131  -9.207  1.00 36.48  ? 31  ILE A CA  1 
ATOM   259  C  C   . ILE A 1 32  ? -1.131  -3.041  -8.182  1.00 34.52  ? 31  ILE A C   1 
ATOM   260  O  O   . ILE A 1 32  ? -1.541  -1.939  -7.827  1.00 36.30  ? 31  ILE A O   1 
ATOM   261  C  CB  . ILE A 1 32  ? 1.368   -2.665  -8.638  1.00 36.69  ? 31  ILE A CB  1 
ATOM   262  C  CG1 . ILE A 1 32  ? 2.474   -2.764  -9.686  1.00 34.88  ? 31  ILE A CG1 1 
ATOM   263  C  CG2 . ILE A 1 32  ? 1.707   -3.449  -7.382  1.00 36.44  ? 31  ILE A CG2 1 
ATOM   264  C  CD1 . ILE A 1 32  ? 2.651   -4.132  -10.301 1.00 36.10  ? 31  ILE A CD1 1 
ATOM   265  N  N   . PRO A 1 33  ? -1.710  -4.180  -7.730  1.00 32.19  ? 32  PRO A N   1 
ATOM   266  C  CA  . PRO A 1 33  ? -2.734  -4.182  -6.677  1.00 34.55  ? 32  PRO A CA  1 
ATOM   267  C  C   . PRO A 1 33  ? -2.157  -3.972  -5.278  1.00 34.84  ? 32  PRO A C   1 
ATOM   268  O  O   . PRO A 1 33  ? -1.359  -4.805  -4.778  1.00 37.53  ? 32  PRO A O   1 
ATOM   269  C  CB  . PRO A 1 33  ? -3.359  -5.584  -6.771  1.00 36.07  ? 32  PRO A CB  1 
ATOM   270  C  CG  . PRO A 1 33  ? -2.243  -6.458  -7.325  1.00 38.41  ? 32  PRO A CG  1 
ATOM   271  C  CD  . PRO A 1 33  ? -1.413  -5.544  -8.206  1.00 36.72  ? 32  PRO A CD  1 
ATOM   272  N  N   . VAL A 1 34  ? -2.514  -2.852  -4.666  1.00 32.74  ? 33  VAL A N   1 
ATOM   273  C  CA  . VAL A 1 34  ? -1.870  -2.454  -3.387  1.00 37.00  ? 33  VAL A CA  1 
ATOM   274  C  C   . VAL A 1 34  ? -2.976  -2.267  -2.344  1.00 38.99  ? 33  VAL A C   1 
ATOM   275  O  O   . VAL A 1 34  ? -3.998  -1.587  -2.635  1.00 41.66  ? 33  VAL A O   1 
ATOM   276  C  CB  . VAL A 1 34  ? -0.994  -1.204  -3.531  1.00 36.19  ? 33  VAL A CB  1 
ATOM   277  C  CG1 . VAL A 1 34  ? -0.318  -0.863  -2.212  1.00 39.74  ? 33  VAL A CG1 1 
ATOM   278  C  CG2 . VAL A 1 34  ? 0.031   -1.340  -4.651  1.00 35.28  ? 33  VAL A CG2 1 
ATOM   279  N  N   . ILE A 1 35  ? -2.777  -2.894  -1.192  1.00 39.42  ? 34  ILE A N   1 
ATOM   280  C  CA  . ILE A 1 35  ? -3.569  -2.651  0.034   1.00 41.31  ? 34  ILE A CA  1 
ATOM   281  C  C   . ILE A 1 35  ? -2.777  -1.679  0.903   1.00 36.75  ? 34  ILE A C   1 
ATOM   282  O  O   . ILE A 1 35  ? -1.691  -2.062  1.307   1.00 42.93  ? 34  ILE A O   1 
ATOM   283  C  CB  . ILE A 1 35  ? -3.825  -3.976  0.765   1.00 39.97  ? 34  ILE A CB  1 
ATOM   284  C  CG1 . ILE A 1 35  ? -4.546  -5.004  -0.117  1.00 40.73  ? 34  ILE A CG1 1 
ATOM   285  C  CG2 . ILE A 1 35  ? -4.547  -3.700  2.087   1.00 40.57  ? 34  ILE A CG2 1 
ATOM   286  C  CD1 . ILE A 1 35  ? -5.893  -4.568  -0.657  1.00 43.29  ? 34  ILE A CD1 1 
ATOM   287  N  N   . ILE A 1 36  ? -3.338  -0.510  1.209   1.00 36.99  ? 35  ILE A N   1 
ATOM   288  C  CA  . ILE A 1 36  ? -2.705  0.539   2.060   1.00 39.45  ? 35  ILE A CA  1 
ATOM   289  C  C   . ILE A 1 36  ? -3.640  0.761   3.253   1.00 44.35  ? 35  ILE A C   1 
ATOM   290  O  O   . ILE A 1 36  ? -4.852  0.920   3.029   1.00 43.21  ? 35  ILE A O   1 
ATOM   291  C  CB  . ILE A 1 36  ? -2.464  1.832   1.257   1.00 41.68  ? 35  ILE A CB  1 
ATOM   292  C  CG1 . ILE A 1 36  ? -1.756  1.563   -0.079  1.00 44.32  ? 35  ILE A CG1 1 
ATOM   293  C  CG2 . ILE A 1 36  ? -1.708  2.840   2.105   1.00 41.97  ? 35  ILE A CG2 1 
ATOM   294  C  CD1 . ILE A 1 36  ? -1.598  2.799   -0.975  1.00 41.02  ? 35  ILE A CD1 1 
ATOM   295  N  N   . GLU A 1 37  ? -3.082  0.751   4.464   1.00 47.65  ? 36  GLU A N   1 
ATOM   296  C  CA  . GLU A 1 37  ? -3.824  0.674   5.745   1.00 51.58  ? 36  GLU A CA  1 
ATOM   297  C  C   . GLU A 1 37  ? -3.137  1.565   6.771   1.00 46.77  ? 36  GLU A C   1 
ATOM   298  O  O   . GLU A 1 37  ? -1.907  1.611   6.813   1.00 42.32  ? 36  GLU A O   1 
ATOM   299  C  CB  . GLU A 1 37  ? -3.901  -0.787  6.203   1.00 53.28  ? 36  GLU A CB  1 
ATOM   300  C  CG  . GLU A 1 37  ? -5.095  -1.507  5.609   1.00 50.06  ? 36  GLU A CG  1 
ATOM   301  C  CD  . GLU A 1 37  ? -5.212  -2.992  5.904   1.00 60.60  ? 36  GLU A CD  1 
ATOM   302  O  OE1 . GLU A 1 37  ? -4.173  -3.660  6.130   1.00 59.16  ? 36  GLU A OE1 1 
ATOM   303  O  OE2 . GLU A 1 37  ? -6.353  -3.479  5.881   1.00 70.07  ? 36  GLU A OE2 1 
ATOM   304  N  N   . ARG A 1 38  ? -3.923  2.277   7.566   1.00 53.52  ? 37  ARG A N   1 
ATOM   305  C  CA  . ARG A 1 38  ? -3.367  3.071   8.680   1.00 52.24  ? 37  ARG A CA  1 
ATOM   306  C  C   . ARG A 1 38  ? -2.944  2.121   9.801   1.00 53.68  ? 37  ARG A C   1 
ATOM   307  O  O   . ARG A 1 38  ? -3.671  1.148   10.063  1.00 56.73  ? 37  ARG A O   1 
ATOM   308  C  CB  . ARG A 1 38  ? -4.372  4.094   9.191   1.00 56.88  ? 37  ARG A CB  1 
ATOM   309  C  CG  . ARG A 1 38  ? -3.720  5.048   10.178  1.00 60.74  ? 37  ARG A CG  1 
ATOM   310  C  CD  . ARG A 1 38  ? -4.612  6.165   10.635  1.00 66.62  ? 37  ARG A CD  1 
ATOM   311  N  NE  . ARG A 1 38  ? -5.824  5.720   11.306  1.00 78.39  ? 37  ARG A NE  1 
ATOM   312  C  CZ  . ARG A 1 38  ? -6.568  6.518   12.077  1.00 84.40  ? 37  ARG A CZ  1 
ATOM   313  N  NH1 . ARG A 1 38  ? -6.201  7.777   12.284  1.00 71.62  ? 37  ARG A NH1 1 
ATOM   314  N  NH2 . ARG A 1 38  ? -7.670  6.051   12.639  1.00 84.32  ? 37  ARG A NH2 1 
ATOM   315  N  N   . TYR A 1 39  ? -1.770  2.368   10.379  1.00 63.35  ? 38  TYR A N   1 
ATOM   316  C  CA  . TYR A 1 39  ? -1.228  1.678   11.576  1.00 63.03  ? 38  TYR A CA  1 
ATOM   317  C  C   . TYR A 1 39  ? -2.306  1.691   12.667  1.00 63.27  ? 38  TYR A C   1 
ATOM   318  O  O   . TYR A 1 39  ? -2.909  2.750   12.897  1.00 59.75  ? 38  TYR A O   1 
ATOM   319  C  CB  . TYR A 1 39  ? 0.054   2.395   12.006  1.00 75.58  ? 38  TYR A CB  1 
ATOM   320  C  CG  . TYR A 1 39  ? 0.613   1.946   13.329  1.00 83.86  ? 38  TYR A CG  1 
ATOM   321  C  CD1 . TYR A 1 39  ? 0.834   0.602   13.582  1.00 80.91  ? 38  TYR A CD1 1 
ATOM   322  C  CD2 . TYR A 1 39  ? 0.950   2.866   14.311  1.00 91.48  ? 38  TYR A CD2 1 
ATOM   323  C  CE1 . TYR A 1 39  ? 1.359   0.179   14.790  1.00 93.84  ? 38  TYR A CE1 1 
ATOM   324  C  CE2 . TYR A 1 39  ? 1.479   2.459   15.524  1.00 99.13  ? 38  TYR A CE2 1 
ATOM   325  C  CZ  . TYR A 1 39  ? 1.678   1.109   15.765  1.00 99.86  ? 38  TYR A CZ  1 
ATOM   326  O  OH  . TYR A 1 39  ? 2.198   0.685   16.951  1.00 116.08 ? 38  TYR A OH  1 
ATOM   327  N  N   . LYS A 1 40  ? -2.613  0.557   13.296  1.00 72.45  ? 39  LYS A N   1 
ATOM   328  C  CA  . LYS A 1 40  ? -3.843  0.499   14.135  1.00 76.00  ? 39  LYS A CA  1 
ATOM   329  C  C   . LYS A 1 40  ? -3.582  1.295   15.425  1.00 66.95  ? 39  LYS A C   1 
ATOM   330  O  O   . LYS A 1 40  ? -4.577  1.722   16.008  1.00 69.84  ? 39  LYS A O   1 
ATOM   331  C  CB  . LYS A 1 40  ? -4.407  -0.924  14.262  1.00 84.20  ? 39  LYS A CB  1 
ATOM   332  C  CG  . LYS A 1 40  ? -3.660  -1.916  15.142  1.00 98.90  ? 39  LYS A CG  1 
ATOM   333  C  CD  . LYS A 1 40  ? -3.939  -3.390  14.793  1.00 111.73 ? 39  LYS A CD  1 
ATOM   334  C  CE  . LYS A 1 40  ? -5.357  -3.729  14.349  1.00 116.34 ? 39  LYS A CE  1 
ATOM   335  N  NZ  . LYS A 1 40  ? -6.321  -3.745  15.476  1.00 121.69 ? 39  LYS A NZ  1 
ATOM   336  N  N   . GLY A 1 41  ? -2.319  1.634   15.741  1.00 70.77  ? 40  GLY A N   1 
ATOM   337  C  CA  . GLY A 1 41  ? -1.936  2.541   16.849  1.00 66.92  ? 40  GLY A CA  1 
ATOM   338  C  C   . GLY A 1 41  ? -1.694  3.996   16.437  1.00 74.27  ? 40  GLY A C   1 
ATOM   339  O  O   . GLY A 1 41  ? -0.971  4.707   17.173  1.00 83.47  ? 40  GLY A O   1 
ATOM   340  N  N   . GLU A 1 42  ? -2.261  4.465   15.322  1.00 73.01  ? 41  GLU A N   1 
ATOM   341  C  CA  . GLU A 1 42  ? -1.931  5.799   14.741  1.00 70.04  ? 41  GLU A CA  1 
ATOM   342  C  C   . GLU A 1 42  ? -2.864  6.894   15.312  1.00 72.16  ? 41  GLU A C   1 
ATOM   343  O  O   . GLU A 1 42  ? -4.102  6.746   15.219  1.00 64.36  ? 41  GLU A O   1 
ATOM   344  C  CB  . GLU A 1 42  ? -1.983  5.700   13.216  1.00 65.49  ? 41  GLU A CB  1 
ATOM   345  C  CG  . GLU A 1 42  ? -1.899  7.034   12.525  1.00 58.74  ? 41  GLU A CG  1 
ATOM   346  C  CD  . GLU A 1 42  ? -0.661  7.817   12.871  1.00 57.13  ? 41  GLU A CD  1 
ATOM   347  O  OE1 . GLU A 1 42  ? 0.423   7.195   13.004  1.00 64.89  ? 41  GLU A OE1 1 
ATOM   348  O  OE2 . GLU A 1 42  ? -0.782  9.056   12.980  1.00 59.04  ? 41  GLU A OE2 1 
ATOM   349  N  N   . LYS A 1 43  ? -2.285  7.987   15.826  1.00 72.40  ? 42  LYS A N   1 
ATOM   350  C  CA  . LYS A 1 43  ? -3.019  9.104   16.484  1.00 85.29  ? 42  LYS A CA  1 
ATOM   351  C  C   . LYS A 1 43  ? -3.295  10.238  15.481  1.00 85.19  ? 42  LYS A C   1 
ATOM   352  O  O   . LYS A 1 43  ? -4.465  10.624  15.343  1.00 88.08  ? 42  LYS A O   1 
ATOM   353  C  CB  . LYS A 1 43  ? -2.230  9.617   17.697  1.00 93.85  ? 42  LYS A CB  1 
ATOM   354  C  CG  . LYS A 1 43  ? -1.886  8.568   18.751  1.00 100.13 ? 42  LYS A CG  1 
ATOM   355  C  CD  . LYS A 1 43  ? -3.019  7.598   19.020  1.00 109.44 ? 42  LYS A CD  1 
ATOM   356  C  CE  . LYS A 1 43  ? -2.814  6.743   20.250  1.00 113.90 ? 42  LYS A CE  1 
ATOM   357  N  NZ  . LYS A 1 43  ? -4.070  6.058   20.639  1.00 115.40 ? 42  LYS A NZ  1 
ATOM   358  N  N   . GLN A 1 44  ? -2.267  10.756  14.806  1.00 84.05  ? 43  GLN A N   1 
ATOM   359  C  CA  . GLN A 1 44  ? -2.333  12.041  14.055  1.00 81.94  ? 43  GLN A CA  1 
ATOM   360  C  C   . GLN A 1 44  ? -3.022  11.850  12.685  1.00 78.10  ? 43  GLN A C   1 
ATOM   361  O  O   . GLN A 1 44  ? -4.046  12.517  12.442  1.00 80.41  ? 43  GLN A O   1 
ATOM   362  C  CB  . GLN A 1 44  ? -0.930  12.640  13.916  1.00 92.44  ? 43  GLN A CB  1 
ATOM   363  C  CG  . GLN A 1 44  ? -0.079  12.541  15.180  1.00 102.88 ? 43  GLN A CG  1 
ATOM   364  C  CD  . GLN A 1 44  ? -0.771  13.070  16.415  1.00 114.90 ? 43  GLN A CD  1 
ATOM   365  O  OE1 . GLN A 1 44  ? -1.375  14.142  16.402  1.00 127.31 ? 43  GLN A OE1 1 
ATOM   366  N  NE2 . GLN A 1 44  ? -0.681  12.321  17.501  1.00 121.62 ? 43  GLN A NE2 1 
ATOM   367  N  N   . LEU A 1 45  ? -2.506  10.976  11.814  1.00 66.76  ? 44  LEU A N   1 
ATOM   368  C  CA  . LEU A 1 45  ? -2.887  10.914  10.374  1.00 60.73  ? 44  LEU A CA  1 
ATOM   369  C  C   . LEU A 1 45  ? -4.340  10.445  10.239  1.00 58.54  ? 44  LEU A C   1 
ATOM   370  O  O   . LEU A 1 45  ? -4.828  9.629   11.021  1.00 57.82  ? 44  LEU A O   1 
ATOM   371  C  CB  . LEU A 1 45  ? -1.909  9.986   9.635   1.00 58.16  ? 44  LEU A CB  1 
ATOM   372  C  CG  . LEU A 1 45  ? -0.444  10.419  9.615   1.00 65.23  ? 44  LEU A CG  1 
ATOM   373  C  CD1 . LEU A 1 45  ? 0.411   9.375   8.916   1.00 71.61  ? 44  LEU A CD1 1 
ATOM   374  C  CD2 . LEU A 1 45  ? -0.268  11.780  8.950   1.00 66.10  ? 44  LEU A CD2 1 
ATOM   375  N  N   . PRO A 1 46  ? -5.112  10.949  9.247   1.00 57.43  ? 45  PRO A N   1 
ATOM   376  C  CA  . PRO A 1 46  ? -6.457  10.431  8.984   1.00 54.72  ? 45  PRO A CA  1 
ATOM   377  C  C   . PRO A 1 46  ? -6.435  9.029   8.361   1.00 62.99  ? 45  PRO A C   1 
ATOM   378  O  O   . PRO A 1 46  ? -5.367  8.588   8.012   1.00 59.37  ? 45  PRO A O   1 
ATOM   379  C  CB  . PRO A 1 46  ? -7.094  11.416  7.995   1.00 57.37  ? 45  PRO A CB  1 
ATOM   380  C  CG  . PRO A 1 46  ? -5.975  12.356  7.531   1.00 55.83  ? 45  PRO A CG  1 
ATOM   381  C  CD  . PRO A 1 46  ? -4.751  12.076  8.381   1.00 57.73  ? 45  PRO A CD  1 
ATOM   382  N  N   . VAL A 1 47  ? -7.597  8.372   8.252   1.00 65.56  ? 46  VAL A N   1 
ATOM   383  C  CA  . VAL A 1 47  ? -7.757  7.130   7.445   1.00 67.53  ? 46  VAL A CA  1 
ATOM   384  C  C   . VAL A 1 47  ? -7.991  7.532   5.984   1.00 68.67  ? 46  VAL A C   1 
ATOM   385  O  O   . VAL A 1 47  ? -8.472  8.656   5.752   1.00 65.27  ? 46  VAL A O   1 
ATOM   386  C  CB  . VAL A 1 47  ? -8.866  6.186   7.958   1.00 70.79  ? 46  VAL A CB  1 
ATOM   387  C  CG1 . VAL A 1 47  ? -8.537  5.643   9.334   1.00 70.94  ? 46  VAL A CG1 1 
ATOM   388  C  CG2 . VAL A 1 47  ? -10.250 6.812   7.934   1.00 72.93  ? 46  VAL A CG2 1 
ATOM   389  N  N   . LEU A 1 48  ? -7.639  6.635   5.051   1.00 65.82  ? 47  LEU A N   1 
ATOM   390  C  CA  . LEU A 1 48  ? -7.882  6.775   3.590   1.00 64.79  ? 47  LEU A CA  1 
ATOM   391  C  C   . LEU A 1 48  ? -9.359  6.496   3.272   1.00 58.38  ? 47  LEU A C   1 
ATOM   392  O  O   . LEU A 1 48  ? -10.000 5.733   3.979   1.00 60.62  ? 47  LEU A O   1 
ATOM   393  C  CB  . LEU A 1 48  ? -7.015  5.773   2.815   1.00 62.76  ? 47  LEU A CB  1 
ATOM   394  C  CG  . LEU A 1 48  ? -5.503  5.977   2.846   1.00 56.82  ? 47  LEU A CG  1 
ATOM   395  C  CD1 . LEU A 1 48  ? -4.827  4.780   2.212   1.00 54.83  ? 47  LEU A CD1 1 
ATOM   396  C  CD2 . LEU A 1 48  ? -5.104  7.251   2.113   1.00 60.18  ? 47  LEU A CD2 1 
ATOM   397  N  N   . ASP A 1 49  ? -9.823  7.042   2.158   1.00 61.09  ? 48  ASP A N   1 
ATOM   398  C  CA  . ASP A 1 49  ? -11.190 6.874   1.601   1.00 60.86  ? 48  ASP A CA  1 
ATOM   399  C  C   . ASP A 1 49  ? -11.394 5.425   1.138   1.00 61.16  ? 48  ASP A C   1 
ATOM   400  O  O   . ASP A 1 49  ? -12.571 5.013   0.989   1.00 59.15  ? 48  ASP A O   1 
ATOM   401  C  CB  . ASP A 1 49  ? -11.409 7.883   0.465   1.00 58.66  ? 48  ASP A CB  1 
ATOM   402  C  CG  . ASP A 1 49  ? -10.264 7.928   -0.553  1.00 69.63  ? 48  ASP A CG  1 
ATOM   403  O  OD1 . ASP A 1 49  ? -10.516 7.594   -1.725  1.00 70.26  ? 48  ASP A OD1 1 
ATOM   404  O  OD2 . ASP A 1 49  ? -9.105  8.292   -0.173  1.00 63.66  ? 48  ASP A OD2 1 
ATOM   405  N  N   . LYS A 1 50  ? -10.320 4.680   0.853   1.00 54.71  ? 49  LYS A N   1 
ATOM   406  C  CA  . LYS A 1 50  ? -10.435 3.239   0.461   1.00 50.92  ? 49  LYS A CA  1 
ATOM   407  C  C   . LYS A 1 50  ? -9.178  2.478   0.908   1.00 47.47  ? 49  LYS A C   1 
ATOM   408  O  O   . LYS A 1 50  ? -8.254  3.101   1.423   1.00 46.99  ? 49  LYS A O   1 
ATOM   409  C  CB  . LYS A 1 50  ? -10.693 3.114   -1.049  1.00 50.79  ? 49  LYS A CB  1 
ATOM   410  C  CG  . LYS A 1 50  ? -9.566  3.590   -1.956  1.00 56.36  ? 49  LYS A CG  1 
ATOM   411  C  CD  . LYS A 1 50  ? -9.875  3.586   -3.443  1.00 59.20  ? 49  LYS A CD  1 
ATOM   412  C  CE  . LYS A 1 50  ? -8.613  3.746   -4.275  1.00 64.81  ? 49  LYS A CE  1 
ATOM   413  N  NZ  . LYS A 1 50  ? -8.812  3.300   -5.673  1.00 67.51  ? 49  LYS A NZ  1 
ATOM   414  N  N   A THR A 1 51  ? -9.154  1.158   0.706   0.06 47.29  ? 50  THR A N   1 
ATOM   415  N  N   B THR A 1 51  ? -9.188  1.156   0.698   0.45 48.90  ? 50  THR A N   1 
ATOM   416  C  CA  A THR A 1 51  ? -8.029  0.271   1.115   0.06 46.94  ? 50  THR A CA  1 
ATOM   417  C  CA  B THR A 1 51  ? -8.137  0.184   1.110   0.45 50.97  ? 50  THR A CA  1 
ATOM   418  C  C   A THR A 1 51  ? -7.313  -0.297  -0.119  0.06 46.49  ? 50  THR A C   1 
ATOM   419  C  C   B THR A 1 51  ? -7.341  -0.289  -0.115  0.45 47.02  ? 50  THR A C   1 
ATOM   420  O  O   A THR A 1 51  ? -6.078  -0.443  -0.047  0.06 46.12  ? 50  THR A O   1 
ATOM   421  O  O   B THR A 1 51  ? -6.109  -0.376  -0.030  0.45 45.27  ? 50  THR A O   1 
ATOM   422  C  CB  A THR A 1 51  ? -8.515  -0.828  2.068   0.06 46.81  ? 50  THR A CB  1 
ATOM   423  C  CB  B THR A 1 51  ? -8.767  -1.024  1.818   0.45 53.53  ? 50  THR A CB  1 
ATOM   424  O  OG1 A THR A 1 51  ? -7.381  -1.599  2.468   0.06 46.05  ? 50  THR A OG1 1 
ATOM   425  O  OG1 B THR A 1 51  ? -9.492  -0.569  2.963   0.45 61.69  ? 50  THR A OG1 1 
ATOM   426  C  CG2 A THR A 1 51  ? -9.563  -1.728  1.452   0.06 46.79  ? 50  THR A CG2 1 
ATOM   427  C  CG2 B THR A 1 51  ? -7.747  -2.052  2.256   0.45 52.49  ? 50  THR A CG2 1 
ATOM   428  N  N   . LYS A 1 52  ? -8.041  -0.602  -1.201  1.00 45.97  ? 51  LYS A N   1 
ATOM   429  C  CA  . LYS A 1 52  ? -7.457  -1.215  -2.416  1.00 47.55  ? 51  LYS A CA  1 
ATOM   430  C  C   . LYS A 1 52  ? -7.118  -0.161  -3.486  1.00 45.71  ? 51  LYS A C   1 
ATOM   431  O  O   . LYS A 1 52  ? -7.990  0.642   -3.842  1.00 45.89  ? 51  LYS A O   1 
ATOM   432  C  CB  . LYS A 1 52  ? -8.466  -2.260  -2.851  1.00 45.29  ? 51  LYS A CB  1 
ATOM   433  C  CG  . LYS A 1 52  ? -8.030  -3.109  -4.016  1.00 55.11  ? 51  LYS A CG  1 
ATOM   434  C  CD  . LYS A 1 52  ? -8.989  -4.243  -4.155  1.00 60.63  ? 51  LYS A CD  1 
ATOM   435  C  CE  . LYS A 1 52  ? -10.395 -3.765  -4.459  1.00 66.03  ? 51  LYS A CE  1 
ATOM   436  N  NZ  . LYS A 1 52  ? -11.091 -4.712  -5.364  1.00 68.89  ? 51  LYS A NZ  1 
ATOM   437  N  N   . PHE A 1 53  ? -5.861  -0.151  -3.936  1.00 43.42  ? 52  PHE A N   1 
ATOM   438  C  CA  . PHE A 1 53  ? -5.267  0.838   -4.873  1.00 42.33  ? 52  PHE A CA  1 
ATOM   439  C  C   . PHE A 1 53  ? -4.681  0.099   -6.083  1.00 42.55  ? 52  PHE A C   1 
ATOM   440  O  O   . PHE A 1 53  ? -4.092  -1.005  -5.937  1.00 37.41  ? 52  PHE A O   1 
ATOM   441  C  CB  . PHE A 1 53  ? -4.189  1.671   -4.187  1.00 43.80  ? 52  PHE A CB  1 
ATOM   442  C  CG  . PHE A 1 53  ? -4.739  2.625   -3.166  1.00 42.86  ? 52  PHE A CG  1 
ATOM   443  C  CD1 . PHE A 1 53  ? -5.124  2.164   -1.920  1.00 44.92  ? 52  PHE A CD1 1 
ATOM   444  C  CD2 . PHE A 1 53  ? -4.971  3.948   -3.488  1.00 44.90  ? 52  PHE A CD2 1 
ATOM   445  C  CE1 . PHE A 1 53  ? -5.676  3.024   -0.985  1.00 46.01  ? 52  PHE A CE1 1 
ATOM   446  C  CE2 . PHE A 1 53  ? -5.506  4.813   -2.546  1.00 53.17  ? 52  PHE A CE2 1 
ATOM   447  C  CZ  . PHE A 1 53  ? -5.845  4.348   -1.293  1.00 49.45  ? 52  PHE A CZ  1 
ATOM   448  N  N   . LEU A 1 54  ? -4.871  0.674   -7.258  1.00 41.72  ? 53  LEU A N   1 
ATOM   449  C  CA  . LEU A 1 54  ? -4.274  0.181   -8.525  1.00 41.61  ? 53  LEU A CA  1 
ATOM   450  C  C   . LEU A 1 54  ? -3.191  1.169   -8.936  1.00 37.96  ? 53  LEU A C   1 
ATOM   451  O  O   . LEU A 1 54  ? -3.506  2.219   -9.538  1.00 42.32  ? 53  LEU A O   1 
ATOM   452  C  CB  . LEU A 1 54  ? -5.359  0.038   -9.595  1.00 40.00  ? 53  LEU A CB  1 
ATOM   453  C  CG  . LEU A 1 54  ? -6.569  -0.820  -9.218  1.00 47.07  ? 53  LEU A CG  1 
ATOM   454  C  CD1 . LEU A 1 54  ? -7.581  -0.795  -10.343 1.00 50.33  ? 53  LEU A CD1 1 
ATOM   455  C  CD2 . LEU A 1 54  ? -6.176  -2.248  -8.871  1.00 50.79  ? 53  LEU A CD2 1 
ATOM   456  N  N   . VAL A 1 55  ? -1.940  0.878   -8.601  1.00 39.33  ? 54  VAL A N   1 
ATOM   457  C  CA  . VAL A 1 55  ? -0.822  1.801   -8.893  1.00 38.79  ? 54  VAL A CA  1 
ATOM   458  C  C   . VAL A 1 55  ? -0.240  1.473   -10.271 1.00 38.16  ? 54  VAL A C   1 
ATOM   459  O  O   . VAL A 1 55  ? 0.082   0.327   -10.552 1.00 35.72  ? 54  VAL A O   1 
ATOM   460  C  CB  . VAL A 1 55  ? 0.196   1.768   -7.736  1.00 36.07  ? 54  VAL A CB  1 
ATOM   461  C  CG1 . VAL A 1 55  ? 1.339   2.720   -7.972  1.00 36.74  ? 54  VAL A CG1 1 
ATOM   462  C  CG2 . VAL A 1 55  ? -0.490  2.079   -6.402  1.00 39.43  ? 54  VAL A CG2 1 
ATOM   463  N  N   . PRO A 1 56  ? -0.046  2.483   -11.159 1.00 41.66  ? 55  PRO A N   1 
ATOM   464  C  CA  . PRO A 1 56  ? 0.676   2.284   -12.419 1.00 37.60  ? 55  PRO A CA  1 
ATOM   465  C  C   . PRO A 1 56  ? 2.068   1.699   -12.135 1.00 37.46  ? 55  PRO A C   1 
ATOM   466  O  O   . PRO A 1 56  ? 2.739   2.147   -11.234 1.00 35.24  ? 55  PRO A O   1 
ATOM   467  C  CB  . PRO A 1 56  ? 0.825   3.679   -13.040 1.00 39.33  ? 55  PRO A CB  1 
ATOM   468  C  CG  . PRO A 1 56  ? -0.184  4.557   -12.294 1.00 41.81  ? 55  PRO A CG  1 
ATOM   469  C  CD  . PRO A 1 56  ? -0.413  3.895   -10.944 1.00 42.34  ? 55  PRO A CD  1 
ATOM   470  N  N   . ASP A 1 57  ? 2.461   0.677   -12.890 1.00 40.22  ? 56  ASP A N   1 
ATOM   471  C  CA  . ASP A 1 57  ? 3.590   -0.205  -12.516 1.00 39.19  ? 56  ASP A CA  1 
ATOM   472  C  C   . ASP A 1 57  ? 4.962   0.428   -12.846 1.00 35.43  ? 56  ASP A C   1 
ATOM   473  O  O   . ASP A 1 57  ? 5.939   -0.174  -12.401 1.00 36.96  ? 56  ASP A O   1 
ATOM   474  C  CB  . ASP A 1 57  ? 3.413   -1.606  -13.104 1.00 35.60  ? 56  ASP A CB  1 
ATOM   475  C  CG  . ASP A 1 57  ? 3.851   -1.727  -14.555 1.00 36.79  ? 56  ASP A CG  1 
ATOM   476  O  OD1 . ASP A 1 57  ? 3.874   -0.708  -15.206 1.00 36.04  ? 56  ASP A OD1 1 
ATOM   477  O  OD2 . ASP A 1 57  ? 4.219   -2.850  -14.991 1.00 35.89  ? 56  ASP A OD2 1 
ATOM   478  N  N   . HIS A 1 58  ? 5.021   1.625   -13.444 1.00 38.21  ? 57  HIS A N   1 
ATOM   479  C  CA  . HIS A 1 58  ? 6.284   2.372   -13.761 1.00 41.98  ? 57  HIS A CA  1 
ATOM   480  C  C   . HIS A 1 58  ? 6.627   3.403   -12.679 1.00 41.28  ? 57  HIS A C   1 
ATOM   481  O  O   . HIS A 1 58  ? 7.768   3.964   -12.734 1.00 46.20  ? 57  HIS A O   1 
ATOM   482  C  CB  . HIS A 1 58  ? 6.201   3.124   -15.104 1.00 41.73  ? 57  HIS A CB  1 
ATOM   483  C  CG  . HIS A 1 58  ? 5.043   4.058   -15.164 1.00 43.82  ? 57  HIS A CG  1 
ATOM   484  N  ND1 . HIS A 1 58  ? 5.158   5.395   -14.842 1.00 48.14  ? 57  HIS A ND1 1 
ATOM   485  C  CD2 . HIS A 1 58  ? 3.741   3.831   -15.431 1.00 45.01  ? 57  HIS A CD2 1 
ATOM   486  C  CE1 . HIS A 1 58  ? 3.977   5.960   -14.900 1.00 49.42  ? 57  HIS A CE1 1 
ATOM   487  N  NE2 . HIS A 1 58  ? 3.089   5.017   -15.276 1.00 53.78  ? 57  HIS A NE2 1 
ATOM   488  N  N   . VAL A 1 59  ? 5.729   3.690   -11.733 1.00 38.19  ? 58  VAL A N   1 
ATOM   489  C  CA  . VAL A 1 59  ? 6.062   4.701   -10.676 1.00 42.17  ? 58  VAL A CA  1 
ATOM   490  C  C   . VAL A 1 59  ? 7.058   4.064   -9.683  1.00 42.86  ? 58  VAL A C   1 
ATOM   491  O  O   . VAL A 1 59  ? 6.991   2.845   -9.423  1.00 46.02  ? 58  VAL A O   1 
ATOM   492  C  CB  . VAL A 1 59  ? 4.812   5.317   -10.000 1.00 42.82  ? 58  VAL A CB  1 
ATOM   493  C  CG1 . VAL A 1 59  ? 3.787   5.826   -11.016 1.00 43.40  ? 58  VAL A CG1 1 
ATOM   494  C  CG2 . VAL A 1 59  ? 4.154   4.384   -9.021  1.00 40.52  ? 58  VAL A CG2 1 
ATOM   495  N  N   . ASN A 1 60  ? 7.989   4.852   -9.158  1.00 41.78  ? 59  ASN A N   1 
ATOM   496  C  CA  . ASN A 1 60  ? 8.915   4.406   -8.090  1.00 37.12  ? 59  ASN A CA  1 
ATOM   497  C  C   . ASN A 1 60  ? 8.274   4.712   -6.732  1.00 36.87  ? 59  ASN A C   1 
ATOM   498  O  O   . ASN A 1 60  ? 7.261   5.422   -6.705  1.00 32.63  ? 59  ASN A O   1 
ATOM   499  C  CB  . ASN A 1 60  ? 10.297  5.042   -8.295  1.00 40.13  ? 59  ASN A CB  1 
ATOM   500  C  CG  . ASN A 1 60  ? 10.311  6.539   -8.075  1.00 38.64  ? 59  ASN A CG  1 
ATOM   501  O  OD1 . ASN A 1 60  ? 9.397   7.111   -7.490  1.00 44.46  ? 59  ASN A OD1 1 
ATOM   502  N  ND2 . ASN A 1 60  ? 11.358  7.195   -8.544  1.00 44.81  ? 59  ASN A ND2 1 
ATOM   503  N  N   . MET A 1 61  ? 8.827   4.175   -5.635  1.00 37.85  ? 60  MET A N   1 
ATOM   504  C  CA  . MET A 1 61  ? 8.254   4.270   -4.261  1.00 43.42  ? 60  MET A CA  1 
ATOM   505  C  C   . MET A 1 61  ? 8.150   5.722   -3.776  1.00 40.18  ? 60  MET A C   1 
ATOM   506  O  O   . MET A 1 61  ? 7.208   6.066   -3.016  1.00 37.49  ? 60  MET A O   1 
ATOM   507  C  CB  . MET A 1 61  ? 9.108   3.481   -3.259  1.00 45.80  ? 60  MET A CB  1 
ATOM   508  C  CG  . MET A 1 61  ? 9.072   1.987   -3.514  1.00 49.08  ? 60  MET A CG  1 
ATOM   509  S  SD  . MET A 1 61  ? 7.382   1.336   -3.584  1.00 49.66  ? 60  MET A SD  1 
ATOM   510  C  CE  . MET A 1 61  ? 6.782   1.713   -1.951  1.00 40.69  ? 60  MET A CE  1 
ATOM   511  N  N   A SER A 1 62  ? 9.106   6.559   -4.177  0.47 40.75  ? 61  SER A N   1 
ATOM   512  N  N   B SER A 1 62  ? 9.103   6.564   -4.188  0.04 38.98  ? 61  SER A N   1 
ATOM   513  C  CA  A SER A 1 62  ? 9.101   8.009   -3.869  0.47 42.23  ? 61  SER A CA  1 
ATOM   514  C  CA  B SER A 1 62  ? 9.123   8.019   -3.883  0.04 38.25  ? 61  SER A CA  1 
ATOM   515  C  C   A SER A 1 62  ? 7.797   8.616   -4.407  0.47 38.22  ? 61  SER A C   1 
ATOM   516  C  C   B SER A 1 62  ? 7.844   8.664   -4.431  0.04 37.09  ? 61  SER A C   1 
ATOM   517  O  O   A SER A 1 62  ? 7.121   9.342   -3.665  0.47 37.57  ? 61  SER A O   1 
ATOM   518  O  O   B SER A 1 62  ? 7.255   9.494   -3.714  0.04 36.77  ? 61  SER A O   1 
ATOM   519  C  CB  A SER A 1 62  ? 10.326  8.669   -4.445  0.47 43.79  ? 61  SER A CB  1 
ATOM   520  C  CB  B SER A 1 62  ? 10.359  8.689   -4.428  0.04 38.32  ? 61  SER A CB  1 
ATOM   521  O  OG  A SER A 1 62  ? 10.182  10.075  -4.464  0.47 47.85  ? 61  SER A OG  1 
ATOM   522  O  OG  B SER A 1 62  ? 10.218  8.975   -5.810  0.04 38.41  ? 61  SER A OG  1 
ATOM   523  N  N   . GLU A 1 63  ? 7.430   8.282   -5.646  1.00 34.76  ? 62  GLU A N   1 
ATOM   524  C  CA  . GLU A 1 63  ? 6.182   8.806   -6.260  1.00 37.35  ? 62  GLU A CA  1 
ATOM   525  C  C   . GLU A 1 63  ? 4.931   8.205   -5.581  1.00 35.37  ? 62  GLU A C   1 
ATOM   526  O  O   . GLU A 1 63  ? 3.983   8.959   -5.412  1.00 32.07  ? 62  GLU A O   1 
ATOM   527  C  CB  . GLU A 1 63  ? 6.238   8.575   -7.765  1.00 40.40  ? 62  GLU A CB  1 
ATOM   528  C  CG  . GLU A 1 63  ? 5.015   9.070   -8.491  1.00 40.30  ? 62  GLU A CG  1 
ATOM   529  C  CD  . GLU A 1 63  ? 4.564   10.494  -8.211  1.00 41.25  ? 62  GLU A CD  1 
ATOM   530  O  OE1 . GLU A 1 63  ? 5.417   11.371  -7.898  1.00 48.18  ? 62  GLU A OE1 1 
ATOM   531  O  OE2 . GLU A 1 63  ? 3.331   10.717  -8.260  1.00 39.61  ? 62  GLU A OE2 1 
ATOM   532  N  N   . LEU A 1 64  ? 4.911   6.913   -5.176  1.00 38.26  ? 63  LEU A N   1 
ATOM   533  C  CA  . LEU A 1 64  ? 3.787   6.338   -4.393  1.00 34.87  ? 63  LEU A CA  1 
ATOM   534  C  C   . LEU A 1 64  ? 3.609   7.076   -3.062  1.00 35.24  ? 63  LEU A C   1 
ATOM   535  O  O   . LEU A 1 64  ? 2.443   7.297   -2.633  1.00 37.07  ? 63  LEU A O   1 
ATOM   536  C  CB  . LEU A 1 64  ? 3.954   4.848   -4.120  1.00 36.40  ? 63  LEU A CB  1 
ATOM   537  C  CG  . LEU A 1 64  ? 2.753   4.219   -3.396  1.00 39.10  ? 63  LEU A CG  1 
ATOM   538  C  CD1 . LEU A 1 64  ? 1.435   4.580   -4.089  1.00 43.58  ? 63  LEU A CD1 1 
ATOM   539  C  CD2 . LEU A 1 64  ? 2.901   2.708   -3.296  1.00 41.30  ? 63  LEU A CD2 1 
ATOM   540  N  N   . ILE A 1 65  ? 4.697   7.420   -2.386  1.00 42.25  ? 64  ILE A N   1 
ATOM   541  C  CA  . ILE A 1 65  ? 4.599   8.177   -1.098  1.00 41.88  ? 64  ILE A CA  1 
ATOM   542  C  C   . ILE A 1 65  ? 3.900   9.497   -1.373  1.00 35.37  ? 64  ILE A C   1 
ATOM   543  O  O   . ILE A 1 65  ? 3.006   9.813   -0.607  1.00 39.48  ? 64  ILE A O   1 
ATOM   544  C  CB  . ILE A 1 65  ? 5.983   8.363   -0.431  1.00 40.56  ? 64  ILE A CB  1 
ATOM   545  C  CG1 . ILE A 1 65  ? 6.520   7.023   0.079   1.00 43.89  ? 64  ILE A CG1 1 
ATOM   546  C  CG2 . ILE A 1 65  ? 5.903   9.380   0.696   1.00 44.33  ? 64  ILE A CG2 1 
ATOM   547  C  CD1 . ILE A 1 65  ? 8.016   6.993   0.262   1.00 48.78  ? 64  ILE A CD1 1 
ATOM   548  N  N   . LYS A 1 66  ? 4.302   10.224  -2.430  1.00 36.55  ? 65  LYS A N   1 
ATOM   549  C  CA  . LYS A 1 66  ? 3.682   11.529  -2.823  1.00 38.15  ? 65  LYS A CA  1 
ATOM   550  C  C   . LYS A 1 66  ? 2.184   11.393  -3.154  1.00 43.44  ? 65  LYS A C   1 
ATOM   551  O  O   . LYS A 1 66  ? 1.392   12.253  -2.707  1.00 39.02  ? 65  LYS A O   1 
ATOM   552  C  CB  . LYS A 1 66  ? 4.425   12.083  -4.027  1.00 41.20  ? 65  LYS A CB  1 
ATOM   553  C  CG  . LYS A 1 66  ? 5.814   12.588  -3.687  1.00 42.12  ? 65  LYS A CG  1 
ATOM   554  C  CD  . LYS A 1 66  ? 6.476   13.323  -4.793  1.00 48.95  ? 65  LYS A CD  1 
ATOM   555  C  CE  . LYS A 1 66  ? 7.921   13.652  -4.492  1.00 59.82  ? 65  LYS A CE  1 
ATOM   556  N  NZ  . LYS A 1 66  ? 8.559   14.276  -5.675  1.00 74.35  ? 65  LYS A NZ  1 
ATOM   557  N  N   . ILE A 1 67  ? 1.802   10.345  -3.895  1.00 38.18  ? 66  ILE A N   1 
ATOM   558  C  CA  . ILE A 1 67  ? 0.384   10.057  -4.234  1.00 37.14  ? 66  ILE A CA  1 
ATOM   559  C  C   . ILE A 1 67  ? -0.428  9.945   -2.943  1.00 38.25  ? 66  ILE A C   1 
ATOM   560  O  O   . ILE A 1 67  ? -1.504  10.552  -2.860  1.00 36.28  ? 66  ILE A O   1 
ATOM   561  C  CB  . ILE A 1 67  ? 0.248   8.780   -5.092  1.00 37.73  ? 66  ILE A CB  1 
ATOM   562  C  CG1 . ILE A 1 67  ? 0.896   8.961   -6.466  1.00 38.51  ? 66  ILE A CG1 1 
ATOM   563  C  CG2 . ILE A 1 67  ? -1.204  8.335   -5.173  1.00 39.89  ? 66  ILE A CG2 1 
ATOM   564  C  CD1 . ILE A 1 67  ? 1.016   7.710   -7.285  1.00 35.99  ? 66  ILE A CD1 1 
ATOM   565  N  N   A ILE A 1 68  ? 0.068   9.185   -1.961  0.17 39.09  ? 67  ILE A N   1 
ATOM   566  N  N   B ILE A 1 68  ? 0.070   9.166   -1.972  0.34 40.59  ? 67  ILE A N   1 
ATOM   567  C  CA  A ILE A 1 68  ? -0.687  8.886   -0.708  0.17 39.67  ? 67  ILE A CA  1 
ATOM   568  C  CA  B ILE A 1 68  ? -0.663  8.889   -0.702  0.34 41.85  ? 67  ILE A CA  1 
ATOM   569  C  C   A ILE A 1 68  ? -0.675  10.117  0.210   0.17 40.63  ? 67  ILE A C   1 
ATOM   570  C  C   B ILE A 1 68  ? -0.703  10.166  0.142   0.34 42.76  ? 67  ILE A C   1 
ATOM   571  O  O   A ILE A 1 68  ? -1.693  10.321  0.900   0.17 41.61  ? 67  ILE A O   1 
ATOM   572  O  O   B ILE A 1 68  ? -1.777  10.455  0.701   0.34 45.09  ? 67  ILE A O   1 
ATOM   573  C  CB  A ILE A 1 68  ? -0.153  7.625   -0.003  0.17 39.72  ? 67  ILE A CB  1 
ATOM   574  C  CB  B ILE A 1 68  ? -0.054  7.722   0.095   0.34 43.26  ? 67  ILE A CB  1 
ATOM   575  C  CG1 A ILE A 1 68  ? -0.259  6.382   -0.891  0.17 39.18  ? 67  ILE A CG1 1 
ATOM   576  C  CG1 B ILE A 1 68  ? -0.076  6.408   -0.688  0.34 42.69  ? 67  ILE A CG1 1 
ATOM   577  C  CG2 A ILE A 1 68  ? -0.863  7.432   1.326   0.17 41.44  ? 67  ILE A CG2 1 
ATOM   578  C  CG2 B ILE A 1 68  ? -0.774  7.600   1.426   0.34 46.18  ? 67  ILE A CG2 1 
ATOM   579  C  CD1 A ILE A 1 68  ? -1.627  6.156   -1.500  0.17 38.40  ? 67  ILE A CD1 1 
ATOM   580  C  CD1 B ILE A 1 68  ? 0.896   5.371   -0.163  0.34 43.10  ? 67  ILE A CD1 1 
ATOM   581  N  N   . ARG A 1 69  ? 0.414   10.899  0.231   1.00 39.00  ? 68  ARG A N   1 
ATOM   582  C  CA  . ARG A 1 69  ? 0.435   12.212  0.965   1.00 41.54  ? 68  ARG A CA  1 
ATOM   583  C  C   . ARG A 1 69  ? -0.566  13.182  0.314   1.00 43.57  ? 68  ARG A C   1 
ATOM   584  O  O   . ARG A 1 69  ? -1.174  13.975  1.060   1.00 46.77  ? 68  ARG A O   1 
ATOM   585  C  CB  . ARG A 1 69  ? 1.824   12.855  1.041   1.00 37.55  ? 68  ARG A CB  1 
ATOM   586  C  CG  . ARG A 1 69  ? 2.785   12.162  1.997   1.00 40.71  ? 68  ARG A CG  1 
ATOM   587  C  CD  . ARG A 1 69  ? 4.184   12.732  1.816   1.00 44.68  ? 68  ARG A CD  1 
ATOM   588  N  NE  . ARG A 1 69  ? 4.107   14.106  2.295   1.00 53.77  ? 68  ARG A NE  1 
ATOM   589  C  CZ  . ARG A 1 69  ? 4.327   14.516  3.548   1.00 58.86  ? 68  ARG A CZ  1 
ATOM   590  N  NH1 . ARG A 1 69  ? 4.745   13.674  4.494   1.00 57.12  ? 68  ARG A NH1 1 
ATOM   591  N  NH2 . ARG A 1 69  ? 4.144   15.794  3.837   1.00 52.50  ? 68  ARG A NH2 1 
ATOM   592  N  N   . ARG A 1 70  ? -0.774  13.109  -1.008  1.00 42.30  ? 69  ARG A N   1 
ATOM   593  C  CA  . ARG A 1 70  ? -1.823  13.913  -1.714  1.00 38.04  ? 69  ARG A CA  1 
ATOM   594  C  C   . ARG A 1 70  ? -3.215  13.362  -1.401  1.00 41.34  ? 69  ARG A C   1 
ATOM   595  O  O   . ARG A 1 70  ? -4.112  14.159  -1.248  1.00 48.03  ? 69  ARG A O   1 
ATOM   596  C  CB  . ARG A 1 70  ? -1.554  14.008  -3.216  1.00 38.39  ? 69  ARG A CB  1 
ATOM   597  C  CG  . ARG A 1 70  ? -0.444  15.006  -3.549  1.00 42.62  ? 69  ARG A CG  1 
ATOM   598  C  CD  . ARG A 1 70  ? -0.266  15.376  -5.003  1.00 40.74  ? 69  ARG A CD  1 
ATOM   599  N  NE  . ARG A 1 70  ? -0.064  14.268  -5.926  1.00 34.33  ? 69  ARG A NE  1 
ATOM   600  C  CZ  . ARG A 1 70  ? 1.102   13.836  -6.377  1.00 39.43  ? 69  ARG A CZ  1 
ATOM   601  N  NH1 . ARG A 1 70  ? 2.220   14.425  -6.006  1.00 32.53  ? 69  ARG A NH1 1 
ATOM   602  N  NH2 . ARG A 1 70  ? 1.153   12.811  -7.200  1.00 34.41  ? 69  ARG A NH2 1 
ATOM   603  N  N   . ARG A 1 71  ? -3.384  12.044  -1.306  1.00 38.11  ? 70  ARG A N   1 
ATOM   604  C  CA  . ARG A 1 71  ? -4.690  11.440  -1.020  1.00 42.99  ? 70  ARG A CA  1 
ATOM   605  C  C   . ARG A 1 71  ? -5.165  11.816  0.397   1.00 50.85  ? 70  ARG A C   1 
ATOM   606  O  O   . ARG A 1 71  ? -6.384  11.985  0.591   1.00 52.72  ? 70  ARG A O   1 
ATOM   607  C  CB  . ARG A 1 71  ? -4.607  9.932   -1.149  1.00 42.46  ? 70  ARG A CB  1 
ATOM   608  C  CG  . ARG A 1 71  ? -5.990  9.320   -1.170  1.00 49.90  ? 70  ARG A CG  1 
ATOM   609  C  CD  . ARG A 1 71  ? -6.125  8.476   -2.389  1.00 54.71  ? 70  ARG A CD  1 
ATOM   610  N  NE  . ARG A 1 71  ? -7.490  8.010   -2.560  1.00 56.11  ? 70  ARG A NE  1 
ATOM   611  C  CZ  . ARG A 1 71  ? -8.014  7.687   -3.731  1.00 50.45  ? 70  ARG A CZ  1 
ATOM   612  N  NH1 . ARG A 1 71  ? -7.269  7.816   -4.821  1.00 48.00  ? 70  ARG A NH1 1 
ATOM   613  N  NH2 . ARG A 1 71  ? -9.273  7.241   -3.808  1.00 43.46  ? 70  ARG A NH2 1 
ATOM   614  N  N   . LEU A 1 72  ? -4.236  11.865  1.349   1.00 50.82  ? 71  LEU A N   1 
ATOM   615  C  CA  . LEU A 1 72  ? -4.481  12.268  2.755   1.00 49.82  ? 71  LEU A CA  1 
ATOM   616  C  C   . LEU A 1 72  ? -4.524  13.797  2.877   1.00 48.79  ? 71  LEU A C   1 
ATOM   617  O  O   . LEU A 1 72  ? -4.836  14.248  3.969   1.00 53.48  ? 71  LEU A O   1 
ATOM   618  C  CB  . LEU A 1 72  ? -3.353  11.705  3.622   1.00 49.10  ? 71  LEU A CB  1 
ATOM   619  C  CG  . LEU A 1 72  ? -3.349  10.197  3.793   1.00 45.85  ? 71  LEU A CG  1 
ATOM   620  C  CD1 . LEU A 1 72  ? -2.058  9.731   4.449   1.00 49.26  ? 71  LEU A CD1 1 
ATOM   621  C  CD2 . LEU A 1 72  ? -4.566  9.742   4.564   1.00 50.06  ? 71  LEU A CD2 1 
ATOM   622  N  N   . GLN A 1 73  ? -4.199  14.543  1.811   1.00 48.48  ? 72  GLN A N   1 
ATOM   623  C  CA  . GLN A 1 73  ? -4.092  16.031  1.768   1.00 50.23  ? 72  GLN A CA  1 
ATOM   624  C  C   . GLN A 1 73  ? -3.114  16.577  2.840   1.00 54.05  ? 72  GLN A C   1 
ATOM   625  O  O   . GLN A 1 73  ? -3.265  17.730  3.264   1.00 57.52  ? 72  GLN A O   1 
ATOM   626  C  CB  . GLN A 1 73  ? -5.496  16.644  1.883   1.00 54.32  ? 72  GLN A CB  1 
ATOM   627  C  CG  . GLN A 1 73  ? -6.317  16.574  0.603   1.00 50.07  ? 72  GLN A CG  1 
ATOM   628  C  CD  . GLN A 1 73  ? -5.852  17.517  -0.493  1.00 53.02  ? 72  GLN A CD  1 
ATOM   629  O  OE1 . GLN A 1 73  ? -6.266  18.673  -0.574  1.00 48.95  ? 72  GLN A OE1 1 
ATOM   630  N  NE2 . GLN A 1 73  ? -5.003  17.027  -1.387  1.00 49.46  ? 72  GLN A NE2 1 
ATOM   631  N  N   . LEU A 1 74  ? -2.064  15.841  3.197   1.00 58.00  ? 73  LEU A N   1 
ATOM   632  C  CA  . LEU A 1 74  ? -1.045  16.291  4.194   1.00 51.04  ? 73  LEU A CA  1 
ATOM   633  C  C   . LEU A 1 74  ? -0.456  17.651  3.802   1.00 50.87  ? 73  LEU A C   1 
ATOM   634  O  O   . LEU A 1 74  ? -0.358  17.926  2.600   1.00 56.26  ? 73  LEU A O   1 
ATOM   635  C  CB  . LEU A 1 74  ? 0.066   15.235  4.285   1.00 46.91  ? 73  LEU A CB  1 
ATOM   636  C  CG  . LEU A 1 74  ? -0.344  13.836  4.753   1.00 46.68  ? 73  LEU A CG  1 
ATOM   637  C  CD1 . LEU A 1 74  ? 0.860   13.088  5.258   1.00 45.06  ? 73  LEU A CD1 1 
ATOM   638  C  CD2 . LEU A 1 74  ? -1.434  13.868  5.828   1.00 51.57  ? 73  LEU A CD2 1 
ATOM   639  N  N   . ASN A 1 75  ? -0.036  18.466  4.781   1.00 50.43  ? 74  ASN A N   1 
ATOM   640  C  CA  . ASN A 1 75  ? 0.855   19.637  4.543   1.00 52.61  ? 74  ASN A CA  1 
ATOM   641  C  C   . ASN A 1 75  ? 2.295   19.172  4.763   1.00 56.06  ? 74  ASN A C   1 
ATOM   642  O  O   . ASN A 1 75  ? 2.486   17.997  5.199   1.00 52.36  ? 74  ASN A O   1 
ATOM   643  C  CB  . ASN A 1 75  ? 0.470   20.901  5.326   1.00 70.19  ? 74  ASN A CB  1 
ATOM   644  C  CG  . ASN A 1 75  ? 0.343   20.689  6.824   1.00 79.71  ? 74  ASN A CG  1 
ATOM   645  O  OD1 . ASN A 1 75  ? 1.349   20.504  7.517   1.00 79.68  ? 74  ASN A OD1 1 
ATOM   646  N  ND2 . ASN A 1 75  ? -0.886  20.716  7.329   1.00 85.98  ? 74  ASN A ND2 1 
ATOM   647  N  N   . ALA A 1 76  ? 3.253   20.054  4.458   1.00 59.08  ? 75  ALA A N   1 
ATOM   648  C  CA  . ALA A 1 76  ? 4.634   19.715  4.053   1.00 67.35  ? 75  ALA A CA  1 
ATOM   649  C  C   . ALA A 1 76  ? 5.538   19.432  5.258   1.00 73.19  ? 75  ALA A C   1 
ATOM   650  O  O   . ALA A 1 76  ? 6.691   19.044  5.011   1.00 73.32  ? 75  ALA A O   1 
ATOM   651  C  CB  . ALA A 1 76  ? 5.189   20.827  3.204   1.00 72.72  ? 75  ALA A CB  1 
ATOM   652  N  N   . ASN A 1 77  ? 5.066   19.610  6.496   1.00 82.05  ? 76  ASN A N   1 
ATOM   653  C  CA  . ASN A 1 77  ? 5.847   19.239  7.712   1.00 92.52  ? 76  ASN A CA  1 
ATOM   654  C  C   . ASN A 1 77  ? 5.026   18.298  8.611   1.00 88.65  ? 76  ASN A C   1 
ATOM   655  O  O   . ASN A 1 77  ? 5.439   18.124  9.777   1.00 92.51  ? 76  ASN A O   1 
ATOM   656  C  CB  . ASN A 1 77  ? 6.352   20.471  8.471   1.00 103.97 ? 76  ASN A CB  1 
ATOM   657  C  CG  . ASN A 1 77  ? 5.233   21.414  8.854   1.00 113.93 ? 76  ASN A CG  1 
ATOM   658  O  OD1 . ASN A 1 77  ? 4.058   21.066  8.725   1.00 110.95 ? 76  ASN A OD1 1 
ATOM   659  N  ND2 . ASN A 1 77  ? 5.588   22.608  9.302   1.00 118.66 ? 76  ASN A ND2 1 
ATOM   660  N  N   . GLN A 1 78  ? 3.922   17.725  8.097   1.00 75.40  ? 77  GLN A N   1 
ATOM   661  C  CA  . GLN A 1 78  ? 3.304   16.487  8.642   1.00 67.19  ? 77  GLN A CA  1 
ATOM   662  C  C   . GLN A 1 78  ? 4.256   15.345  8.269   1.00 68.18  ? 77  GLN A C   1 
ATOM   663  O  O   . GLN A 1 78  ? 4.884   15.430  7.186   1.00 66.81  ? 77  GLN A O   1 
ATOM   664  C  CB  . GLN A 1 78  ? 1.873   16.260  8.129   1.00 71.78  ? 77  GLN A CB  1 
ATOM   665  C  CG  . GLN A 1 78  ? 0.909   17.395  8.463   1.00 70.24  ? 77  GLN A CG  1 
ATOM   666  C  CD  . GLN A 1 78  ? -0.561  17.093  8.258   1.00 72.70  ? 77  GLN A CD  1 
ATOM   667  O  OE1 . GLN A 1 78  ? -1.195  17.584  7.323   1.00 70.17  ? 77  GLN A OE1 1 
ATOM   668  N  NE2 . GLN A 1 78  ? -1.141  16.323  9.164   1.00 70.43  ? 77  GLN A NE2 1 
ATOM   669  N  N   . ALA A 1 79  ? 4.442   14.358  9.155   1.00 64.15  ? 78  ALA A N   1 
ATOM   670  C  CA  . ALA A 1 79  ? 5.357   13.221  8.900   1.00 58.10  ? 78  ALA A CA  1 
ATOM   671  C  C   . ALA A 1 79  ? 4.533   12.031  8.415   1.00 50.29  ? 78  ALA A C   1 
ATOM   672  O  O   . ALA A 1 79  ? 3.375   11.920  8.772   1.00 50.00  ? 78  ALA A O   1 
ATOM   673  C  CB  . ALA A 1 79  ? 6.197   12.872  10.109  1.00 61.15  ? 78  ALA A CB  1 
ATOM   674  N  N   . PHE A 1 80  ? 5.138   11.193  7.582   1.00 52.66  ? 79  PHE A N   1 
ATOM   675  C  CA  . PHE A 1 80  ? 4.468   10.017  6.991   1.00 47.81  ? 79  PHE A CA  1 
ATOM   676  C  C   . PHE A 1 80  ? 5.536   8.963   6.722   1.00 53.46  ? 79  PHE A C   1 
ATOM   677  O  O   . PHE A 1 80  ? 6.574   9.313   6.120   1.00 57.37  ? 79  PHE A O   1 
ATOM   678  C  CB  . PHE A 1 80  ? 3.726   10.473  5.743   1.00 49.84  ? 79  PHE A CB  1 
ATOM   679  C  CG  . PHE A 1 80  ? 3.094   9.371   4.950   1.00 45.04  ? 79  PHE A CG  1 
ATOM   680  C  CD1 . PHE A 1 80  ? 1.788   9.012   5.183   1.00 43.57  ? 79  PHE A CD1 1 
ATOM   681  C  CD2 . PHE A 1 80  ? 3.795   8.745   3.943   1.00 46.33  ? 79  PHE A CD2 1 
ATOM   682  C  CE1 . PHE A 1 80  ? 1.180   8.045   4.411   1.00 43.19  ? 79  PHE A CE1 1 
ATOM   683  C  CE2 . PHE A 1 80  ? 3.187   7.762   3.180   1.00 44.66  ? 79  PHE A CE2 1 
ATOM   684  C  CZ  . PHE A 1 80  ? 1.888   7.420   3.415   1.00 46.64  ? 79  PHE A CZ  1 
ATOM   685  N  N   . PHE A 1 81  ? 5.302   7.746   7.223   1.00 54.22  ? 80  PHE A N   1 
ATOM   686  C  CA  . PHE A 1 81  ? 6.194   6.571   7.072   1.00 49.98  ? 80  PHE A CA  1 
ATOM   687  C  C   . PHE A 1 81  ? 5.348   5.463   6.475   1.00 48.09  ? 80  PHE A C   1 
ATOM   688  O  O   . PHE A 1 81  ? 4.200   5.308   6.885   1.00 43.76  ? 80  PHE A O   1 
ATOM   689  C  CB  . PHE A 1 81  ? 6.848   6.199   8.406   1.00 56.77  ? 80  PHE A CB  1 
ATOM   690  C  CG  . PHE A 1 81  ? 7.679   7.316   8.986   1.00 54.21  ? 80  PHE A CG  1 
ATOM   691  C  CD1 . PHE A 1 81  ? 7.146   8.170   9.938   1.00 61.45  ? 80  PHE A CD1 1 
ATOM   692  C  CD2 . PHE A 1 81  ? 8.956   7.570   8.508   1.00 59.93  ? 80  PHE A CD2 1 
ATOM   693  C  CE1 . PHE A 1 81  ? 7.903   9.219   10.441  1.00 65.90  ? 80  PHE A CE1 1 
ATOM   694  C  CE2 . PHE A 1 81  ? 9.710   8.617   9.012   1.00 58.78  ? 80  PHE A CE2 1 
ATOM   695  C  CZ  . PHE A 1 81  ? 9.181   9.434   9.982   1.00 62.05  ? 80  PHE A CZ  1 
ATOM   696  N  N   . LEU A 1 82  ? 5.919   4.784   5.487   1.00 51.55  ? 81  LEU A N   1 
ATOM   697  C  CA  . LEU A 1 82  ? 5.262   3.711   4.714   1.00 54.13  ? 81  LEU A CA  1 
ATOM   698  C  C   . LEU A 1 82  ? 6.068   2.422   4.897   1.00 53.97  ? 81  LEU A C   1 
ATOM   699  O  O   . LEU A 1 82  ? 7.220   2.393   4.459   1.00 57.24  ? 81  LEU A O   1 
ATOM   700  C  CB  . LEU A 1 82  ? 5.202   4.143   3.247   1.00 54.81  ? 81  LEU A CB  1 
ATOM   701  C  CG  . LEU A 1 82  ? 4.238   3.351   2.368   1.00 54.12  ? 81  LEU A CG  1 
ATOM   702  C  CD1 . LEU A 1 82  ? 2.814   3.417   2.909   1.00 48.58  ? 81  LEU A CD1 1 
ATOM   703  C  CD2 . LEU A 1 82  ? 4.298   3.867   0.946   1.00 52.98  ? 81  LEU A CD2 1 
ATOM   704  N  N   . LEU A 1 83  ? 5.483   1.428   5.572   1.00 47.97  ? 82  LEU A N   1 
ATOM   705  C  CA  . LEU A 1 83  ? 6.024   0.053   5.639   1.00 46.80  ? 82  LEU A CA  1 
ATOM   706  C  C   . LEU A 1 83  ? 5.497   -0.744  4.440   1.00 46.30  ? 82  LEU A C   1 
ATOM   707  O  O   . LEU A 1 83  ? 4.330   -0.567  4.057   1.00 47.48  ? 82  LEU A O   1 
ATOM   708  C  CB  . LEU A 1 83  ? 5.576   -0.608  6.937   1.00 51.43  ? 82  LEU A CB  1 
ATOM   709  C  CG  . LEU A 1 83  ? 6.026   0.027   8.252   1.00 54.45  ? 82  LEU A CG  1 
ATOM   710  C  CD1 . LEU A 1 83  ? 5.621   -0.872  9.398   1.00 55.21  ? 82  LEU A CD1 1 
ATOM   711  C  CD2 . LEU A 1 83  ? 7.532   0.251   8.297   1.00 55.51  ? 82  LEU A CD2 1 
ATOM   712  N  N   . VAL A 1 84  ? 6.347   -1.571  3.853   1.00 40.53  ? 83  VAL A N   1 
ATOM   713  C  CA  . VAL A 1 84  ? 5.970   -2.534  2.787   1.00 43.74  ? 83  VAL A CA  1 
ATOM   714  C  C   . VAL A 1 84  ? 6.194   -3.920  3.381   1.00 43.76  ? 83  VAL A C   1 
ATOM   715  O  O   . VAL A 1 84  ? 7.337   -4.157  3.799   1.00 39.88  ? 83  VAL A O   1 
ATOM   716  C  CB  . VAL A 1 84  ? 6.815   -2.342  1.507   1.00 43.90  ? 83  VAL A CB  1 
ATOM   717  C  CG1 . VAL A 1 84  ? 6.373   -3.287  0.408   1.00 45.72  ? 83  VAL A CG1 1 
ATOM   718  C  CG2 . VAL A 1 84  ? 6.803   -0.904  1.003   1.00 52.62  ? 83  VAL A CG2 1 
ATOM   719  N  N   . ASN A 1 85  ? 5.204   -4.814  3.276   1.00 41.31  ? 84  ASN A N   1 
ATOM   720  C  CA  . ASN A 1 85  ? 5.308   -6.248  3.641   1.00 40.91  ? 84  ASN A CA  1 
ATOM   721  C  C   . ASN A 1 85  ? 5.867   -6.321  5.066   1.00 47.62  ? 84  ASN A C   1 
ATOM   722  O  O   . ASN A 1 85  ? 6.781   -7.119  5.323   1.00 50.72  ? 84  ASN A O   1 
ATOM   723  C  CB  . ASN A 1 85  ? 6.112   -6.989  2.567   1.00 45.44  ? 84  ASN A CB  1 
ATOM   724  C  CG  . ASN A 1 85  ? 6.311   -8.459  2.857   1.00 47.23  ? 84  ASN A CG  1 
ATOM   725  O  OD1 . ASN A 1 85  ? 5.479   -9.086  3.493   1.00 49.75  ? 84  ASN A OD1 1 
ATOM   726  N  ND2 . ASN A 1 85  ? 7.418   -9.011  2.398   1.00 47.60  ? 84  ASN A ND2 1 
ATOM   727  N  N   . GLY A 1 86  ? 5.390   -5.433  5.935   1.00 45.84  ? 85  GLY A N   1 
ATOM   728  C  CA  . GLY A 1 86  ? 5.763   -5.402  7.351   1.00 50.16  ? 85  GLY A CA  1 
ATOM   729  C  C   . GLY A 1 86  ? 7.050   -4.659  7.690   1.00 53.40  ? 85  GLY A C   1 
ATOM   730  O  O   . GLY A 1 86  ? 7.314   -4.569  8.888   1.00 61.35  ? 85  GLY A O   1 
ATOM   731  N  N   . HIS A 1 87  ? 7.874   -4.190  6.747   1.00 45.74  ? 86  HIS A N   1 
ATOM   732  C  CA  . HIS A 1 87  ? 9.201   -3.617  7.086   1.00 43.66  ? 86  HIS A CA  1 
ATOM   733  C  C   . HIS A 1 87  ? 9.448   -2.297  6.350   1.00 49.03  ? 86  HIS A C   1 
ATOM   734  O  O   . HIS A 1 87  ? 8.722   -1.980  5.387   1.00 46.42  ? 86  HIS A O   1 
ATOM   735  C  CB  . HIS A 1 87  ? 10.313  -4.587  6.725   1.00 44.11  ? 86  HIS A CB  1 
ATOM   736  C  CG  . HIS A 1 87  ? 10.298  -4.996  5.297   1.00 45.00  ? 86  HIS A CG  1 
ATOM   737  N  ND1 . HIS A 1 87  ? 10.829  -4.192  4.288   1.00 48.07  ? 86  HIS A ND1 1 
ATOM   738  C  CD2 . HIS A 1 87  ? 9.852   -6.120  4.701   1.00 43.88  ? 86  HIS A CD2 1 
ATOM   739  C  CE1 . HIS A 1 87  ? 10.692  -4.809  3.132   1.00 50.98  ? 86  HIS A CE1 1 
ATOM   740  N  NE2 . HIS A 1 87  ? 10.127  -6.007  3.364   1.00 43.99  ? 86  HIS A NE2 1 
ATOM   741  N  N   A SER A 1 88  ? 10.459  -1.546  6.798   0.06 47.64  ? 87  SER A N   1 
ATOM   742  N  N   B SER A 1 88  ? 10.463  -1.557  6.800   0.44 48.27  ? 87  SER A N   1 
ATOM   743  C  CA  A SER A 1 88  ? 10.872  -0.239  6.222   0.06 48.29  ? 87  SER A CA  1 
ATOM   744  C  CA  B SER A 1 88  ? 10.918  -0.274  6.205   0.44 51.65  ? 87  SER A CA  1 
ATOM   745  C  C   A SER A 1 88  ? 11.401  -0.451  4.801   0.06 49.27  ? 87  SER A C   1 
ATOM   746  C  C   B SER A 1 88  ? 11.302  -0.503  4.746   0.44 49.36  ? 87  SER A C   1 
ATOM   747  O  O   A SER A 1 88  ? 11.993  -1.515  4.542   0.06 49.71  ? 87  SER A O   1 
ATOM   748  O  O   B SER A 1 88  ? 11.685  -1.633  4.410   0.44 53.95  ? 87  SER A O   1 
ATOM   749  C  CB  A SER A 1 88  ? 11.899  0.444   7.092   0.06 47.76  ? 87  SER A CB  1 
ATOM   750  C  CB  B SER A 1 88  ? 12.074  0.297   6.976   0.44 54.46  ? 87  SER A CB  1 
ATOM   751  O  OG  A SER A 1 88  ? 13.189  -0.116  6.895   0.06 45.91  ? 87  SER A OG  1 
ATOM   752  O  OG  B SER A 1 88  ? 11.663  0.655   8.281   0.44 56.22  ? 87  SER A OG  1 
ATOM   753  N  N   . MET A 1 89  ? 11.194  0.537   3.927   1.00 49.13  ? 88  MET A N   1 
ATOM   754  C  CA  . MET A 1 89  ? 11.698  0.525   2.538   1.00 58.46  ? 88  MET A CA  1 
ATOM   755  C  C   . MET A 1 89  ? 13.217  0.742   2.561   1.00 57.14  ? 88  MET A C   1 
ATOM   756  O  O   . MET A 1 89  ? 13.709  1.629   3.314   1.00 58.18  ? 88  MET A O   1 
ATOM   757  C  CB  . MET A 1 89  ? 11.049  1.664   1.751   1.00 61.64  ? 88  MET A CB  1 
ATOM   758  C  CG  . MET A 1 89  ? 9.559   1.477   1.567   1.00 75.21  ? 88  MET A CG  1 
ATOM   759  S  SD  . MET A 1 89  ? 8.813   2.943   0.825   1.00 70.12  ? 88  MET A SD  1 
ATOM   760  C  CE  . MET A 1 89  ? 10.233  3.696   0.035   1.00 68.80  ? 88  MET A CE  1 
ATOM   761  N  N   . VAL A 1 90  ? 13.945  -0.018  1.759   1.00 59.22  ? 89  VAL A N   1 
ATOM   762  C  CA  . VAL A 1 90  ? 15.423  0.126   1.673   1.00 63.26  ? 89  VAL A CA  1 
ATOM   763  C  C   . VAL A 1 90  ? 15.735  1.361   0.817   1.00 61.57  ? 89  VAL A C   1 
ATOM   764  O  O   . VAL A 1 90  ? 16.670  2.095   1.211   1.00 58.14  ? 89  VAL A O   1 
ATOM   765  C  CB  . VAL A 1 90  ? 16.055  -1.172  1.155   1.00 73.10  ? 89  VAL A CB  1 
ATOM   766  C  CG1 . VAL A 1 90  ? 17.482  -0.973  0.704   1.00 79.59  ? 89  VAL A CG1 1 
ATOM   767  C  CG2 . VAL A 1 90  ? 15.975  -2.258  2.213   1.00 79.66  ? 89  VAL A CG2 1 
ATOM   768  N  N   . SER A 1 91  ? 14.956  1.600   -0.258  1.00 51.85  ? 90  SER A N   1 
ATOM   769  C  CA  . SER A 1 91  ? 15.051  2.790   -1.152  1.00 54.34  ? 90  SER A CA  1 
ATOM   770  C  C   . SER A 1 91  ? 13.703  3.178   -1.788  1.00 58.24  ? 90  SER A C   1 
ATOM   771  O  O   . SER A 1 91  ? 12.945  2.298   -2.223  1.00 53.56  ? 90  SER A O   1 
ATOM   772  C  CB  . SER A 1 91  ? 16.067  2.617   -2.259  1.00 54.24  ? 90  SER A CB  1 
ATOM   773  O  OG  . SER A 1 91  ? 16.454  3.903   -2.758  1.00 61.77  ? 90  SER A OG  1 
ATOM   774  N  N   . VAL A 1 92  ? 13.538  4.486   -1.972  1.00 54.72  ? 91  VAL A N   1 
ATOM   775  C  CA  . VAL A 1 92  ? 12.386  5.163   -2.623  1.00 59.70  ? 91  VAL A CA  1 
ATOM   776  C  C   . VAL A 1 92  ? 12.586  5.226   -4.149  1.00 51.69  ? 91  VAL A C   1 
ATOM   777  O  O   . VAL A 1 92  ? 11.627  5.581   -4.839  1.00 48.85  ? 91  VAL A O   1 
ATOM   778  C  CB  . VAL A 1 92  ? 12.184  6.562   -2.009  1.00 64.36  ? 91  VAL A CB  1 
ATOM   779  C  CG1 . VAL A 1 92  ? 12.074  6.501   -0.487  1.00 67.62  ? 91  VAL A CG1 1 
ATOM   780  C  CG2 . VAL A 1 92  ? 13.261  7.546   -2.447  1.00 64.83  ? 91  VAL A CG2 1 
ATOM   781  N  N   . SER A 1 93  ? 13.735  4.813   -4.675  1.00 41.86  ? 92  SER A N   1 
ATOM   782  C  CA  . SER A 1 93  ? 14.049  4.893   -6.115  1.00 45.25  ? 92  SER A CA  1 
ATOM   783  C  C   . SER A 1 93  ? 13.632  3.604   -6.820  1.00 43.75  ? 92  SER A C   1 
ATOM   784  O  O   . SER A 1 93  ? 13.570  3.588   -8.047  1.00 47.24  ? 92  SER A O   1 
ATOM   785  C  CB  . SER A 1 93  ? 15.528  5.235   -6.326  1.00 52.74  ? 92  SER A CB  1 
ATOM   786  O  OG  . SER A 1 93  ? 16.372  4.319   -5.645  1.00 61.37  ? 92  SER A OG  1 
ATOM   787  N  N   . THR A 1 94  ? 13.297  2.546   -6.088  1.00 51.96  ? 93  THR A N   1 
ATOM   788  C  CA  . THR A 1 94  ? 12.909  1.242   -6.693  1.00 50.16  ? 93  THR A CA  1 
ATOM   789  C  C   . THR A 1 94  ? 11.564  1.377   -7.406  1.00 46.28  ? 93  THR A C   1 
ATOM   790  O  O   . THR A 1 94  ? 10.620  1.877   -6.827  1.00 44.90  ? 93  THR A O   1 
ATOM   791  C  CB  . THR A 1 94  ? 12.735  0.140   -5.640  1.00 56.87  ? 93  THR A CB  1 
ATOM   792  O  OG1 . THR A 1 94  ? 13.669  0.355   -4.580  1.00 54.42  ? 93  THR A OG1 1 
ATOM   793  C  CG2 . THR A 1 94  ? 12.886  -1.238  -6.243  1.00 52.87  ? 93  THR A CG2 1 
ATOM   794  N  N   . PRO A 1 95  ? 11.435  0.909   -8.661  1.00 41.23  ? 94  PRO A N   1 
ATOM   795  C  CA  . PRO A 1 95  ? 10.160  0.886   -9.368  1.00 45.21  ? 94  PRO A CA  1 
ATOM   796  C  C   . PRO A 1 95  ? 9.199   -0.075  -8.657  1.00 45.26  ? 94  PRO A C   1 
ATOM   797  O  O   . PRO A 1 95  ? 9.709   -1.078  -8.110  1.00 41.12  ? 94  PRO A O   1 
ATOM   798  C  CB  . PRO A 1 95  ? 10.495  0.362   -10.764 1.00 47.16  ? 94  PRO A CB  1 
ATOM   799  C  CG  . PRO A 1 95  ? 12.003  0.526   -10.871 1.00 47.54  ? 94  PRO A CG  1 
ATOM   800  C  CD  . PRO A 1 95  ? 12.513  0.313   -9.462  1.00 47.31  ? 94  PRO A CD  1 
ATOM   801  N  N   . ILE A 1 96  ? 7.893   0.272   -8.596  1.00 38.51  ? 95  ILE A N   1 
ATOM   802  C  CA  . ILE A 1 96  ? 6.882   -0.541  -7.863  1.00 36.62  ? 95  ILE A CA  1 
ATOM   803  C  C   . ILE A 1 96  ? 6.747   -1.920  -8.543  1.00 37.75  ? 95  ILE A C   1 
ATOM   804  O  O   . ILE A 1 96  ? 6.452   -2.903  -7.833  1.00 36.01  ? 95  ILE A O   1 
ATOM   805  C  CB  . ILE A 1 96  ? 5.541   0.192   -7.664  1.00 39.52  ? 95  ILE A CB  1 
ATOM   806  C  CG1 . ILE A 1 96  ? 4.736   -0.490  -6.551  1.00 39.81  ? 95  ILE A CG1 1 
ATOM   807  C  CG2 . ILE A 1 96  ? 4.742   0.308   -8.961  1.00 40.29  ? 95  ILE A CG2 1 
ATOM   808  C  CD1 . ILE A 1 96  ? 3.576   0.303   -6.042  1.00 43.66  ? 95  ILE A CD1 1 
ATOM   809  N  N   . SER A 1 97  ? 6.997   -2.052  -9.847  1.00 39.97  ? 96  SER A N   1 
ATOM   810  C  CA  . SER A 1 97  ? 6.979   -3.377  -10.518 1.00 39.46  ? 96  SER A CA  1 
ATOM   811  C  C   . SER A 1 97  ? 7.988   -4.322  -9.841  1.00 44.42  ? 96  SER A C   1 
ATOM   812  O  O   . SER A 1 97  ? 7.639   -5.530  -9.691  1.00 42.26  ? 96  SER A O   1 
ATOM   813  C  CB  . SER A 1 97  ? 7.269   -3.265  -11.989 1.00 38.81  ? 96  SER A CB  1 
ATOM   814  O  OG  . SER A 1 97  ? 8.432   -2.467  -12.204 1.00 40.18  ? 96  SER A OG  1 
ATOM   815  N  N   . GLU A 1 98  ? 9.192   -3.808  -9.505  1.00 42.63  ? 97  GLU A N   1 
ATOM   816  C  CA  . GLU A 1 98  ? 10.305  -4.569  -8.863  1.00 40.46  ? 97  GLU A CA  1 
ATOM   817  C  C   . GLU A 1 98  ? 9.926   -4.859  -7.410  1.00 42.39  ? 97  GLU A C   1 
ATOM   818  O  O   . GLU A 1 98  ? 10.040  -6.019  -6.980  1.00 41.15  ? 97  GLU A O   1 
ATOM   819  C  CB  . GLU A 1 98  ? 11.624  -3.805  -8.928  1.00 49.42  ? 97  GLU A CB  1 
ATOM   820  C  CG  . GLU A 1 98  ? 12.515  -4.216  -10.093 1.00 68.11  ? 97  GLU A CG  1 
ATOM   821  C  CD  . GLU A 1 98  ? 13.774  -3.367  -10.308 1.00 72.45  ? 97  GLU A CD  1 
ATOM   822  O  OE1 . GLU A 1 98  ? 14.049  -2.973  -11.484 1.00 67.39  ? 97  GLU A OE1 1 
ATOM   823  O  OE2 . GLU A 1 98  ? 14.480  -3.095  -9.308  1.00 69.17  ? 97  GLU A OE2 1 
ATOM   824  N  N   . VAL A 1 99  ? 9.464   -3.849  -6.667  1.00 35.70  ? 98  VAL A N   1 
ATOM   825  C  CA  . VAL A 1 99  ? 9.008   -4.049  -5.271  1.00 38.75  ? 98  VAL A CA  1 
ATOM   826  C  C   . VAL A 1 99  ? 7.884   -5.104  -5.250  1.00 38.53  ? 98  VAL A C   1 
ATOM   827  O  O   . VAL A 1 99  ? 7.874   -5.970  -4.317  1.00 36.53  ? 98  VAL A O   1 
ATOM   828  C  CB  . VAL A 1 99  ? 8.524   -2.736  -4.638  1.00 41.95  ? 98  VAL A CB  1 
ATOM   829  C  CG1 . VAL A 1 99  ? 7.955   -2.962  -3.254  1.00 42.09  ? 98  VAL A CG1 1 
ATOM   830  C  CG2 . VAL A 1 99  ? 9.622   -1.705  -4.610  1.00 48.41  ? 98  VAL A CG2 1 
ATOM   831  N  N   . TYR A 1 100 ? 6.948   -5.066  -6.198  1.00 32.71  ? 99  TYR A N   1 
ATOM   832  C  CA  . TYR A 1 100 ? 5.817   -6.038  -6.165  1.00 35.92  ? 99  TYR A CA  1 
ATOM   833  C  C   . TYR A 1 100 ? 6.393   -7.453  -6.207  1.00 36.35  ? 99  TYR A C   1 
ATOM   834  O  O   . TYR A 1 100 ? 5.918   -8.343  -5.507  1.00 39.46  ? 99  TYR A O   1 
ATOM   835  C  CB  . TYR A 1 100 ? 4.834   -5.816  -7.316  1.00 31.24  ? 99  TYR A CB  1 
ATOM   836  C  CG  . TYR A 1 100 ? 3.756   -6.864  -7.400  1.00 31.81  ? 99  TYR A CG  1 
ATOM   837  C  CD1 . TYR A 1 100 ? 2.671   -6.818  -6.551  1.00 32.17  ? 99  TYR A CD1 1 
ATOM   838  C  CD2 . TYR A 1 100 ? 3.787   -7.880  -8.342  1.00 31.20  ? 99  TYR A CD2 1 
ATOM   839  C  CE1 . TYR A 1 100 ? 1.636   -7.737  -6.642  1.00 32.36  ? 99  TYR A CE1 1 
ATOM   840  C  CE2 . TYR A 1 100 ? 2.790   -8.841  -8.414  1.00 34.21  ? 99  TYR A CE2 1 
ATOM   841  C  CZ  . TYR A 1 100 ? 1.699   -8.762  -7.563  1.00 33.28  ? 99  TYR A CZ  1 
ATOM   842  O  OH  . TYR A 1 100 ? 0.689   -9.688  -7.619  1.00 39.33  ? 99  TYR A OH  1 
ATOM   843  N  N   . GLU A 1 101 ? 7.374   -7.674  -7.083  1.00 37.96  ? 100 GLU A N   1 
ATOM   844  C  CA  . GLU A 1 101 ? 7.860   -9.030  -7.431  1.00 43.18  ? 100 GLU A CA  1 
ATOM   845  C  C   . GLU A 1 101 ? 8.585   -9.656  -6.230  1.00 41.08  ? 100 GLU A C   1 
ATOM   846  O  O   . GLU A 1 101 ? 8.535   -10.899 -6.080  1.00 43.64  ? 100 GLU A O   1 
ATOM   847  C  CB  . GLU A 1 101 ? 8.766   -9.005  -8.661  1.00 43.52  ? 100 GLU A CB  1 
ATOM   848  C  CG  . GLU A 1 101 ? 8.006   -9.047  -9.968  1.00 51.08  ? 100 GLU A CG  1 
ATOM   849  C  CD  . GLU A 1 101 ? 8.823   -9.629  -11.107 1.00 57.85  ? 100 GLU A CD  1 
ATOM   850  O  OE1 . GLU A 1 101 ? 9.805   -10.346 -10.806 1.00 56.29  ? 100 GLU A OE1 1 
ATOM   851  O  OE2 . GLU A 1 101 ? 8.488   -9.354  -12.289 1.00 61.77  ? 100 GLU A OE2 1 
ATOM   852  N  N   . SER A 1 102 ? 9.166   -8.845  -5.363  1.00 39.73  ? 101 SER A N   1 
ATOM   853  C  CA  . SER A 1 102 ? 9.905   -9.377  -4.198  1.00 42.80  ? 101 SER A CA  1 
ATOM   854  C  C   . SER A 1 102 ? 9.042   -9.329  -2.928  1.00 43.78  ? 101 SER A C   1 
ATOM   855  O  O   . SER A 1 102 ? 9.238   -10.230 -2.119  1.00 48.14  ? 101 SER A O   1 
ATOM   856  C  CB  . SER A 1 102 ? 11.271  -8.724  -4.077  1.00 40.56  ? 101 SER A CB  1 
ATOM   857  O  OG  . SER A 1 102 ? 11.163  -7.425  -3.597  1.00 49.82  ? 101 SER A OG  1 
ATOM   858  N  N   . GLU A 1 103 ? 8.062   -8.418  -2.784  1.00 41.07  ? 102 GLU A N   1 
ATOM   859  C  CA  . GLU A 1 103 ? 7.375   -8.174  -1.481  1.00 38.27  ? 102 GLU A CA  1 
ATOM   860  C  C   . GLU A 1 103 ? 5.918   -8.623  -1.526  1.00 37.71  ? 102 GLU A C   1 
ATOM   861  O  O   . GLU A 1 103 ? 5.233   -8.570  -0.478  1.00 42.15  ? 102 GLU A O   1 
ATOM   862  C  CB  . GLU A 1 103 ? 7.408   -6.701  -1.100  1.00 40.54  ? 102 GLU A CB  1 
ATOM   863  C  CG  . GLU A 1 103 ? 8.816   -6.136  -0.984  1.00 45.56  ? 102 GLU A CG  1 
ATOM   864  C  CD  . GLU A 1 103 ? 9.707   -6.763  0.084   1.00 56.67  ? 102 GLU A CD  1 
ATOM   865  O  OE1 . GLU A 1 103 ? 9.181   -7.279  1.132   1.00 47.48  ? 102 GLU A OE1 1 
ATOM   866  O  OE2 . GLU A 1 103 ? 10.937  -6.746  -0.133  1.00 69.63  ? 102 GLU A OE2 1 
ATOM   867  N  N   . LYS A 1 104 ? 5.428   -9.032  -2.675  1.00 37.45  ? 103 LYS A N   1 
ATOM   868  C  CA  . LYS A 1 104 ? 3.999   -9.379  -2.774  1.00 39.94  ? 103 LYS A CA  1 
ATOM   869  C  C   . LYS A 1 104 ? 3.697   -10.483 -1.747  1.00 45.21  ? 103 LYS A C   1 
ATOM   870  O  O   . LYS A 1 104 ? 4.553   -11.341 -1.520  1.00 41.43  ? 103 LYS A O   1 
ATOM   871  C  CB  . LYS A 1 104 ? 3.664   -9.864  -4.191  1.00 41.37  ? 103 LYS A CB  1 
ATOM   872  C  CG  . LYS A 1 104 ? 4.398   -11.125 -4.591  1.00 42.77  ? 103 LYS A CG  1 
ATOM   873  C  CD  . LYS A 1 104 ? 4.221   -11.530 -6.004  1.00 47.44  ? 103 LYS A CD  1 
ATOM   874  C  CE  . LYS A 1 104 ? 4.992   -12.787 -6.310  1.00 47.59  ? 103 LYS A CE  1 
ATOM   875  N  NZ  . LYS A 1 104 ? 6.451   -12.634 -6.109  1.00 55.29  ? 103 LYS A NZ  1 
ATOM   876  N  N   . ASP A 1 105 ? 2.490   -10.461 -1.183  1.00 44.71  ? 104 ASP A N   1 
ATOM   877  C  CA  . ASP A 1 105 ? 1.869   -11.569 -0.418  1.00 43.39  ? 104 ASP A CA  1 
ATOM   878  C  C   . ASP A 1 105 ? 1.530   -12.759 -1.342  1.00 45.32  ? 104 ASP A C   1 
ATOM   879  O  O   . ASP A 1 105 ? 1.378   -12.590 -2.586  1.00 38.96  ? 104 ASP A O   1 
ATOM   880  C  CB  . ASP A 1 105 ? 0.658   -11.007 0.319   1.00 47.63  ? 104 ASP A CB  1 
ATOM   881  C  CG  . ASP A 1 105 ? 0.208   -11.871 1.472   1.00 53.36  ? 104 ASP A CG  1 
ATOM   882  O  OD1 . ASP A 1 105 ? 0.628   -11.582 2.620   1.00 54.55  ? 104 ASP A OD1 1 
ATOM   883  O  OD2 . ASP A 1 105 ? -0.571  -12.804 1.195   1.00 51.67  ? 104 ASP A OD2 1 
ATOM   884  N  N   . GLU A 1 106 ? 1.361   -13.942 -0.755  1.00 45.83  ? 105 GLU A N   1 
ATOM   885  C  CA  . GLU A 1 106 ? 0.927   -15.184 -1.463  1.00 47.82  ? 105 GLU A CA  1 
ATOM   886  C  C   . GLU A 1 106 ? -0.463  -15.028 -2.080  1.00 40.55  ? 105 GLU A C   1 
ATOM   887  O  O   . GLU A 1 106 ? -0.732  -15.764 -3.047  1.00 49.30  ? 105 GLU A O   1 
ATOM   888  C  CB  . GLU A 1 106 ? 0.870   -16.389 -0.518  1.00 53.84  ? 105 GLU A CB  1 
ATOM   889  C  CG  . GLU A 1 106 ? 2.238   -16.842 -0.023  1.00 57.07  ? 105 GLU A CG  1 
ATOM   890  C  CD  . GLU A 1 106 ? 2.368   -18.315 0.376   1.00 65.92  ? 105 GLU A CD  1 
ATOM   891  O  OE1 . GLU A 1 106 ? 1.321   -19.032 0.527   1.00 54.76  ? 105 GLU A OE1 1 
ATOM   892  O  OE2 . GLU A 1 106 ? 3.533   -18.770 0.488   1.00 69.79  ? 105 GLU A OE2 1 
ATOM   893  N  N   . ASP A 1 107 ? -1.324  -14.159 -1.520  1.00 42.27  ? 106 ASP A N   1 
ATOM   894  C  CA  . ASP A 1 107 ? -2.659  -13.832 -2.103  1.00 43.27  ? 106 ASP A CA  1 
ATOM   895  C  C   . ASP A 1 107 ? -2.508  -12.951 -3.361  1.00 45.27  ? 106 ASP A C   1 
ATOM   896  O  O   . ASP A 1 107 ? -3.474  -12.909 -4.163  1.00 45.21  ? 106 ASP A O   1 
ATOM   897  C  CB  . ASP A 1 107 ? -3.594  -13.181 -1.077  1.00 43.70  ? 106 ASP A CB  1 
ATOM   898  C  CG  . ASP A 1 107 ? -3.214  -11.783 -0.625  1.00 48.34  ? 106 ASP A CG  1 
ATOM   899  O  OD1 . ASP A 1 107 ? -2.271  -11.223 -1.206  1.00 43.41  ? 106 ASP A OD1 1 
ATOM   900  O  OD2 . ASP A 1 107 ? -3.912  -11.243 0.282   1.00 45.68  ? 106 ASP A OD2 1 
ATOM   901  N  N   . GLY A 1 108 ? -1.369  -12.251 -3.527  1.00 45.48  ? 107 GLY A N   1 
ATOM   902  C  CA  . GLY A 1 108 ? -1.031  -11.525 -4.772  1.00 40.51  ? 107 GLY A CA  1 
ATOM   903  C  C   . GLY A 1 108 ? -1.156  -10.009 -4.643  1.00 37.56  ? 107 GLY A C   1 
ATOM   904  O  O   . GLY A 1 108 ? -0.729  -9.298  -5.594  1.00 37.54  ? 107 GLY A O   1 
ATOM   905  N  N   . PHE A 1 109 ? -1.628  -9.509  -3.502  1.00 32.96  ? 108 PHE A N   1 
ATOM   906  C  CA  . PHE A 1 109 ? -1.564  -8.077  -3.114  1.00 33.50  ? 108 PHE A CA  1 
ATOM   907  C  C   . PHE A 1 109 ? -0.190  -7.722  -2.540  1.00 38.09  ? 108 PHE A C   1 
ATOM   908  O  O   . PHE A 1 109 ? 0.508   -8.580  -1.958  1.00 36.71  ? 108 PHE A O   1 
ATOM   909  C  CB  . PHE A 1 109 ? -2.653  -7.719  -2.091  1.00 38.29  ? 108 PHE A CB  1 
ATOM   910  C  CG  . PHE A 1 109 ? -4.041  -7.617  -2.682  1.00 42.32  ? 108 PHE A CG  1 
ATOM   911  C  CD1 . PHE A 1 109 ? -4.374  -6.536  -3.488  1.00 38.40  ? 108 PHE A CD1 1 
ATOM   912  C  CD2 . PHE A 1 109 ? -5.010  -8.592  -2.457  1.00 45.38  ? 108 PHE A CD2 1 
ATOM   913  C  CE1 . PHE A 1 109 ? -5.634  -6.427  -4.066  1.00 46.03  ? 108 PHE A CE1 1 
ATOM   914  C  CE2 . PHE A 1 109 ? -6.280  -8.470  -3.017  1.00 45.99  ? 108 PHE A CE2 1 
ATOM   915  C  CZ  . PHE A 1 109 ? -6.592  -7.389  -3.822  1.00 40.74  ? 108 PHE A CZ  1 
ATOM   916  N  N   . LEU A 1 110 ? 0.164   -6.447  -2.702  1.00 34.54  ? 109 LEU A N   1 
ATOM   917  C  CA  . LEU A 1 110 ? 1.310   -5.786  -2.014  1.00 38.35  ? 109 LEU A CA  1 
ATOM   918  C  C   . LEU A 1 110 ? 0.719   -5.009  -0.826  1.00 36.17  ? 109 LEU A C   1 
ATOM   919  O  O   . LEU A 1 110 ? -0.092  -4.095  -1.069  1.00 39.93  ? 109 LEU A O   1 
ATOM   920  C  CB  . LEU A 1 110 ? 2.018   -4.877  -3.029  1.00 33.97  ? 109 LEU A CB  1 
ATOM   921  C  CG  . LEU A 1 110 ? 3.339   -4.268  -2.565  1.00 39.72  ? 109 LEU A CG  1 
ATOM   922  C  CD1 . LEU A 1 110 ? 4.307   -5.363  -2.105  1.00 36.25  ? 109 LEU A CD1 1 
ATOM   923  C  CD2 . LEU A 1 110 ? 3.935   -3.414  -3.692  1.00 38.48  ? 109 LEU A CD2 1 
ATOM   924  N  N   . TYR A 1 111 ? 1.104   -5.343  0.405   1.00 36.97  ? 110 TYR A N   1 
ATOM   925  C  CA  . TYR A 1 111 ? 0.515   -4.793  1.661   1.00 39.50  ? 110 TYR A CA  1 
ATOM   926  C  C   . TYR A 1 111 ? 1.442   -3.681  2.157   1.00 41.71  ? 110 TYR A C   1 
ATOM   927  O  O   . TYR A 1 111 ? 2.689   -3.823  2.099   1.00 42.70  ? 110 TYR A O   1 
ATOM   928  C  CB  . TYR A 1 111 ? 0.233   -5.884  2.712   1.00 38.26  ? 110 TYR A CB  1 
ATOM   929  C  CG  . TYR A 1 111 ? -0.943  -6.798  2.386   1.00 36.22  ? 110 TYR A CG  1 
ATOM   930  C  CD1 . TYR A 1 111 ? -0.804  -7.876  1.544   1.00 32.67  ? 110 TYR A CD1 1 
ATOM   931  C  CD2 . TYR A 1 111 ? -2.201  -6.575  2.922   1.00 38.37  ? 110 TYR A CD2 1 
ATOM   932  C  CE1 . TYR A 1 111 ? -1.872  -8.711  1.237   1.00 34.46  ? 110 TYR A CE1 1 
ATOM   933  C  CE2 . TYR A 1 111 ? -3.283  -7.394  2.619   1.00 39.45  ? 110 TYR A CE2 1 
ATOM   934  C  CZ  . TYR A 1 111 ? -3.100  -8.495  1.813   1.00 35.30  ? 110 TYR A CZ  1 
ATOM   935  O  OH  . TYR A 1 111 ? -4.161  -9.298  1.501   1.00 39.81  ? 110 TYR A OH  1 
ATOM   936  N  N   . MET A 1 112 ? 0.823   -2.564  2.542   1.00 38.42  ? 111 MET A N   1 
ATOM   937  C  CA  . MET A 1 112 ? 1.504   -1.358  3.043   1.00 39.17  ? 111 MET A CA  1 
ATOM   938  C  C   . MET A 1 112 ? 0.728   -0.806  4.240   1.00 42.33  ? 111 MET A C   1 
ATOM   939  O  O   . MET A 1 112 ? -0.503  -0.963  4.311   1.00 39.68  ? 111 MET A O   1 
ATOM   940  C  CB  . MET A 1 112 ? 1.590   -0.295  1.947   1.00 39.72  ? 111 MET A CB  1 
ATOM   941  C  CG  . MET A 1 112 ? 2.218   -0.847  0.675   1.00 44.73  ? 111 MET A CG  1 
ATOM   942  S  SD  . MET A 1 112 ? 2.862   0.464   -0.326  1.00 46.30  ? 111 MET A SD  1 
ATOM   943  C  CE  . MET A 1 112 ? 3.620   -0.490  -1.635  1.00 52.92  ? 111 MET A CE  1 
ATOM   944  N  N   A VAL A 1 113 ? 1.462   -0.134  5.128   0.41 44.17  ? 112 VAL A N   1 
ATOM   945  N  N   B VAL A 1 113 ? 1.445   -0.213  5.197   0.10 41.27  ? 112 VAL A N   1 
ATOM   946  C  CA  A VAL A 1 113 ? 0.985   0.447   6.414   0.41 46.09  ? 112 VAL A CA  1 
ATOM   947  C  CA  B VAL A 1 113 ? 0.846   0.487   6.370   0.10 41.37  ? 112 VAL A CA  1 
ATOM   948  C  C   A VAL A 1 113 ? 1.674   1.804   6.569   0.41 43.26  ? 112 VAL A C   1 
ATOM   949  C  C   B VAL A 1 113 ? 1.647   1.765   6.635   0.10 41.43  ? 112 VAL A C   1 
ATOM   950  O  O   A VAL A 1 113 ? 2.872   1.862   6.258   0.41 40.80  ? 112 VAL A O   1 
ATOM   951  O  O   B VAL A 1 113 ? 2.886   1.723   6.516   0.10 40.67  ? 112 VAL A O   1 
ATOM   952  C  CB  A VAL A 1 113 ? 1.308   -0.497  7.590   0.41 50.22  ? 112 VAL A CB  1 
ATOM   953  C  CB  B VAL A 1 113 ? 0.770   -0.412  7.622   0.10 41.53  ? 112 VAL A CB  1 
ATOM   954  C  CG1 A VAL A 1 113 ? 0.917   0.104   8.930   0.41 52.36  ? 112 VAL A CG1 1 
ATOM   955  C  CG1 B VAL A 1 113 ? -0.176  -1.587  7.415   0.10 41.10  ? 112 VAL A CG1 1 
ATOM   956  C  CG2 A VAL A 1 113 ? 0.646   -1.853  7.399   0.41 52.95  ? 112 VAL A CG2 1 
ATOM   957  C  CG2 B VAL A 1 113 ? 2.140   -0.894  8.071   0.10 40.11  ? 112 VAL A CG2 1 
ATOM   958  N  N   . TYR A 1 114 ? 0.942   2.848   6.970   1.00 40.82  ? 113 TYR A N   1 
ATOM   959  C  CA  . TYR A 1 114 ? 1.525   4.202   7.180   1.00 45.75  ? 113 TYR A CA  1 
ATOM   960  C  C   . TYR A 1 114 ? 1.253   4.657   8.621   1.00 47.68  ? 113 TYR A C   1 
ATOM   961  O  O   . TYR A 1 114 ? 0.220   4.277   9.234   1.00 50.18  ? 113 TYR A O   1 
ATOM   962  C  CB  . TYR A 1 114 ? 0.976   5.173   6.129   1.00 45.25  ? 113 TYR A CB  1 
ATOM   963  C  CG  . TYR A 1 114 ? -0.502  5.462   6.224   1.00 40.12  ? 113 TYR A CG  1 
ATOM   964  C  CD1 . TYR A 1 114 ? -1.437  4.769   5.467   1.00 45.34  ? 113 TYR A CD1 1 
ATOM   965  C  CD2 . TYR A 1 114 ? -0.972  6.424   7.099   1.00 42.02  ? 113 TYR A CD2 1 
ATOM   966  C  CE1 . TYR A 1 114 ? -2.791  5.046   5.575   1.00 46.87  ? 113 TYR A CE1 1 
ATOM   967  C  CE2 . TYR A 1 114 ? -2.320  6.728   7.209   1.00 39.66  ? 113 TYR A CE2 1 
ATOM   968  C  CZ  . TYR A 1 114 ? -3.229  6.027   6.458   1.00 43.85  ? 113 TYR A CZ  1 
ATOM   969  O  OH  . TYR A 1 114 ? -4.537  6.357   6.571   1.00 50.10  ? 113 TYR A OH  1 
ATOM   970  N  N   . ALA A 1 115 ? 2.154   5.468   9.143   1.00 43.86  ? 114 ALA A N   1 
ATOM   971  C  CA  . ALA A 1 115 ? 2.062   6.059   10.495  1.00 53.65  ? 114 ALA A CA  1 
ATOM   972  C  C   . ALA A 1 115 ? 2.812   7.387   10.503  1.00 50.51  ? 114 ALA A C   1 
ATOM   973  O  O   . ALA A 1 115 ? 3.591   7.616   9.544   1.00 52.70  ? 114 ALA A O   1 
ATOM   974  C  CB  . ALA A 1 115 ? 2.640   5.092   11.504  1.00 57.45  ? 114 ALA A CB  1 
ATOM   975  N  N   . SER A 1 116 ? 2.571   8.211   11.527  1.00 61.58  ? 115 SER A N   1 
ATOM   976  C  CA  . SER A 1 116 ? 3.226   9.535   11.753  1.00 61.46  ? 115 SER A CA  1 
ATOM   977  C  C   . SER A 1 116 ? 4.600   9.342   12.406  1.00 69.79  ? 115 SER A C   1 
ATOM   978  O  O   . SER A 1 116 ? 5.402   10.299  12.319  1.00 80.37  ? 115 SER A O   1 
ATOM   979  C  CB  . SER A 1 116 ? 2.384   10.503  12.582  1.00 60.83  ? 115 SER A CB  1 
ATOM   980  O  OG  . SER A 1 116 ? 1.072   10.004  12.851  1.00 59.06  ? 115 SER A OG  1 
ATOM   981  N  N   . GLN A 1 117 ? 4.880   8.179   13.021  1.00 68.47  ? 116 GLN A N   1 
ATOM   982  C  CA  . GLN A 1 117 ? 6.206   7.899   13.654  1.00 75.77  ? 116 GLN A CA  1 
ATOM   983  C  C   . GLN A 1 117 ? 6.908   6.720   12.954  1.00 84.73  ? 116 GLN A C   1 
ATOM   984  O  O   . GLN A 1 117 ? 6.204   5.789   12.504  1.00 94.89  ? 116 GLN A O   1 
ATOM   985  C  CB  . GLN A 1 117 ? 6.029   7.655   15.156  1.00 74.12  ? 116 GLN A CB  1 
ATOM   986  N  N   . GLU A 1 118 ? 8.249   6.752   12.884  1.00 92.07  ? 117 GLU A N   1 
ATOM   987  C  CA  . GLU A 1 118 ? 9.118   5.619   12.442  1.00 99.78  ? 117 GLU A CA  1 
ATOM   988  C  C   . GLU A 1 118 ? 8.854   4.380   13.314  1.00 105.41 ? 117 GLU A C   1 
ATOM   989  O  O   . GLU A 1 118 ? 9.061   3.267   12.807  1.00 111.91 ? 117 GLU A O   1 
ATOM   990  C  CB  . GLU A 1 118 ? 10.607  5.991   12.495  1.00 105.53 ? 117 GLU A CB  1 
ATOM   991  C  CG  . GLU A 1 118 ? 11.280  6.054   11.129  1.00 104.19 ? 117 GLU A CG  1 
ATOM   992  C  CD  . GLU A 1 118 ? 12.580  6.843   11.063  1.00 112.94 ? 117 GLU A CD  1 
ATOM   993  O  OE1 . GLU A 1 118 ? 12.784  7.721   11.930  1.00 113.33 ? 117 GLU A OE1 1 
ATOM   994  O  OE2 . GLU A 1 118 ? 13.389  6.580   10.142  1.00 113.67 ? 117 GLU A OE2 1 
ATOM   995  N  N   . THR A 1 119 ? 8.431   4.573   14.571  1.00 120.48 ? 118 THR A N   1 
ATOM   996  C  CA  . THR A 1 119 ? 8.054   3.502   15.538  1.00 127.38 ? 118 THR A CA  1 
ATOM   997  C  C   . THR A 1 119 ? 6.572   3.125   15.358  1.00 126.72 ? 118 THR A C   1 
ATOM   998  O  O   . THR A 1 119 ? 5.697   3.938   15.741  1.00 129.10 ? 118 THR A O   1 
ATOM   999  C  CB  . THR A 1 119 ? 8.362   3.947   16.975  1.00 131.35 ? 118 THR A CB  1 
ATOM   1000 N  N   . PHE A 1 120 ? 6.311   1.937   14.792  1.00 125.40 ? 119 PHE A N   1 
ATOM   1001 C  CA  . PHE A 1 120 ? 4.963   1.335   14.596  1.00 117.68 ? 119 PHE A CA  1 
ATOM   1002 C  C   . PHE A 1 120 ? 4.683   0.379   15.762  1.00 124.72 ? 119 PHE A C   1 
ATOM   1003 O  O   . PHE A 1 120 ? 5.370   -0.628  15.982  1.00 123.27 ? 119 PHE A O   1 
ATOM   1004 C  CB  . PHE A 1 120 ? 4.868   0.592   13.256  1.00 106.75 ? 119 PHE A CB  1 
ATOM   1005 C  CG  . PHE A 1 120 ? 4.874   1.454   12.013  1.00 97.53  ? 119 PHE A CG  1 
ATOM   1006 C  CD1 . PHE A 1 120 ? 5.989   2.212   11.676  1.00 82.49  ? 119 PHE A CD1 1 
ATOM   1007 C  CD2 . PHE A 1 120 ? 3.787   1.466   11.146  1.00 86.27  ? 119 PHE A CD2 1 
ATOM   1008 C  CE1 . PHE A 1 120 ? 6.008   2.981   10.522  1.00 79.97  ? 119 PHE A CE1 1 
ATOM   1009 C  CE2 . PHE A 1 120 ? 3.806   2.239   9.992   1.00 79.42  ? 119 PHE A CE2 1 
ATOM   1010 C  CZ  . PHE A 1 120 ? 4.912   3.002   9.686   1.00 84.16  ? 119 PHE A CZ  1 
HETATM 1011 C  C10 . KF8 B 2 .   ? -9.191  13.612  2.745   1.00 90.75  ? 201 KF8 A C10 1 
HETATM 1012 C  C13 . KF8 B 2 .   ? -8.777  13.205  5.463   1.00 83.52  ? 201 KF8 A C13 1 
HETATM 1013 C  C15 . KF8 B 2 .   ? -10.228 13.173  3.560   1.00 91.32  ? 201 KF8 A C15 1 
HETATM 1014 O  O01 . KF8 B 2 .   ? -9.249  12.927  0.476   1.00 97.54  ? 201 KF8 A O01 1 
HETATM 1015 C  C02 . KF8 B 2 .   ? -9.414  13.841  1.286   1.00 94.63  ? 201 KF8 A C02 1 
HETATM 1016 N  N03 . KF8 B 2 .   ? -9.782  15.092  0.927   1.00 92.49  ? 201 KF8 A N03 1 
HETATM 1017 C  C04 . KF8 B 2 .   ? -9.555  15.666  -0.399  1.00 89.07  ? 201 KF8 A C04 1 
HETATM 1018 C  C05 . KF8 B 2 .   ? -10.465 15.047  -1.454  1.00 91.84  ? 201 KF8 A C05 1 
HETATM 1019 C  C06 . KF8 B 2 .   ? -10.182 15.665  -2.822  1.00 89.77  ? 201 KF8 A C06 1 
HETATM 1020 C  C07 . KF8 B 2 .   ? -10.259 17.178  -2.763  1.00 86.21  ? 201 KF8 A C07 1 
HETATM 1021 N  N08 . KF8 B 2 .   ? -9.386  17.733  -1.721  1.00 83.86  ? 201 KF8 A N08 1 
HETATM 1022 C  C09 . KF8 B 2 .   ? -9.749  17.189  -0.407  1.00 88.35  ? 201 KF8 A C09 1 
HETATM 1023 C  C11 . KF8 B 2 .   ? -7.943  13.847  3.308   1.00 87.44  ? 201 KF8 A C11 1 
HETATM 1024 C  C12 . KF8 B 2 .   ? -7.742  13.641  4.664   1.00 86.56  ? 201 KF8 A C12 1 
HETATM 1025 C  C14 . KF8 B 2 .   ? -10.017 12.971  4.914   1.00 86.98  ? 201 KF8 A C14 1 
HETATM 1026 C  C1  . EDO C 3 .   ? 15.173  -2.583  5.384   1.00 90.80  ? 202 EDO A C1  1 
HETATM 1027 O  O1  . EDO C 3 .   ? 14.304  -3.298  6.257   1.00 97.95  ? 202 EDO A O1  1 
HETATM 1028 C  C2  . EDO C 3 .   ? 16.069  -1.621  6.086   1.00 85.73  ? 202 EDO A C2  1 
HETATM 1029 O  O2  . EDO C 3 .   ? 17.364  -2.125  6.352   1.00 68.94  ? 202 EDO A O2  1 
HETATM 1030 C  C1  . EDO D 3 .   ? -3.443  5.552   -6.934  1.00 69.29  ? 203 EDO A C1  1 
HETATM 1031 O  O1  . EDO D 3 .   ? -2.278  5.938   -7.652  1.00 78.05  ? 203 EDO A O1  1 
HETATM 1032 C  C2  . EDO D 3 .   ? -4.711  5.666   -7.707  1.00 65.41  ? 203 EDO A C2  1 
HETATM 1033 O  O2  . EDO D 3 .   ? -5.647  4.662   -7.351  1.00 55.20  ? 203 EDO A O2  1 
HETATM 1034 C  C1  . EDO E 3 .   ? -0.458  -14.785 4.154   1.00 77.90  ? 204 EDO A C1  1 
HETATM 1035 O  O1  . EDO E 3 .   ? -1.281  -14.341 5.224   1.00 84.29  ? 204 EDO A O1  1 
HETATM 1036 C  C2  . EDO E 3 .   ? -1.232  -15.279 2.981   1.00 73.15  ? 204 EDO A C2  1 
HETATM 1037 O  O2  . EDO E 3 .   ? -2.296  -14.411 2.633   1.00 62.47  ? 204 EDO A O2  1 
HETATM 1038 C  C1  . EDO F 3 .   ? 6.371   16.906  -1.068  1.00 84.83  ? 205 EDO A C1  1 
HETATM 1039 O  O1  . EDO F 3 .   ? 7.173   17.426  -2.106  1.00 94.31  ? 205 EDO A O1  1 
HETATM 1040 C  C2  . EDO F 3 .   ? 5.869   15.560  -1.391  1.00 77.26  ? 205 EDO A C2  1 
HETATM 1041 O  O2  . EDO F 3 .   ? 6.466   14.556  -0.608  1.00 89.93  ? 205 EDO A O2  1 
HETATM 1042 C  C1  . EDO G 3 .   ? 10.519  10.699  -0.485  1.00 77.34  ? 206 EDO A C1  1 
HETATM 1043 O  O1  . EDO G 3 .   ? 10.056  10.040  0.680   1.00 79.19  ? 206 EDO A O1  1 
HETATM 1044 C  C2  . EDO G 3 .   ? 9.470   10.892  -1.513  1.00 74.23  ? 206 EDO A C2  1 
HETATM 1045 O  O2  . EDO G 3 .   ? 8.352   11.640  -1.103  1.00 74.35  ? 206 EDO A O2  1 
HETATM 1046 C  C1  . EDO H 3 .   ? -3.150  -2.680  10.199  1.00 89.66  ? 207 EDO A C1  1 
HETATM 1047 O  O1  . EDO H 3 .   ? -2.466  -3.678  9.482   1.00 73.92  ? 207 EDO A O1  1 
HETATM 1048 C  C2  . EDO H 3 .   ? -2.210  -1.766  10.880  1.00 92.74  ? 207 EDO A C2  1 
HETATM 1049 O  O2  . EDO H 3 .   ? -1.393  -2.400  11.854  1.00 85.08  ? 207 EDO A O2  1 
HETATM 1050 C  C1  . EDO I 3 .   ? -11.320 -8.435  -2.355  1.00 102.83 ? 208 EDO A C1  1 
HETATM 1051 O  O1  . EDO I 3 .   ? -11.417 -9.568  -3.183  1.00 98.09  ? 208 EDO A O1  1 
HETATM 1052 C  C2  . EDO I 3 .   ? -12.425 -7.460  -2.574  1.00 110.78 ? 208 EDO A C2  1 
HETATM 1053 O  O2  . EDO I 3 .   ? -11.997 -6.105  -2.546  1.00 108.50 ? 208 EDO A O2  1 
HETATM 1054 C  C1  . EDO J 3 .   ? 2.496   -9.817  9.467   1.00 90.00  ? 209 EDO A C1  1 
HETATM 1055 O  O1  . EDO J 3 .   ? 1.418   -9.729  10.378  1.00 86.43  ? 209 EDO A O1  1 
HETATM 1056 C  C2  . EDO J 3 .   ? 3.574   -8.811  9.704   1.00 82.16  ? 209 EDO A C2  1 
HETATM 1057 O  O2  . EDO J 3 .   ? 4.877   -9.328  9.541   1.00 68.48  ? 209 EDO A O2  1 
HETATM 1058 C  C1  . EDO K 3 .   ? 10.747  -2.058  -0.947  1.00 86.05  ? 210 EDO A C1  1 
HETATM 1059 O  O1  . EDO K 3 .   ? 10.806  -2.841  0.228   1.00 84.66  ? 210 EDO A O1  1 
HETATM 1060 C  C2  . EDO K 3 .   ? 11.145  -0.639  -0.745  1.00 87.59  ? 210 EDO A C2  1 
HETATM 1061 O  O2  . EDO K 3 .   ? 12.083  -0.150  -1.690  1.00 83.76  ? 210 EDO A O2  1 
HETATM 1062 CL CL  . CL  L 4 .   ? -4.319  -1.514  -17.245 1.00 43.40  ? 211 CL  A CL  1 
HETATM 1063 O  O   . HOH M 5 .   ? 15.066  -3.339  -7.206  1.00 69.31  ? 301 HOH A O   1 
HETATM 1064 O  O   . HOH M 5 .   ? -4.723  -8.008  9.022   1.00 78.24  ? 302 HOH A O   1 
HETATM 1065 O  O   . HOH M 5 .   ? 7.848   0.854   -11.726 1.00 66.87  ? 303 HOH A O   1 
HETATM 1066 O  O   . HOH M 5 .   ? -7.084  2.731   -7.478  1.00 50.85  ? 304 HOH A O   1 
HETATM 1067 O  O   . HOH M 5 .   ? 9.495   2.935   5.133   1.00 60.97  ? 305 HOH A O   1 
HETATM 1068 O  O   . HOH M 5 .   ? -5.475  4.735   14.910  1.00 82.44  ? 306 HOH A O   1 
HETATM 1069 O  O   . HOH M 5 .   ? -6.567  0.182   -15.755 1.00 51.16  ? 307 HOH A O   1 
HETATM 1070 O  O   . HOH M 5 .   ? 12.362  -6.863  -6.758  1.00 82.23  ? 308 HOH A O   1 
HETATM 1071 O  O   . HOH M 5 .   ? 5.679   -11.360 4.523   1.00 50.33  ? 309 HOH A O   1 
HETATM 1072 O  O   . HOH M 5 .   ? 0.285   -9.622  5.370   1.00 82.98  ? 310 HOH A O   1 
HETATM 1073 O  O   . HOH M 5 .   ? -0.722  -9.715  -10.261 1.00 47.32  ? 311 HOH A O   1 
HETATM 1074 O  O   . HOH M 5 .   ? -7.026  20.743  0.693   1.00 64.93  ? 312 HOH A O   1 
HETATM 1075 O  O   . HOH M 5 .   ? 6.686   -7.698  -13.112 1.00 47.43  ? 313 HOH A O   1 
HETATM 1076 O  O   . HOH M 5 .   ? -5.439  2.833   12.357  1.00 88.93  ? 314 HOH A O   1 
HETATM 1077 O  O   . HOH M 5 .   ? 14.714  6.263   12.893  1.00 71.51  ? 315 HOH A O   1 
HETATM 1078 O  O   . HOH M 5 .   ? -1.622  -3.260  4.905   1.00 54.52  ? 316 HOH A O   1 
HETATM 1079 O  O   . HOH M 5 .   ? -8.139  -1.446  5.481   1.00 76.63  ? 317 HOH A O   1 
HETATM 1080 O  O   . HOH M 5 .   ? -17.042 -11.507 -3.489  1.00 69.01  ? 318 HOH A O   1 
HETATM 1081 O  O   . HOH M 5 .   ? 5.653   -7.598  11.420  1.00 73.48  ? 319 HOH A O   1 
HETATM 1082 O  O   . HOH M 5 .   ? 18.202  4.292   1.244   1.00 63.61  ? 320 HOH A O   1 
HETATM 1083 O  O   . HOH M 5 .   ? 2.524   1.288   -16.405 1.00 53.90  ? 321 HOH A O   1 
HETATM 1084 O  O   . HOH M 5 .   ? -3.366  10.966  -4.764  1.00 41.71  ? 322 HOH A O   1 
HETATM 1085 O  O   . HOH M 5 .   ? 9.213   11.179  -7.000  1.00 64.61  ? 323 HOH A O   1 
HETATM 1086 O  O   . HOH M 5 .   ? 7.188   -11.935 -1.580  1.00 67.44  ? 324 HOH A O   1 
HETATM 1087 O  O   . HOH M 5 .   ? -9.923  0.391   -5.714  1.00 74.68  ? 325 HOH A O   1 
HETATM 1088 O  O   . HOH M 5 .   ? -4.548  -6.343  6.148   1.00 57.71  ? 326 HOH A O   1 
HETATM 1089 O  O   . HOH M 5 .   ? -2.839  -6.192  -12.453 1.00 37.41  ? 327 HOH A O   1 
HETATM 1090 O  O   . HOH M 5 .   ? 9.707   17.250  -3.096  1.00 85.08  ? 328 HOH A O   1 
HETATM 1091 O  O   . HOH M 5 .   ? -6.967  2.525   3.759   1.00 54.33  ? 329 HOH A O   1 
HETATM 1092 O  O   . HOH M 5 .   ? -0.614  -7.570  -13.812 1.00 41.18  ? 330 HOH A O   1 
HETATM 1093 O  O   . HOH M 5 .   ? -11.628 -23.545 -2.745  1.00 114.83 ? 331 HOH A O   1 
HETATM 1094 O  O   . HOH M 5 .   ? -9.584  10.084  9.086   1.00 93.79  ? 332 HOH A O   1 
HETATM 1095 O  O   . HOH M 5 .   ? -3.711  -15.491 -13.092 1.00 61.02  ? 333 HOH A O   1 
HETATM 1096 O  O   . HOH M 5 .   ? 2.744   -9.057  3.093   1.00 48.55  ? 334 HOH A O   1 
HETATM 1097 O  O   . HOH M 5 .   ? 9.860   8.878   13.643  1.00 81.31  ? 335 HOH A O   1 
HETATM 1098 O  O   . HOH M 5 .   ? 7.936   13.144  -8.137  1.00 47.83  ? 336 HOH A O   1 
HETATM 1099 O  O   . HOH M 5 .   ? 2.908   -7.535  0.692   1.00 37.03  ? 337 HOH A O   1 
HETATM 1100 O  O   . HOH M 5 .   ? -0.944  16.967  0.029   1.00 49.46  ? 338 HOH A O   1 
HETATM 1101 O  O   . HOH M 5 .   ? 17.648  5.586   -0.813  1.00 64.97  ? 339 HOH A O   1 
HETATM 1102 O  O   . HOH M 5 .   ? -11.954 -3.610  0.700   1.00 72.57  ? 340 HOH A O   1 
HETATM 1103 O  O   . HOH M 5 .   ? -11.934 0.858   2.523   1.00 67.34  ? 341 HOH A O   1 
HETATM 1104 O  O   . HOH M 5 .   ? 6.980   -13.745 -3.525  1.00 57.89  ? 342 HOH A O   1 
HETATM 1105 O  O   . HOH M 5 .   ? 5.637   -6.380  -11.553 1.00 34.50  ? 343 HOH A O   1 
HETATM 1106 O  O   . HOH M 5 .   ? -4.387  -13.203 -13.026 1.00 66.15  ? 344 HOH A O   1 
HETATM 1107 O  O   . HOH M 5 .   ? 2.143   6.968   15.333  1.00 86.40  ? 345 HOH A O   1 
HETATM 1108 O  O   . HOH M 5 .   ? -16.503 -14.530 2.903   1.00 90.80  ? 346 HOH A O   1 
HETATM 1109 O  O   . HOH M 5 .   ? -6.863  3.939   5.867   1.00 59.50  ? 347 HOH A O   1 
HETATM 1110 O  O   . HOH M 5 .   ? -3.429  -8.147  -10.329 1.00 48.22  ? 348 HOH A O   1 
HETATM 1111 O  O   . HOH M 5 .   ? 6.718   11.557  3.795   1.00 47.00  ? 349 HOH A O   1 
HETATM 1112 O  O   . HOH M 5 .   ? 2.281   -14.240 2.133   1.00 63.26  ? 350 HOH A O   1 
HETATM 1113 O  O   . HOH M 5 .   ? -2.390  21.527  4.805   1.00 76.96  ? 351 HOH A O   1 
HETATM 1114 O  O   . HOH M 5 .   ? 3.178   -3.358  5.603   1.00 55.07  ? 352 HOH A O   1 
HETATM 1115 O  O   . HOH M 5 .   ? -4.560  8.930   -5.689  1.00 43.79  ? 353 HOH A O   1 
HETATM 1116 O  O   . HOH M 5 .   ? 0.216   1.540   -15.475 1.00 48.74  ? 354 HOH A O   1 
HETATM 1117 O  O   . HOH M 5 .   ? -17.877 -8.700  -2.807  1.00 71.96  ? 355 HOH A O   1 
HETATM 1118 O  O   . HOH M 5 .   ? 12.546  4.553   7.962   1.00 72.27  ? 356 HOH A O   1 
HETATM 1119 O  O   . HOH M 5 .   ? 4.035   -9.670  6.541   1.00 83.29  ? 357 HOH A O   1 
HETATM 1120 O  O   . HOH M 5 .   ? -11.183 -0.576  -1.129  1.00 41.92  ? 358 HOH A O   1 
HETATM 1121 O  O   . HOH M 5 .   ? 7.819   7.692   -10.550 1.00 44.49  ? 359 HOH A O   1 
HETATM 1122 O  O   . HOH M 5 .   ? 0.844   8.400   16.120  1.00 55.61  ? 360 HOH A O   1 
HETATM 1123 O  O   . HOH M 5 .   ? 18.959  -3.675  8.688   1.00 63.92  ? 361 HOH A O   1 
HETATM 1124 O  O   . HOH M 5 .   ? -16.097 -10.157 -5.281  1.00 73.85  ? 362 HOH A O   1 
HETATM 1125 O  O   . HOH M 5 .   ? 8.169   -12.102 1.557   1.00 55.91  ? 363 HOH A O   1 
HETATM 1126 O  O   . HOH M 5 .   ? 0.539   -19.878 -2.557  1.00 77.16  ? 364 HOH A O   1 
HETATM 1127 O  O   . HOH M 5 .   ? -7.163  1.827   7.142   1.00 63.89  ? 365 HOH A O   1 
HETATM 1128 O  O   . HOH M 5 .   ? -12.959 -5.703  0.611   1.00 62.61  ? 366 HOH A O   1 
HETATM 1129 O  O   . HOH M 5 .   ? -11.240 2.666   4.425   1.00 74.02  ? 367 HOH A O   1 
HETATM 1130 O  O   . HOH M 5 .   ? 2.234   -6.481  6.566   1.00 81.13  ? 368 HOH A O   1 
HETATM 1131 O  O   . HOH M 5 .   ? 6.106   -12.249 1.380   1.00 56.29  ? 369 HOH A O   1 
HETATM 1132 O  O   . HOH M 5 .   ? 6.226   10.800  -11.165 1.00 75.95  ? 370 HOH A O   1 
HETATM 1133 O  O   . HOH M 5 .   ? 12.250  -7.943  -10.704 1.00 104.71 ? 371 HOH A O   1 
HETATM 1134 O  O   . HOH M 5 .   ? 3.474   14.559  12.440  1.00 80.29  ? 372 HOH A O   1 
HETATM 1135 O  O   . HOH M 5 .   ? 8.812   11.883  6.595   1.00 67.41  ? 373 HOH A O   1 
HETATM 1136 O  O   . HOH M 5 .   ? -1.487  1.542   -19.522 1.00 75.75  ? 374 HOH A O   1 
HETATM 1137 O  O   . HOH M 5 .   ? -7.535  -3.267  -20.039 1.00 61.51  ? 375 HOH A O   1 
HETATM 1138 O  O   . HOH M 5 .   ? 8.353   7.102   3.948   1.00 69.04  ? 376 HOH A O   1 
HETATM 1139 O  O   . HOH M 5 .   ? 1.341   13.688  11.139  1.00 109.77 ? 377 HOH A O   1 
HETATM 1140 O  O   . HOH M 5 .   ? -16.804 -7.227  -12.916 1.00 53.44  ? 378 HOH A O   1 
HETATM 1141 O  O   . HOH M 5 .   ? 9.186   5.840   4.054   1.00 57.70  ? 379 HOH A O   1 
HETATM 1142 O  O   . HOH M 5 .   ? -0.243  6.611   -14.811 1.00 67.06  ? 380 HOH A O   1 
HETATM 1143 O  O   . HOH M 5 .   ? -12.700 -0.930  0.803   1.00 92.98  ? 381 HOH A O   1 
HETATM 1144 O  O   . HOH M 5 .   ? 13.985  10.872  -5.097  1.00 71.16  ? 382 HOH A O   1 
HETATM 1145 O  O   . HOH M 5 .   ? 1.925   -8.064  5.186   1.00 62.81  ? 383 HOH A O   1 
HETATM 1146 O  O   . HOH M 5 .   ? -9.881  -0.254  -7.439  1.00 69.81  ? 384 HOH A O   1 
HETATM 1147 O  O   . HOH M 5 .   ? 14.191  9.115   1.316   1.00 70.39  ? 385 HOH A O   1 
HETATM 1148 O  O   . HOH M 5 .   ? 0.850   -4.657  6.378   1.00 65.00  ? 386 HOH A O   1 
HETATM 1149 O  O   . HOH M 5 .   ? -12.255 -0.073  -2.938  1.00 68.44  ? 387 HOH A O   1 
HETATM 1150 O  O   . HOH M 5 .   ? -3.080  -7.953  6.797   1.00 86.02  ? 388 HOH A O   1 
HETATM 1151 O  O   . HOH M 5 .   ? 2.799   -4.953  9.519   1.00 65.77  ? 389 HOH A O   1 
HETATM 1152 O  O   . HOH M 5 .   ? -2.870  -19.144 -5.115  1.00 59.07  ? 390 HOH A O   1 
# 
